data_4BQ5
#
_entry.id   4BQ5
#
_cell.length_a   69.030
_cell.length_b   116.170
_cell.length_c   207.970
_cell.angle_alpha   90.00
_cell.angle_beta   90.00
_cell.angle_gamma   90.00
#
_symmetry.space_group_name_H-M   'P 21 21 21'
#
loop_
_entity.id
_entity.type
_entity.pdbx_description
1 polymer B-AGARASE
2 branched 3,6-anhydro-alpha-L-galactopyranose-(1-3)-beta-D-galactopyranose
3 branched 3,6-anhydro-alpha-L-galactopyranose-(1-3)-beta-D-galactopyranose-(1-4)-3,6-anhydro-alpha-L-galactopyranose-(1-3)-beta-D-galactopyranose
4 non-polymer 3,6-anhydro-alpha-L-galactopyranose
5 non-polymer beta-D-galactopyranose
6 non-polymer GLYCEROL
7 non-polymer 'CALCIUM ION'
8 water water
#
_entity_poly.entity_id   1
_entity_poly.type   'polypeptide(L)'
_entity_poly.pdbx_seq_one_letter_code
;GSHMLFDFENDQVPSNIHFLNARASIETYTGINGEPSKGLKLAMQSKQHSYTGLAIVPEQPWDWSEFTSASLYFDIVSVG
DHSTQFYLDVTDQNGAVFTRSIDIPVGKMQSYYAKLSGHDLEVPDSGDVNDLNLASGLRSNPPTWTSDDRQFVWMWGVKN
LDLSGIAKISLSVQSAMHDKTVIIDNIRIQPNPPQDENFLVGLVDEFGQNAKVDYKGKIHSLEELHAARDVELAELDGKP
MPSRSKFGGWLAGPKLKATGYFRTEKINGKWMLVDPEGYPYFATGLDIIRLSNSSTMTGYDYDQATVAQRSADDVTPEDS
KGLMAVSEKSFATRHLASPTRAAMFNWLPDYDHPLANHYNYRRSAHSGPLKRGEAYSFYSANLERKYGETYPGSYLDKWR
EVTVDRMLNWGFTSLGNWTDPAYYDNNRIPFFANGWVIGDFKTVSSGADFWGAMPDVFDPEFKVRAMETARVVSEEIKNS
PWCVGVFIDNQKSFGRPDSDKAQYGIPIHTLGRPSEGVPTRQAFSKLLKAKYKTIAALNNAWGLKLSSWAEFDLGVDVKA
LPVTDTLRADYSMLLSAYADQYFKVVHGAVEHYMPNHLYLGARFPDWGMPMEVVKAAAKYADVVSYNSYKEGLPKQKWAF
LAELDKPSIIGEFHIGAMDHGSYHPGLIHAASQADRGEMYKDYMQSVIDNPYFVGAHWFQYMDSPLTGRAYDGENYNVGF
VDVTDTPYQEMVDAAKEVNAKIYTERLGSK
;
_entity_poly.pdbx_strand_id   A,B
#
# COMPACT_ATOMS: atom_id res chain seq x y z
N SER A 2 8.31 -15.04 28.81
CA SER A 2 7.46 -14.19 27.92
C SER A 2 8.21 -12.96 27.41
N HIS A 3 8.05 -12.64 26.12
CA HIS A 3 8.65 -11.45 25.51
C HIS A 3 7.59 -10.65 24.76
N MET A 4 7.13 -9.56 25.38
CA MET A 4 6.10 -8.71 24.82
C MET A 4 6.62 -7.75 23.73
N LEU A 5 5.93 -7.72 22.61
CA LEU A 5 6.30 -6.91 21.47
C LEU A 5 5.32 -5.77 21.38
N PHE A 6 4.02 -6.08 21.35
CA PHE A 6 2.96 -5.07 21.16
C PHE A 6 1.74 -5.35 22.04
N ASP A 7 1.60 -4.54 23.09
CA ASP A 7 0.39 -4.59 23.94
C ASP A 7 -0.53 -3.37 23.78
N PHE A 8 -0.05 -2.39 23.02
CA PHE A 8 -0.83 -1.22 22.67
C PHE A 8 -1.32 -0.41 23.87
N GLU A 9 -0.67 -0.56 25.02
CA GLU A 9 -1.18 0.10 26.22
C GLU A 9 -0.73 1.57 26.27
N ASN A 10 0.22 1.91 25.43
CA ASN A 10 0.63 3.30 25.19
C ASN A 10 -0.35 4.02 24.25
N ASP A 11 -1.38 3.33 23.77
CA ASP A 11 -2.45 3.96 22.97
C ASP A 11 -2.02 4.44 21.57
N GLN A 12 -0.86 4.01 21.08
CA GLN A 12 -0.40 4.39 19.75
C GLN A 12 -0.64 3.25 18.77
N VAL A 13 -0.96 3.60 17.53
CA VAL A 13 -0.79 2.71 16.39
C VAL A 13 0.68 2.87 16.04
N PRO A 14 1.49 1.79 16.20
CA PRO A 14 2.93 2.00 16.04
C PRO A 14 3.35 2.33 14.61
N SER A 15 4.32 3.22 14.50
CA SER A 15 4.84 3.68 13.22
C SER A 15 5.63 2.59 12.44
N ASN A 16 5.92 1.47 13.07
CA ASN A 16 6.57 0.40 12.31
C ASN A 16 5.60 -0.75 11.92
N ILE A 17 4.29 -0.52 12.10
CA ILE A 17 3.31 -1.38 11.45
C ILE A 17 2.77 -0.66 10.24
N HIS A 18 2.66 -1.39 9.13
CA HIS A 18 2.17 -0.85 7.87
C HIS A 18 0.86 -1.53 7.44
N PHE A 19 -0.08 -0.71 6.98
CA PHE A 19 -1.43 -1.14 6.63
C PHE A 19 -1.69 -0.98 5.15
N LEU A 20 -2.37 -1.95 4.57
CA LEU A 20 -2.68 -1.86 3.15
C LEU A 20 -4.15 -2.18 2.97
N ASN A 21 -4.85 -1.21 2.36
CA ASN A 21 -6.30 -1.25 2.17
C ASN A 21 -6.99 -1.61 3.50
N ALA A 22 -6.52 -1.00 4.58
CA ALA A 22 -7.04 -1.26 5.93
C ALA A 22 -6.88 -0.03 6.79
N ARG A 23 -7.79 0.12 7.74
CA ARG A 23 -7.77 1.21 8.71
C ARG A 23 -7.43 0.70 10.10
N ALA A 24 -6.49 1.37 10.77
CA ALA A 24 -6.12 0.99 12.11
C ALA A 24 -6.55 2.07 13.09
N SER A 25 -6.86 1.64 14.30
CA SER A 25 -7.10 2.55 15.43
C SER A 25 -6.90 1.75 16.71
N ILE A 26 -6.85 2.46 17.83
CA ILE A 26 -6.75 1.80 19.12
C ILE A 26 -8.09 1.98 19.81
N GLU A 27 -8.51 0.94 20.53
CA GLU A 27 -9.81 0.89 21.15
C GLU A 27 -9.66 0.12 22.43
N THR A 28 -10.53 0.41 23.36
CA THR A 28 -10.69 -0.43 24.52
C THR A 28 -11.58 -1.64 24.20
N TYR A 29 -11.15 -2.82 24.66
CA TYR A 29 -11.96 -4.02 24.50
C TYR A 29 -11.80 -4.90 25.76
N THR A 30 -12.57 -5.99 25.84
CA THR A 30 -12.52 -6.88 26.97
C THR A 30 -11.51 -7.99 26.65
N GLY A 31 -10.38 -8.01 27.36
CA GLY A 31 -9.30 -8.97 27.08
C GLY A 31 -9.62 -10.42 27.43
N ILE A 32 -8.81 -11.37 26.96
CA ILE A 32 -9.03 -12.75 27.30
C ILE A 32 -9.27 -12.89 28.81
N ASN A 33 -8.36 -12.35 29.65
CA ASN A 33 -8.45 -12.42 31.12
C ASN A 33 -9.68 -11.73 31.78
N GLY A 34 -10.40 -10.90 31.03
CA GLY A 34 -11.64 -10.34 31.53
C GLY A 34 -11.54 -8.85 31.73
N GLU A 35 -10.32 -8.34 31.78
CA GLU A 35 -10.09 -6.90 31.97
C GLU A 35 -10.21 -6.13 30.66
N PRO A 36 -10.70 -4.89 30.74
CA PRO A 36 -10.53 -3.91 29.68
C PRO A 36 -9.05 -3.69 29.33
N SER A 37 -8.70 -3.89 28.08
CA SER A 37 -7.35 -3.61 27.59
C SER A 37 -7.42 -2.70 26.34
N LYS A 38 -6.32 -2.02 26.03
CA LYS A 38 -6.18 -1.41 24.71
C LYS A 38 -5.83 -2.46 23.61
N GLY A 39 -6.45 -2.29 22.45
CA GLY A 39 -6.18 -3.19 21.36
C GLY A 39 -6.06 -2.47 20.04
N LEU A 40 -5.43 -3.13 19.07
CA LEU A 40 -5.43 -2.66 17.67
C LEU A 40 -6.60 -3.27 16.90
N LYS A 41 -7.56 -2.40 16.57
CA LYS A 41 -8.72 -2.76 15.77
C LYS A 41 -8.31 -2.59 14.33
N LEU A 42 -8.52 -3.63 13.51
CA LEU A 42 -8.09 -3.59 12.11
C LEU A 42 -9.29 -3.77 11.17
N ALA A 43 -9.63 -2.68 10.49
CA ALA A 43 -10.81 -2.66 9.60
C ALA A 43 -10.35 -2.80 8.16
N MET A 44 -10.33 -4.03 7.68
CA MET A 44 -9.91 -4.30 6.32
C MET A 44 -11.02 -4.07 5.27
N GLN A 45 -10.69 -3.21 4.30
CA GLN A 45 -11.53 -2.93 3.12
C GLN A 45 -11.41 -4.09 2.13
N SER A 46 -11.77 -5.28 2.61
CA SER A 46 -11.47 -6.48 1.89
C SER A 46 -12.58 -6.88 0.89
N LYS A 47 -13.66 -6.12 0.87
CA LYS A 47 -14.67 -6.33 -0.16
C LYS A 47 -14.22 -5.69 -1.46
N GLN A 48 -13.85 -4.41 -1.38
CA GLN A 48 -13.32 -3.66 -2.52
C GLN A 48 -11.91 -4.10 -2.96
N HIS A 49 -11.02 -4.44 -2.02
CA HIS A 49 -9.66 -4.80 -2.40
C HIS A 49 -9.31 -6.25 -2.14
N SER A 50 -8.67 -6.88 -3.11
CA SER A 50 -8.38 -8.30 -2.99
C SER A 50 -7.18 -8.63 -2.09
N TYR A 51 -6.35 -7.64 -1.82
CA TYR A 51 -5.34 -7.84 -0.77
C TYR A 51 -5.46 -6.75 0.27
N THR A 52 -5.62 -7.18 1.53
CA THR A 52 -5.63 -6.31 2.71
C THR A 52 -4.85 -6.89 3.90
N GLY A 53 -4.35 -5.99 4.77
CA GLY A 53 -3.90 -6.40 6.09
C GLY A 53 -2.88 -5.45 6.69
N LEU A 54 -2.03 -6.02 7.52
CA LEU A 54 -0.94 -5.25 8.14
C LEU A 54 0.35 -6.03 8.03
N ALA A 55 1.45 -5.30 8.05
CA ALA A 55 2.77 -5.87 8.07
C ALA A 55 3.63 -5.09 9.05
N ILE A 56 4.15 -5.79 10.06
CA ILE A 56 5.12 -5.18 10.99
C ILE A 56 6.54 -5.42 10.48
N VAL A 57 7.24 -4.30 10.25
CA VAL A 57 8.56 -4.24 9.67
C VAL A 57 9.41 -3.37 10.61
N PRO A 58 10.20 -3.98 11.52
CA PRO A 58 11.06 -3.18 12.39
C PRO A 58 12.16 -2.45 11.63
N GLU A 59 12.64 -1.35 12.22
CA GLU A 59 13.79 -0.56 11.72
C GLU A 59 14.91 -1.49 11.31
N GLN A 60 15.23 -2.43 12.20
CA GLN A 60 16.24 -3.45 11.95
C GLN A 60 15.59 -4.80 12.18
N PRO A 61 15.99 -5.81 11.41
CA PRO A 61 15.42 -7.11 11.70
C PRO A 61 15.59 -7.46 13.17
N TRP A 62 14.56 -8.07 13.78
CA TRP A 62 14.65 -8.60 15.12
C TRP A 62 15.62 -9.74 15.16
N ASP A 63 16.42 -9.76 16.21
CA ASP A 63 17.30 -10.87 16.50
C ASP A 63 16.66 -11.72 17.59
N TRP A 64 16.12 -12.87 17.20
CA TRP A 64 15.48 -13.78 18.12
C TRP A 64 16.22 -15.10 18.27
N SER A 65 17.50 -15.09 17.91
CA SER A 65 18.27 -16.33 17.80
C SER A 65 18.42 -17.11 19.10
N GLU A 66 18.30 -16.43 20.25
CA GLU A 66 18.30 -17.08 21.57
C GLU A 66 17.09 -17.97 21.78
N PHE A 67 16.03 -17.73 21.01
CA PHE A 67 14.80 -18.46 21.19
C PHE A 67 14.82 -19.76 20.40
N THR A 68 15.50 -20.79 20.90
CA THR A 68 15.63 -22.03 20.12
C THR A 68 14.43 -22.99 20.25
N SER A 69 13.48 -22.63 21.11
CA SER A 69 12.22 -23.35 21.21
C SER A 69 11.10 -22.35 21.59
N ALA A 70 10.56 -21.70 20.58
CA ALA A 70 9.65 -20.60 20.89
C ALA A 70 8.56 -20.44 19.86
N SER A 71 7.44 -19.88 20.31
CA SER A 71 6.34 -19.46 19.44
C SER A 71 6.04 -17.95 19.50
N LEU A 72 5.54 -17.45 18.37
CA LEU A 72 5.01 -16.09 18.29
C LEU A 72 3.51 -16.16 18.55
N TYR A 73 3.04 -15.43 19.57
CA TYR A 73 1.61 -15.39 19.98
C TYR A 73 0.91 -14.09 19.60
N PHE A 74 -0.38 -14.20 19.24
CA PHE A 74 -1.31 -13.05 19.06
C PHE A 74 -2.66 -13.36 19.70
N ASP A 75 -3.22 -12.37 20.39
CA ASP A 75 -4.65 -12.36 20.75
C ASP A 75 -5.47 -11.74 19.64
N ILE A 76 -6.48 -12.47 19.17
CA ILE A 76 -7.32 -12.02 18.04
C ILE A 76 -8.77 -12.45 18.16
N VAL A 77 -9.67 -11.54 17.75
CA VAL A 77 -11.07 -11.89 17.61
C VAL A 77 -11.64 -11.16 16.38
N SER A 78 -12.65 -11.74 15.72
CA SER A 78 -13.36 -11.01 14.66
C SER A 78 -14.53 -10.18 15.21
N VAL A 79 -14.72 -8.98 14.67
CA VAL A 79 -15.86 -8.15 15.03
C VAL A 79 -16.84 -8.00 13.87
N GLY A 80 -18.13 -8.15 14.14
CA GLY A 80 -19.15 -7.92 13.14
C GLY A 80 -19.79 -9.21 12.70
N ASP A 81 -20.05 -9.32 11.41
CA ASP A 81 -20.83 -10.43 10.93
C ASP A 81 -20.01 -11.61 10.41
N HIS A 82 -18.73 -11.40 10.13
CA HIS A 82 -17.99 -12.45 9.44
C HIS A 82 -16.73 -12.92 10.17
N SER A 83 -16.50 -14.25 10.12
CA SER A 83 -15.23 -14.82 10.57
C SER A 83 -14.12 -14.36 9.64
N THR A 84 -12.86 -14.40 10.09
CA THR A 84 -11.77 -13.94 9.26
C THR A 84 -10.76 -15.03 9.10
N GLN A 85 -10.36 -15.32 7.86
CA GLN A 85 -9.20 -16.16 7.61
C GLN A 85 -7.99 -15.26 7.46
N PHE A 86 -7.09 -15.33 8.42
CA PHE A 86 -5.85 -14.63 8.34
C PHE A 86 -4.78 -15.52 7.71
N TYR A 87 -3.98 -14.93 6.84
CA TYR A 87 -2.71 -15.55 6.43
C TYR A 87 -1.60 -14.85 7.18
N LEU A 88 -0.78 -15.67 7.85
CA LEU A 88 0.45 -15.20 8.47
C LEU A 88 1.72 -15.56 7.64
N ASP A 89 2.39 -14.49 7.19
CA ASP A 89 3.65 -14.61 6.43
C ASP A 89 4.76 -13.97 7.27
N VAL A 90 5.76 -14.79 7.64
CA VAL A 90 6.93 -14.36 8.45
C VAL A 90 8.22 -14.42 7.61
N THR A 91 8.86 -13.25 7.41
CA THR A 91 10.00 -13.08 6.50
C THR A 91 11.29 -12.89 7.29
N ASP A 92 12.35 -13.67 6.99
CA ASP A 92 13.65 -13.39 7.59
C ASP A 92 14.51 -12.42 6.74
N GLN A 93 15.72 -12.11 7.21
CA GLN A 93 16.58 -11.17 6.47
C GLN A 93 17.10 -11.75 5.17
N ASN A 94 16.97 -13.06 4.95
CA ASN A 94 17.45 -13.67 3.71
C ASN A 94 16.38 -13.83 2.63
N GLY A 95 15.16 -13.35 2.92
CA GLY A 95 14.03 -13.52 1.99
C GLY A 95 13.39 -14.89 2.10
N ALA A 96 13.74 -15.68 3.12
CA ALA A 96 12.94 -16.86 3.43
C ALA A 96 11.68 -16.44 4.19
N VAL A 97 10.55 -17.05 3.81
CA VAL A 97 9.28 -16.79 4.45
C VAL A 97 8.51 -18.10 4.71
N PHE A 98 7.73 -18.15 5.79
CA PHE A 98 6.74 -19.22 5.95
C PHE A 98 5.35 -18.62 6.02
N THR A 99 4.38 -19.45 5.61
CA THR A 99 2.98 -19.09 5.56
C THR A 99 2.16 -20.07 6.40
N ARG A 100 1.56 -19.53 7.45
CA ARG A 100 0.50 -20.23 8.14
C ARG A 100 -0.83 -19.44 8.03
N SER A 101 -1.93 -20.14 8.33
CA SER A 101 -3.27 -19.58 8.24
C SER A 101 -4.20 -20.15 9.31
N ILE A 102 -5.16 -19.34 9.74
CA ILE A 102 -6.23 -19.82 10.63
C ILE A 102 -7.53 -19.04 10.47
N ASP A 103 -8.64 -19.57 10.97
CA ASP A 103 -9.91 -18.85 11.03
C ASP A 103 -9.93 -18.07 12.34
N ILE A 104 -10.45 -16.83 12.32
CA ILE A 104 -10.66 -16.07 13.56
C ILE A 104 -12.16 -15.83 13.79
N PRO A 105 -12.80 -16.62 14.67
CA PRO A 105 -14.25 -16.41 14.80
C PRO A 105 -14.63 -15.04 15.39
N VAL A 106 -15.92 -14.68 15.30
CA VAL A 106 -16.52 -13.58 16.05
C VAL A 106 -16.74 -14.06 17.49
N GLY A 107 -16.90 -13.13 18.41
CA GLY A 107 -17.23 -13.48 19.81
C GLY A 107 -16.09 -13.55 20.83
N LYS A 108 -15.69 -14.75 21.16
CA LYS A 108 -14.76 -14.96 22.24
C LYS A 108 -13.37 -14.69 21.73
N MET A 109 -12.60 -13.80 22.38
CA MET A 109 -11.21 -13.66 21.99
C MET A 109 -10.29 -14.81 22.43
N GLN A 110 -9.34 -15.19 21.58
CA GLN A 110 -8.46 -16.30 21.86
C GLN A 110 -7.02 -15.91 21.55
N SER A 111 -6.08 -16.72 22.04
CA SER A 111 -4.66 -16.58 21.75
C SER A 111 -4.23 -17.58 20.68
N TYR A 112 -3.41 -17.06 19.76
CA TYR A 112 -2.99 -17.79 18.57
C TYR A 112 -1.48 -17.80 18.54
N TYR A 113 -0.91 -18.91 18.07
CA TYR A 113 0.53 -19.08 18.04
C TYR A 113 1.07 -19.78 16.80
N ALA A 114 2.24 -19.30 16.40
CA ALA A 114 2.99 -19.86 15.30
C ALA A 114 4.40 -20.14 15.81
N LYS A 115 4.81 -21.39 15.67
CA LYS A 115 6.15 -21.81 16.06
C LYS A 115 7.24 -21.02 15.31
N LEU A 116 8.23 -20.52 16.05
CA LEU A 116 9.42 -19.99 15.41
C LEU A 116 10.54 -21.02 15.34
N SER A 117 10.47 -22.08 16.17
CA SER A 117 11.57 -23.04 16.37
C SER A 117 11.14 -24.15 17.35
N GLY A 118 11.90 -25.25 17.40
CA GLY A 118 11.65 -26.35 18.36
C GLY A 118 10.52 -27.29 17.94
N HIS A 119 10.34 -28.39 18.68
CA HIS A 119 9.27 -29.38 18.48
C HIS A 119 9.23 -29.96 17.06
N ASP A 120 8.08 -29.87 16.38
CA ASP A 120 7.94 -30.45 15.03
C ASP A 120 8.53 -29.58 13.90
N LEU A 121 9.33 -28.59 14.29
CA LEU A 121 10.12 -27.82 13.31
C LEU A 121 11.55 -28.36 13.26
N GLU A 122 12.04 -28.82 14.42
CA GLU A 122 13.43 -29.24 14.65
C GLU A 122 13.95 -30.24 13.60
N VAL A 123 13.15 -31.28 13.28
CA VAL A 123 13.24 -32.01 11.99
C VAL A 123 11.90 -31.81 11.25
N PRO A 124 11.90 -30.95 10.20
CA PRO A 124 10.70 -30.36 9.61
C PRO A 124 9.94 -31.23 8.59
N ASP A 125 10.68 -31.91 7.70
CA ASP A 125 10.12 -32.75 6.63
C ASP A 125 11.10 -33.89 6.26
N SER A 126 10.99 -34.38 5.02
CA SER A 126 11.86 -35.46 4.53
C SER A 126 13.20 -34.96 3.92
N GLY A 127 13.40 -33.65 3.93
CA GLY A 127 14.56 -33.05 3.27
C GLY A 127 14.23 -32.45 1.91
N ASP A 128 13.20 -33.00 1.25
CA ASP A 128 12.77 -32.63 -0.13
C ASP A 128 12.09 -31.25 -0.26
N VAL A 129 12.51 -30.47 -1.27
CA VAL A 129 12.04 -29.08 -1.44
C VAL A 129 10.54 -29.01 -1.76
N ASN A 130 10.04 -30.02 -2.48
CA ASN A 130 8.63 -30.09 -2.86
C ASN A 130 7.68 -30.60 -1.76
N ASP A 131 8.24 -30.99 -0.61
CA ASP A 131 7.45 -31.42 0.55
C ASP A 131 6.92 -30.23 1.38
N LEU A 132 5.59 -30.03 1.32
CA LEU A 132 4.94 -28.98 2.13
C LEU A 132 4.56 -29.49 3.52
N ASN A 133 4.40 -30.81 3.65
CA ASN A 133 4.04 -31.43 4.92
C ASN A 133 5.14 -31.35 6.01
N LEU A 134 4.73 -31.62 7.25
CA LEU A 134 5.66 -31.78 8.34
C LEU A 134 6.21 -33.26 8.31
N ALA A 135 7.22 -33.58 9.12
CA ALA A 135 7.94 -34.85 8.97
C ALA A 135 7.05 -36.09 9.19
N SER A 136 5.99 -35.91 9.97
CA SER A 136 4.88 -36.85 10.12
C SER A 136 4.10 -37.27 8.85
N GLY A 137 4.24 -36.53 7.75
CA GLY A 137 3.46 -36.81 6.54
C GLY A 137 2.06 -36.22 6.61
N LEU A 138 1.83 -35.34 7.59
CA LEU A 138 0.60 -34.54 7.65
C LEU A 138 0.87 -33.11 7.19
N ARG A 139 -0.07 -32.51 6.48
CA ARG A 139 0.12 -31.14 6.08
C ARG A 139 0.23 -30.21 7.30
N SER A 140 -0.51 -30.47 8.35
CA SER A 140 -0.34 -29.74 9.60
C SER A 140 -0.67 -30.70 10.69
N ASN A 141 0.16 -30.69 11.73
CA ASN A 141 0.13 -31.69 12.78
C ASN A 141 -0.84 -31.28 13.86
N PRO A 142 -1.20 -32.22 14.74
CA PRO A 142 -1.81 -31.82 16.00
C PRO A 142 -0.81 -31.00 16.86
N PRO A 143 -1.32 -30.20 17.82
CA PRO A 143 -0.43 -29.48 18.73
C PRO A 143 0.56 -30.41 19.42
N THR A 144 1.76 -29.90 19.69
CA THR A 144 2.80 -30.64 20.42
C THR A 144 2.77 -30.36 21.95
N TRP A 145 1.72 -29.69 22.40
CA TRP A 145 1.40 -29.53 23.80
C TRP A 145 -0.05 -29.14 23.90
N THR A 146 -0.61 -29.34 25.08
CA THR A 146 -2.01 -29.05 25.32
C THR A 146 -2.16 -27.68 25.94
N SER A 147 -3.06 -26.90 25.37
CA SER A 147 -3.40 -25.61 25.92
C SER A 147 -4.71 -25.24 25.29
N ASP A 148 -5.36 -24.22 25.83
CA ASP A 148 -6.54 -23.63 25.23
C ASP A 148 -6.21 -22.73 24.01
N ASP A 149 -4.94 -22.36 23.86
CA ASP A 149 -4.45 -21.60 22.70
C ASP A 149 -4.56 -22.37 21.38
N ARG A 150 -4.61 -21.62 20.29
CA ARG A 150 -4.90 -22.18 18.98
C ARG A 150 -3.66 -22.06 18.11
N GLN A 151 -3.21 -23.19 17.57
CA GLN A 151 -2.05 -23.23 16.68
C GLN A 151 -2.45 -22.84 15.26
N PHE A 152 -1.79 -21.81 14.73
CA PHE A 152 -1.85 -21.39 13.32
C PHE A 152 -1.44 -22.58 12.47
N VAL A 153 -2.25 -22.89 11.46
CA VAL A 153 -2.15 -24.11 10.65
C VAL A 153 -1.08 -23.94 9.57
N TRP A 154 -0.19 -24.93 9.48
CA TRP A 154 0.79 -24.98 8.39
C TRP A 154 0.16 -25.01 6.99
N MET A 155 0.67 -24.13 6.12
CA MET A 155 0.33 -24.09 4.72
C MET A 155 1.57 -24.41 3.84
N TRP A 156 2.53 -23.50 3.76
CA TRP A 156 3.75 -23.70 2.92
C TRP A 156 4.88 -22.77 3.39
N GLY A 157 6.09 -23.03 2.84
CA GLY A 157 7.24 -22.14 2.99
C GLY A 157 8.37 -22.82 3.75
N VAL A 158 9.29 -22.02 4.26
CA VAL A 158 10.42 -22.54 5.02
C VAL A 158 10.00 -22.77 6.49
N LYS A 159 10.28 -23.96 7.01
CA LYS A 159 10.00 -24.26 8.42
C LYS A 159 10.96 -23.56 9.40
N ASN A 160 12.26 -23.59 9.12
CA ASN A 160 13.29 -22.96 9.98
C ASN A 160 13.90 -21.74 9.32
N LEU A 161 13.30 -20.59 9.65
CA LEU A 161 13.79 -19.26 9.30
C LEU A 161 15.06 -18.92 10.05
N ASP A 162 15.77 -17.91 9.55
CA ASP A 162 16.95 -17.39 10.24
C ASP A 162 16.47 -16.49 11.39
N LEU A 163 16.44 -17.06 12.60
CA LEU A 163 16.01 -16.31 13.78
C LEU A 163 16.90 -15.13 14.19
N SER A 164 18.09 -14.97 13.61
N SER A 164 18.08 -14.97 13.58
CA SER A 164 18.92 -13.79 13.92
CA SER A 164 18.95 -13.83 13.87
C SER A 164 18.36 -12.54 13.26
C SER A 164 18.62 -12.60 13.02
N GLY A 165 17.57 -12.71 12.21
CA GLY A 165 17.03 -11.56 11.48
C GLY A 165 15.63 -11.83 10.97
N ILE A 166 14.62 -11.61 11.82
CA ILE A 166 13.23 -11.63 11.37
C ILE A 166 12.83 -10.22 10.90
N ALA A 167 12.51 -10.12 9.60
CA ALA A 167 12.37 -8.85 8.93
C ALA A 167 10.94 -8.33 8.81
N LYS A 168 9.98 -9.25 8.78
CA LYS A 168 8.60 -8.84 8.54
C LYS A 168 7.66 -9.93 9.04
N ILE A 169 6.62 -9.47 9.74
CA ILE A 169 5.51 -10.28 10.17
C ILE A 169 4.25 -9.69 9.53
N SER A 170 3.53 -10.52 8.79
CA SER A 170 2.36 -9.97 8.10
C SER A 170 1.07 -10.81 8.29
N LEU A 171 -0.05 -10.11 8.52
CA LEU A 171 -1.37 -10.73 8.65
C LEU A 171 -2.28 -10.17 7.59
N SER A 172 -2.74 -11.03 6.69
CA SER A 172 -3.52 -10.56 5.57
C SER A 172 -4.85 -11.27 5.34
N VAL A 173 -5.82 -10.52 4.80
CA VAL A 173 -7.11 -11.06 4.34
C VAL A 173 -7.16 -10.96 2.80
N GLN A 174 -7.32 -12.11 2.16
CA GLN A 174 -7.16 -12.19 0.71
C GLN A 174 -8.39 -12.62 -0.02
N SER A 175 -8.71 -11.88 -1.08
CA SER A 175 -9.86 -12.26 -1.96
C SER A 175 -11.12 -12.55 -1.14
N ALA A 176 -11.55 -11.57 -0.31
CA ALA A 176 -12.76 -11.73 0.53
C ALA A 176 -13.95 -11.18 -0.24
N MET A 177 -15.15 -11.60 0.14
CA MET A 177 -16.38 -11.14 -0.48
C MET A 177 -17.00 -10.04 0.38
N HIS A 178 -16.47 -9.89 1.60
CA HIS A 178 -17.00 -8.95 2.59
C HIS A 178 -15.84 -8.29 3.27
N ASP A 179 -16.09 -7.09 3.79
CA ASP A 179 -15.17 -6.37 4.65
C ASP A 179 -14.95 -7.13 5.95
N LYS A 180 -13.70 -7.26 6.38
CA LYS A 180 -13.34 -7.97 7.62
C LYS A 180 -12.72 -7.04 8.68
N THR A 181 -13.11 -7.23 9.93
CA THR A 181 -12.68 -6.39 11.03
C THR A 181 -12.30 -7.29 12.19
N VAL A 182 -11.12 -7.04 12.76
CA VAL A 182 -10.62 -7.82 13.89
C VAL A 182 -10.03 -6.91 14.97
N ILE A 183 -9.84 -7.45 16.17
CA ILE A 183 -9.03 -6.75 17.18
C ILE A 183 -7.86 -7.64 17.55
N ILE A 184 -6.67 -7.03 17.52
CA ILE A 184 -5.40 -7.69 17.84
C ILE A 184 -4.79 -7.06 19.09
N ASP A 185 -4.24 -7.92 19.96
CA ASP A 185 -3.53 -7.51 21.18
C ASP A 185 -2.48 -8.52 21.64
N ASN A 186 -1.48 -7.98 22.35
CA ASN A 186 -0.51 -8.77 23.10
C ASN A 186 0.32 -9.64 22.18
N ILE A 187 0.86 -9.00 21.14
CA ILE A 187 1.76 -9.68 20.23
C ILE A 187 3.02 -9.91 21.07
N ARG A 188 3.44 -11.17 21.19
CA ARG A 188 4.54 -11.55 22.11
C ARG A 188 5.28 -12.84 21.66
N ILE A 189 6.47 -13.08 22.21
CA ILE A 189 7.15 -14.39 22.13
C ILE A 189 7.07 -15.18 23.44
N GLN A 190 6.68 -16.44 23.36
CA GLN A 190 6.72 -17.33 24.52
C GLN A 190 7.53 -18.60 24.22
N PRO A 191 8.49 -18.93 25.11
CA PRO A 191 9.15 -20.24 25.00
C PRO A 191 8.10 -21.32 24.96
N ASN A 192 8.32 -22.35 24.15
CA ASN A 192 7.39 -23.48 24.11
C ASN A 192 7.45 -24.26 25.42
N PRO A 193 6.29 -24.75 25.88
CA PRO A 193 6.37 -25.65 26.99
C PRO A 193 7.01 -26.92 26.48
N PRO A 194 7.27 -27.89 27.39
CA PRO A 194 7.85 -29.18 27.02
C PRO A 194 7.00 -29.94 26.02
N GLN A 195 7.65 -30.56 25.03
CA GLN A 195 6.98 -31.24 23.94
C GLN A 195 6.29 -32.56 24.38
N ASP A 196 5.00 -32.73 24.07
CA ASP A 196 4.29 -34.00 24.33
C ASP A 196 4.80 -35.07 23.36
N GLU A 197 5.59 -36.00 23.89
CA GLU A 197 6.20 -36.97 23.02
C GLU A 197 5.20 -38.00 22.50
N ASN A 198 3.94 -37.94 22.93
CA ASN A 198 2.86 -38.75 22.35
C ASN A 198 1.96 -38.00 21.35
N PHE A 199 2.38 -36.80 20.93
CA PHE A 199 1.55 -35.97 20.10
C PHE A 199 1.16 -36.64 18.78
N LEU A 200 2.06 -37.41 18.18
CA LEU A 200 1.72 -38.20 17.00
C LEU A 200 1.25 -39.64 17.32
N VAL A 201 1.15 -39.96 18.63
CA VAL A 201 0.80 -41.32 19.09
C VAL A 201 -0.71 -41.54 19.36
N GLY A 202 -1.31 -42.48 18.62
CA GLY A 202 -2.72 -42.83 18.78
C GLY A 202 -3.66 -41.71 18.36
N LEU A 203 -3.51 -41.29 17.11
CA LEU A 203 -4.35 -40.24 16.52
C LEU A 203 -5.69 -40.78 16.04
N VAL A 204 -5.66 -41.99 15.50
CA VAL A 204 -6.80 -42.56 14.78
C VAL A 204 -7.42 -43.71 15.52
N ASP A 205 -8.73 -43.66 15.66
CA ASP A 205 -9.54 -44.77 16.17
C ASP A 205 -9.99 -45.74 15.05
N GLU A 206 -10.72 -46.79 15.40
CA GLU A 206 -10.97 -47.87 14.45
C GLU A 206 -11.86 -47.45 13.26
N PHE A 207 -12.55 -46.30 13.42
CA PHE A 207 -13.41 -45.71 12.39
C PHE A 207 -12.68 -44.64 11.54
N GLY A 208 -11.41 -44.42 11.84
CA GLY A 208 -10.65 -43.38 11.16
C GLY A 208 -10.83 -41.97 11.70
N GLN A 209 -11.46 -41.82 12.88
CA GLN A 209 -11.71 -40.49 13.48
C GLN A 209 -10.61 -39.99 14.43
N ASN A 210 -10.63 -38.69 14.72
CA ASN A 210 -9.70 -38.13 15.72
C ASN A 210 -9.91 -38.81 17.06
N ALA A 211 -8.96 -39.65 17.47
CA ALA A 211 -9.18 -40.51 18.66
C ALA A 211 -9.15 -39.75 20.00
N LYS A 212 -8.54 -38.57 20.05
CA LYS A 212 -8.28 -37.95 21.34
C LYS A 212 -9.27 -36.87 21.65
N VAL A 213 -10.17 -36.63 20.70
CA VAL A 213 -11.13 -35.54 20.74
C VAL A 213 -12.52 -36.12 20.50
N ASP A 214 -13.41 -35.85 21.45
CA ASP A 214 -14.81 -36.09 21.26
C ASP A 214 -15.35 -34.78 20.72
N TYR A 215 -16.15 -34.85 19.67
CA TYR A 215 -16.73 -33.68 19.06
C TYR A 215 -18.14 -34.01 18.63
N LYS A 216 -18.94 -32.96 18.43
CA LYS A 216 -20.34 -33.11 18.12
C LYS A 216 -20.43 -33.80 16.77
N GLY A 217 -21.11 -34.95 16.81
CA GLY A 217 -21.27 -35.77 15.63
C GLY A 217 -20.32 -36.96 15.57
N LYS A 218 -19.37 -37.04 16.51
CA LYS A 218 -18.42 -38.15 16.47
C LYS A 218 -19.12 -39.51 16.69
N ILE A 219 -18.63 -40.54 16.01
CA ILE A 219 -19.16 -41.91 16.14
C ILE A 219 -18.44 -42.71 17.24
N HIS A 220 -19.19 -43.34 18.12
CA HIS A 220 -18.62 -44.05 19.25
C HIS A 220 -18.80 -45.55 19.21
N SER A 221 -19.77 -46.03 18.41
CA SER A 221 -19.92 -47.46 18.22
C SER A 221 -20.60 -47.80 16.90
N LEU A 222 -20.49 -49.06 16.49
CA LEU A 222 -21.18 -49.58 15.31
C LEU A 222 -22.68 -49.23 15.29
N GLU A 223 -23.30 -49.29 16.46
CA GLU A 223 -24.71 -48.98 16.57
C GLU A 223 -25.05 -47.53 16.20
N GLU A 224 -24.25 -46.56 16.65
CA GLU A 224 -24.47 -45.16 16.23
C GLU A 224 -24.28 -44.99 14.71
N LEU A 225 -23.30 -45.70 14.14
CA LEU A 225 -23.13 -45.72 12.68
C LEU A 225 -24.37 -46.20 11.89
N HIS A 226 -24.99 -47.31 12.32
CA HIS A 226 -26.27 -47.77 11.73
C HIS A 226 -27.46 -46.83 11.93
N ALA A 227 -27.51 -46.16 13.08
CA ALA A 227 -28.64 -45.28 13.36
C ALA A 227 -28.55 -44.01 12.51
N ALA A 228 -27.33 -43.56 12.26
CA ALA A 228 -27.12 -42.43 11.37
C ALA A 228 -27.39 -42.88 9.92
N ARG A 229 -26.85 -44.03 9.54
CA ARG A 229 -27.20 -44.63 8.27
C ARG A 229 -28.72 -44.69 8.04
N ASP A 230 -29.45 -45.21 9.03
CA ASP A 230 -30.89 -45.48 8.89
C ASP A 230 -31.72 -44.23 8.83
N VAL A 231 -31.36 -43.22 9.61
CA VAL A 231 -32.04 -41.94 9.48
C VAL A 231 -31.89 -41.41 8.05
N GLU A 232 -30.71 -41.58 7.45
CA GLU A 232 -30.47 -41.09 6.10
C GLU A 232 -31.10 -41.94 5.01
N LEU A 233 -30.91 -43.24 5.06
CA LEU A 233 -31.55 -44.09 4.05
C LEU A 233 -33.08 -43.87 4.04
N ALA A 234 -33.67 -43.49 5.18
CA ALA A 234 -35.10 -43.16 5.25
C ALA A 234 -35.45 -41.88 4.51
N GLU A 235 -34.53 -40.93 4.44
CA GLU A 235 -34.78 -39.65 3.79
C GLU A 235 -34.51 -39.64 2.27
N LEU A 236 -33.91 -40.71 1.74
CA LEU A 236 -33.44 -40.75 0.35
C LEU A 236 -34.33 -41.57 -0.59
N ASP A 237 -34.95 -40.89 -1.55
CA ASP A 237 -35.97 -41.52 -2.40
C ASP A 237 -35.61 -41.50 -3.89
N GLY A 238 -34.62 -40.68 -4.24
CA GLY A 238 -34.15 -40.58 -5.61
C GLY A 238 -34.90 -39.53 -6.43
N LYS A 239 -35.81 -38.82 -5.78
CA LYS A 239 -36.51 -37.74 -6.45
C LYS A 239 -35.59 -36.46 -6.51
N PRO A 240 -35.40 -35.90 -7.72
CA PRO A 240 -34.63 -34.66 -7.87
C PRO A 240 -35.47 -33.48 -7.43
N MET A 241 -34.82 -32.35 -7.16
CA MET A 241 -35.50 -31.06 -6.92
C MET A 241 -36.48 -30.81 -8.07
N PRO A 242 -37.51 -29.99 -7.85
CA PRO A 242 -38.33 -29.67 -9.03
C PRO A 242 -37.71 -28.47 -9.76
N SER A 243 -38.17 -28.12 -10.95
CA SER A 243 -38.73 -29.05 -11.92
C SER A 243 -37.54 -29.25 -12.86
N ARG A 244 -36.80 -30.31 -12.61
CA ARG A 244 -35.58 -30.61 -13.34
C ARG A 244 -36.02 -31.40 -14.52
N SER A 245 -35.34 -31.25 -15.65
CA SER A 245 -35.54 -32.21 -16.74
C SER A 245 -34.78 -33.50 -16.46
N LYS A 246 -34.94 -34.49 -17.32
CA LYS A 246 -34.21 -35.76 -17.19
C LYS A 246 -32.69 -35.58 -16.93
N PHE A 247 -32.05 -34.66 -17.64
CA PHE A 247 -30.60 -34.45 -17.51
C PHE A 247 -30.26 -33.32 -16.52
N GLY A 248 -31.20 -33.00 -15.62
CA GLY A 248 -30.93 -32.02 -14.56
C GLY A 248 -30.97 -30.58 -15.03
N GLY A 249 -31.54 -30.37 -16.23
CA GLY A 249 -31.69 -29.04 -16.81
C GLY A 249 -32.99 -28.39 -16.34
N TRP A 250 -33.20 -27.14 -16.73
CA TRP A 250 -34.39 -26.41 -16.31
C TRP A 250 -35.65 -26.65 -17.19
N LEU A 251 -36.71 -27.21 -16.60
CA LEU A 251 -38.00 -27.37 -17.31
C LEU A 251 -38.74 -26.06 -17.57
N ALA A 252 -38.61 -25.11 -16.64
CA ALA A 252 -39.50 -23.96 -16.58
C ALA A 252 -38.98 -22.74 -17.33
N GLY A 253 -38.00 -22.95 -18.20
CA GLY A 253 -37.36 -21.85 -18.87
C GLY A 253 -37.65 -21.88 -20.35
N PRO A 254 -36.86 -21.15 -21.16
CA PRO A 254 -36.96 -21.32 -22.60
C PRO A 254 -36.56 -22.76 -22.91
N LYS A 255 -36.87 -23.24 -24.10
CA LYS A 255 -36.36 -24.56 -24.56
C LYS A 255 -35.56 -24.29 -25.81
N LEU A 256 -34.37 -24.86 -25.90
CA LEU A 256 -33.46 -24.49 -26.99
C LEU A 256 -33.21 -25.65 -27.93
N LYS A 257 -32.27 -25.52 -28.87
CA LYS A 257 -32.01 -26.65 -29.77
C LYS A 257 -31.50 -27.86 -28.98
N ALA A 258 -32.07 -29.02 -29.26
CA ALA A 258 -31.62 -30.27 -28.65
C ALA A 258 -30.75 -31.10 -29.62
N THR A 259 -29.47 -31.25 -29.31
CA THR A 259 -28.56 -31.98 -30.17
C THR A 259 -28.37 -33.39 -29.63
N GLY A 260 -28.86 -33.61 -28.43
CA GLY A 260 -28.63 -34.89 -27.78
C GLY A 260 -27.31 -34.91 -27.03
N TYR A 261 -26.62 -33.78 -26.96
CA TYR A 261 -25.41 -33.64 -26.16
C TYR A 261 -25.39 -32.35 -25.41
N PHE A 262 -24.78 -32.39 -24.21
CA PHE A 262 -24.50 -31.16 -23.46
C PHE A 262 -23.61 -30.25 -24.33
N ARG A 263 -23.95 -28.96 -24.36
CA ARG A 263 -23.32 -27.99 -25.26
C ARG A 263 -23.45 -26.64 -24.60
N THR A 264 -22.88 -25.58 -25.19
CA THR A 264 -22.96 -24.27 -24.58
C THR A 264 -23.87 -23.36 -25.39
N GLU A 265 -24.48 -22.40 -24.70
CA GLU A 265 -25.18 -21.30 -25.35
C GLU A 265 -25.37 -20.19 -24.37
N LYS A 266 -25.36 -18.98 -24.91
CA LYS A 266 -25.62 -17.75 -24.19
C LYS A 266 -27.13 -17.54 -24.12
N ILE A 267 -27.63 -17.36 -22.89
CA ILE A 267 -29.05 -17.08 -22.63
C ILE A 267 -29.20 -15.80 -21.81
N ASN A 268 -29.91 -14.84 -22.39
CA ASN A 268 -30.25 -13.60 -21.71
C ASN A 268 -29.02 -12.79 -21.27
N GLY A 269 -27.98 -12.86 -22.10
CA GLY A 269 -26.70 -12.23 -21.78
C GLY A 269 -25.80 -13.02 -20.83
N LYS A 270 -26.26 -14.19 -20.40
CA LYS A 270 -25.46 -15.05 -19.51
C LYS A 270 -25.12 -16.42 -20.12
N TRP A 271 -23.84 -16.82 -20.10
CA TRP A 271 -23.47 -18.15 -20.57
C TRP A 271 -24.11 -19.26 -19.78
N MET A 272 -24.52 -20.30 -20.48
CA MET A 272 -25.09 -21.47 -19.82
C MET A 272 -24.60 -22.73 -20.50
N LEU A 273 -24.76 -23.86 -19.83
CA LEU A 273 -24.79 -25.08 -20.59
C LEU A 273 -26.24 -25.29 -21.07
N VAL A 274 -26.42 -26.24 -22.00
CA VAL A 274 -27.71 -26.64 -22.52
C VAL A 274 -27.72 -28.16 -22.56
N ASP A 275 -28.76 -28.78 -22.04
CA ASP A 275 -28.74 -30.22 -21.88
C ASP A 275 -29.05 -30.97 -23.19
N PRO A 276 -28.88 -32.30 -23.21
CA PRO A 276 -29.10 -32.96 -24.49
C PRO A 276 -30.51 -32.79 -25.07
N GLU A 277 -31.48 -32.34 -24.26
CA GLU A 277 -32.85 -32.19 -24.73
C GLU A 277 -33.21 -30.75 -25.02
N GLY A 278 -32.27 -29.84 -24.78
CA GLY A 278 -32.46 -28.45 -25.15
C GLY A 278 -32.80 -27.55 -24.00
N TYR A 279 -32.66 -28.05 -22.78
CA TYR A 279 -32.91 -27.20 -21.60
C TYR A 279 -31.68 -26.54 -21.00
N PRO A 280 -31.83 -25.25 -20.56
CA PRO A 280 -30.76 -24.55 -19.84
C PRO A 280 -30.20 -25.42 -18.73
N TYR A 281 -28.87 -25.44 -18.61
CA TYR A 281 -28.21 -26.25 -17.62
C TYR A 281 -27.08 -25.48 -16.96
N PHE A 282 -26.96 -25.69 -15.66
CA PHE A 282 -25.95 -25.10 -14.83
C PHE A 282 -25.39 -26.20 -13.95
N ALA A 283 -24.06 -26.35 -13.96
CA ALA A 283 -23.40 -27.48 -13.24
C ALA A 283 -22.98 -27.19 -11.79
N THR A 284 -23.52 -27.98 -10.87
CA THR A 284 -23.11 -27.97 -9.49
C THR A 284 -22.81 -29.38 -9.09
N GLY A 285 -21.87 -29.56 -8.17
CA GLY A 285 -21.54 -30.91 -7.69
C GLY A 285 -20.20 -30.99 -7.00
N LEU A 286 -19.74 -32.22 -6.80
CA LEU A 286 -18.52 -32.49 -6.05
C LEU A 286 -17.54 -33.36 -6.86
N ASP A 287 -16.26 -33.08 -6.64
CA ASP A 287 -15.15 -33.78 -7.24
C ASP A 287 -14.85 -35.09 -6.47
N ILE A 288 -14.04 -35.96 -7.05
CA ILE A 288 -13.48 -37.10 -6.30
C ILE A 288 -14.59 -37.97 -5.75
N ILE A 289 -15.46 -38.44 -6.65
CA ILE A 289 -16.47 -39.40 -6.29
C ILE A 289 -15.94 -40.77 -6.68
N ARG A 290 -14.97 -41.21 -5.85
CA ARG A 290 -14.18 -42.41 -6.09
C ARG A 290 -13.45 -42.67 -4.77
N LEU A 291 -12.68 -43.73 -4.69
CA LEU A 291 -12.05 -44.09 -3.43
C LEU A 291 -10.53 -43.87 -3.37
N SER A 292 -9.94 -43.56 -4.54
CA SER A 292 -8.49 -43.51 -4.78
C SER A 292 -7.70 -42.67 -3.81
N ASN A 293 -8.33 -41.58 -3.39
CA ASN A 293 -7.64 -40.65 -2.57
C ASN A 293 -7.98 -40.79 -1.09
N SER A 294 -8.64 -41.90 -0.71
CA SER A 294 -9.19 -42.08 0.63
C SER A 294 -8.34 -42.94 1.55
N SER A 295 -7.16 -43.32 1.09
CA SER A 295 -6.25 -44.12 1.89
C SER A 295 -5.08 -43.29 2.48
N THR A 296 -4.56 -43.80 3.59
CA THR A 296 -3.56 -43.12 4.37
C THR A 296 -2.40 -44.09 4.62
N MET A 297 -1.18 -43.56 4.50
CA MET A 297 0.03 -44.38 4.71
C MET A 297 0.03 -44.96 6.12
N THR A 298 0.15 -46.27 6.24
CA THR A 298 0.17 -46.90 7.56
C THR A 298 1.56 -46.93 8.17
N GLY A 299 2.60 -46.84 7.34
CA GLY A 299 4.00 -47.03 7.77
C GLY A 299 4.60 -48.43 7.54
N TYR A 300 3.89 -49.29 6.84
CA TYR A 300 4.43 -50.62 6.55
C TYR A 300 4.68 -50.77 5.06
N ASP A 301 5.57 -51.70 4.70
CA ASP A 301 5.95 -51.91 3.30
C ASP A 301 5.95 -53.41 3.10
N TYR A 302 6.01 -53.85 1.85
CA TYR A 302 6.15 -55.27 1.48
C TYR A 302 7.40 -55.48 0.66
N ASP A 303 7.80 -56.74 0.57
CA ASP A 303 8.82 -57.17 -0.38
C ASP A 303 8.43 -56.73 -1.79
N GLN A 304 9.33 -56.02 -2.47
CA GLN A 304 9.06 -55.55 -3.84
C GLN A 304 8.69 -56.65 -4.84
N ALA A 305 9.19 -57.86 -4.59
CA ALA A 305 8.93 -59.00 -5.46
C ALA A 305 7.46 -59.34 -5.46
N THR A 306 6.75 -58.97 -4.40
CA THR A 306 5.33 -59.32 -4.26
C THR A 306 4.38 -58.26 -4.80
N VAL A 307 4.92 -57.16 -5.31
CA VAL A 307 4.08 -56.05 -5.79
C VAL A 307 4.15 -55.86 -7.32
N ALA A 308 3.00 -55.98 -7.99
CA ALA A 308 2.90 -55.73 -9.44
C ALA A 308 3.37 -54.31 -9.80
N GLN A 309 4.21 -54.20 -10.83
CA GLN A 309 4.78 -52.92 -11.25
C GLN A 309 3.89 -52.19 -12.26
N ARG A 310 4.00 -50.85 -12.29
CA ARG A 310 3.29 -50.01 -13.27
C ARG A 310 3.75 -50.29 -14.69
N SER A 311 2.78 -50.46 -15.59
CA SER A 311 3.03 -50.60 -17.03
C SER A 311 3.33 -49.22 -17.62
N ALA A 312 4.33 -49.13 -18.50
CA ALA A 312 4.65 -47.85 -19.16
C ALA A 312 3.53 -47.28 -20.05
N ASP A 313 2.58 -48.13 -20.44
CA ASP A 313 1.45 -47.73 -21.32
C ASP A 313 0.29 -47.02 -20.60
N ASP A 314 0.13 -47.35 -19.33
CA ASP A 314 -0.96 -46.85 -18.49
C ASP A 314 -1.20 -45.34 -18.64
N VAL A 315 -2.45 -44.97 -18.85
CA VAL A 315 -2.87 -43.56 -18.97
C VAL A 315 -3.16 -42.89 -17.61
N THR A 316 -3.15 -43.70 -16.54
CA THR A 316 -3.61 -43.27 -15.21
C THR A 316 -2.44 -43.10 -14.24
N PRO A 317 -2.22 -41.88 -13.73
CA PRO A 317 -1.06 -41.70 -12.84
C PRO A 317 -1.39 -42.31 -11.48
N GLU A 318 -0.36 -42.65 -10.70
CA GLU A 318 -0.54 -43.52 -9.55
C GLU A 318 -1.54 -42.96 -8.54
N ASP A 319 -1.52 -41.65 -8.32
CA ASP A 319 -2.50 -40.98 -7.46
C ASP A 319 -3.98 -41.21 -7.82
N SER A 320 -4.23 -41.46 -9.10
CA SER A 320 -5.60 -41.66 -9.58
C SER A 320 -5.96 -43.11 -9.82
N LYS A 321 -5.07 -44.04 -9.50
CA LYS A 321 -5.38 -45.45 -9.67
C LYS A 321 -6.40 -45.94 -8.65
N GLY A 322 -7.05 -47.06 -8.97
CA GLY A 322 -7.91 -47.74 -8.01
C GLY A 322 -7.11 -48.04 -6.74
N LEU A 323 -7.82 -48.29 -5.65
CA LEU A 323 -7.19 -48.90 -4.47
C LEU A 323 -6.66 -50.30 -4.86
N MET A 324 -5.39 -50.56 -4.56
CA MET A 324 -4.78 -51.84 -4.91
C MET A 324 -5.10 -52.91 -3.87
N ALA A 325 -5.88 -53.90 -4.29
CA ALA A 325 -6.13 -55.09 -3.48
C ALA A 325 -4.80 -55.75 -3.19
N VAL A 326 -4.56 -56.06 -1.91
CA VAL A 326 -3.28 -56.57 -1.44
C VAL A 326 -3.44 -58.07 -1.27
N SER A 327 -2.51 -58.85 -1.83
CA SER A 327 -2.58 -60.30 -1.67
C SER A 327 -1.94 -60.78 -0.36
N GLU A 328 -2.27 -61.99 0.04
CA GLU A 328 -1.64 -62.59 1.21
C GLU A 328 -0.11 -62.63 1.09
N LYS A 329 0.39 -63.01 -0.09
CA LYS A 329 1.83 -63.14 -0.30
C LYS A 329 2.52 -61.81 -0.08
N SER A 330 1.85 -60.73 -0.49
CA SER A 330 2.35 -59.42 -0.16
C SER A 330 2.31 -59.24 1.36
N PHE A 331 1.14 -59.48 1.96
CA PHE A 331 0.89 -59.16 3.36
C PHE A 331 1.80 -59.95 4.29
N ALA A 332 2.02 -61.21 3.97
CA ALA A 332 2.89 -62.06 4.80
C ALA A 332 4.33 -61.51 4.92
N THR A 333 4.76 -60.65 4.00
CA THR A 333 6.12 -60.04 4.08
C THR A 333 6.10 -58.64 4.74
N ARG A 334 5.02 -58.33 5.44
CA ARG A 334 4.80 -57.00 6.02
C ARG A 334 5.93 -56.58 6.94
N HIS A 335 6.52 -55.42 6.70
CA HIS A 335 7.56 -54.88 7.59
C HIS A 335 7.41 -53.38 7.85
N LEU A 336 7.82 -52.95 9.04
CA LEU A 336 7.78 -51.58 9.50
C LEU A 336 8.80 -50.64 8.83
N ALA A 337 8.34 -49.79 7.93
CA ALA A 337 9.24 -48.81 7.32
C ALA A 337 9.27 -47.50 8.13
N SER A 338 8.15 -47.15 8.77
CA SER A 338 8.12 -45.95 9.61
C SER A 338 7.37 -46.13 10.92
N PRO A 339 8.12 -46.07 12.03
CA PRO A 339 7.53 -46.10 13.36
C PRO A 339 6.55 -44.95 13.58
N THR A 340 6.90 -43.77 13.09
CA THR A 340 6.05 -42.57 13.29
C THR A 340 4.63 -42.87 12.73
N ARG A 341 4.55 -43.45 11.54
CA ARG A 341 3.23 -43.72 10.93
C ARG A 341 2.46 -44.83 11.62
N ALA A 342 3.12 -45.97 11.81
CA ALA A 342 2.49 -47.09 12.46
C ALA A 342 1.89 -46.70 13.81
N ALA A 343 2.62 -45.94 14.62
CA ALA A 343 2.11 -45.57 15.97
C ALA A 343 0.89 -44.66 16.01
N MET A 344 0.63 -43.95 14.90
CA MET A 344 -0.55 -43.05 14.81
C MET A 344 -1.90 -43.76 14.96
N PHE A 345 -1.95 -45.07 14.66
CA PHE A 345 -3.26 -45.79 14.59
C PHE A 345 -3.54 -46.75 15.74
N ASN A 346 -4.66 -46.55 16.44
CA ASN A 346 -5.03 -47.46 17.53
C ASN A 346 -5.50 -48.82 17.03
N TRP A 347 -5.91 -48.87 15.76
CA TRP A 347 -6.48 -50.05 15.14
C TRP A 347 -6.23 -50.18 13.62
N LEU A 348 -5.50 -51.24 13.25
CA LEU A 348 -5.46 -51.72 11.87
C LEU A 348 -5.81 -53.21 11.92
N PRO A 349 -6.54 -53.71 10.90
CA PRO A 349 -6.97 -55.11 10.98
C PRO A 349 -5.83 -56.11 10.70
N ASP A 350 -6.03 -57.38 11.07
CA ASP A 350 -5.14 -58.48 10.66
C ASP A 350 -5.60 -59.00 9.32
N TYR A 351 -4.78 -59.84 8.65
CA TYR A 351 -5.17 -60.31 7.32
C TYR A 351 -6.51 -61.02 7.21
N ASP A 352 -6.88 -61.80 8.23
CA ASP A 352 -8.14 -62.56 8.16
C ASP A 352 -9.38 -61.77 8.55
N HIS A 353 -9.18 -60.57 9.13
CA HIS A 353 -10.29 -59.75 9.64
C HIS A 353 -11.19 -59.28 8.47
N PRO A 354 -12.54 -59.28 8.64
CA PRO A 354 -13.45 -58.90 7.54
C PRO A 354 -13.06 -57.62 6.80
N LEU A 355 -12.47 -56.67 7.53
CA LEU A 355 -12.15 -55.33 7.00
C LEU A 355 -10.72 -55.19 6.42
N ALA A 356 -9.99 -56.31 6.42
CA ALA A 356 -8.66 -56.41 5.77
C ALA A 356 -8.59 -56.12 4.28
N ASN A 357 -9.70 -56.22 3.55
CA ASN A 357 -9.64 -55.80 2.14
C ASN A 357 -9.48 -54.28 1.91
N HIS A 358 -9.51 -53.47 2.95
CA HIS A 358 -9.40 -52.02 2.72
C HIS A 358 -7.96 -51.49 2.87
N TYR A 359 -7.03 -52.45 2.78
CA TYR A 359 -5.64 -52.11 2.57
C TYR A 359 -5.40 -51.75 1.11
N ASN A 360 -4.40 -50.91 0.89
CA ASN A 360 -4.03 -50.38 -0.39
C ASN A 360 -2.52 -50.42 -0.38
N TYR A 361 -1.91 -50.42 -1.57
CA TYR A 361 -0.48 -50.15 -1.68
C TYR A 361 -0.25 -49.06 -2.73
N ARG A 362 0.57 -48.06 -2.43
CA ARG A 362 0.95 -47.06 -3.42
C ARG A 362 2.42 -47.21 -3.73
N ARG A 363 2.76 -47.09 -5.01
CA ARG A 363 4.13 -47.36 -5.50
C ARG A 363 4.92 -46.06 -5.67
N SER A 364 4.26 -44.96 -5.36
CA SER A 364 4.87 -43.65 -5.36
C SER A 364 4.06 -42.69 -4.50
N ALA A 365 4.64 -41.54 -4.25
CA ALA A 365 3.98 -40.48 -3.50
C ALA A 365 4.64 -39.20 -3.99
N HIS A 366 3.86 -38.13 -4.09
CA HIS A 366 4.43 -36.82 -4.36
C HIS A 366 5.28 -36.38 -3.16
N SER A 367 4.75 -36.54 -1.95
CA SER A 367 5.50 -36.17 -0.76
C SER A 367 4.92 -36.73 0.51
N GLY A 368 5.76 -36.68 1.56
CA GLY A 368 5.53 -37.41 2.82
C GLY A 368 6.77 -38.27 3.13
N PRO A 369 6.85 -38.84 4.35
CA PRO A 369 8.13 -39.44 4.70
C PRO A 369 8.30 -40.86 4.12
N LEU A 370 7.30 -41.36 3.41
CA LEU A 370 7.51 -42.59 2.67
C LEU A 370 7.33 -42.38 1.17
N LYS A 371 8.24 -42.96 0.39
CA LYS A 371 8.16 -42.90 -1.07
C LYS A 371 7.18 -43.90 -1.65
N ARG A 372 6.80 -44.88 -0.81
CA ARG A 372 5.90 -45.96 -1.20
C ARG A 372 5.42 -46.65 0.07
N GLY A 373 4.43 -47.54 -0.07
CA GLY A 373 4.04 -48.36 1.06
C GLY A 373 2.55 -48.66 1.18
N GLU A 374 2.24 -49.55 2.10
CA GLU A 374 0.88 -49.88 2.50
C GLU A 374 0.08 -48.63 2.88
N ALA A 375 -1.20 -48.69 2.60
CA ALA A 375 -2.14 -47.68 3.03
C ALA A 375 -3.46 -48.34 3.44
N TYR A 376 -4.28 -47.59 4.16
CA TYR A 376 -5.57 -48.10 4.59
C TYR A 376 -6.62 -47.04 4.38
N SER A 377 -7.78 -47.47 3.88
CA SER A 377 -8.88 -46.56 3.69
C SER A 377 -9.95 -46.78 4.73
N PHE A 378 -9.93 -45.90 5.74
CA PHE A 378 -10.93 -45.90 6.77
C PHE A 378 -12.33 -45.68 6.18
N TYR A 379 -12.44 -44.70 5.29
CA TYR A 379 -13.70 -44.46 4.60
C TYR A 379 -14.25 -45.76 3.99
N SER A 380 -13.43 -46.43 3.19
CA SER A 380 -13.84 -47.65 2.54
C SER A 380 -14.26 -48.76 3.53
N ALA A 381 -13.46 -48.98 4.56
CA ALA A 381 -13.86 -49.85 5.68
C ALA A 381 -15.23 -49.53 6.23
N ASN A 382 -15.52 -48.24 6.43
CA ASN A 382 -16.81 -47.86 7.00
C ASN A 382 -17.98 -48.13 6.06
N LEU A 383 -17.77 -47.97 4.75
CA LEU A 383 -18.82 -48.34 3.80
C LEU A 383 -19.21 -49.79 4.01
N GLU A 384 -18.24 -50.66 4.23
CA GLU A 384 -18.55 -52.03 4.49
C GLU A 384 -19.21 -52.21 5.86
N ARG A 385 -18.67 -51.58 6.92
CA ARG A 385 -19.36 -51.55 8.23
C ARG A 385 -20.81 -51.16 8.08
N LYS A 386 -21.08 -50.08 7.34
CA LYS A 386 -22.43 -49.57 7.13
C LYS A 386 -23.35 -50.48 6.30
N TYR A 387 -22.83 -51.03 5.20
CA TYR A 387 -23.70 -51.69 4.22
C TYR A 387 -23.49 -53.21 4.07
N GLY A 388 -22.51 -53.75 4.80
CA GLY A 388 -22.22 -55.18 4.75
C GLY A 388 -21.70 -55.63 3.40
N GLU A 389 -21.35 -56.91 3.32
CA GLU A 389 -20.82 -57.42 2.08
C GLU A 389 -21.50 -58.72 1.81
N THR A 390 -22.69 -58.65 1.19
CA THR A 390 -23.41 -59.86 0.79
C THR A 390 -22.65 -60.67 -0.29
N TYR A 391 -22.16 -60.01 -1.33
CA TYR A 391 -21.30 -60.65 -2.33
C TYR A 391 -20.10 -59.72 -2.34
N PRO A 392 -18.93 -60.20 -2.80
CA PRO A 392 -17.75 -59.33 -2.69
C PRO A 392 -17.95 -57.93 -3.28
N GLY A 393 -17.70 -56.94 -2.44
CA GLY A 393 -17.72 -55.55 -2.87
C GLY A 393 -19.10 -54.97 -3.04
N SER A 394 -20.14 -55.61 -2.48
CA SER A 394 -21.55 -55.16 -2.67
C SER A 394 -21.80 -53.79 -2.03
N TYR A 395 -21.03 -53.49 -0.99
CA TYR A 395 -21.13 -52.21 -0.31
C TYR A 395 -20.71 -51.12 -1.30
N LEU A 396 -19.94 -51.47 -2.33
CA LEU A 396 -19.55 -50.49 -3.34
C LEU A 396 -20.73 -50.09 -4.20
N ASP A 397 -21.51 -51.08 -4.66
CA ASP A 397 -22.72 -50.81 -5.42
C ASP A 397 -23.70 -50.02 -4.55
N LYS A 398 -23.79 -50.42 -3.28
CA LYS A 398 -24.65 -49.72 -2.34
C LYS A 398 -24.25 -48.23 -2.23
N TRP A 399 -22.94 -47.97 -2.09
CA TRP A 399 -22.39 -46.62 -1.93
C TRP A 399 -22.69 -45.74 -3.12
N ARG A 400 -22.44 -46.28 -4.30
CA ARG A 400 -22.71 -45.60 -5.55
C ARG A 400 -24.18 -45.20 -5.72
N GLU A 401 -25.07 -46.17 -5.44
CA GLU A 401 -26.51 -45.95 -5.45
C GLU A 401 -26.93 -44.95 -4.38
N VAL A 402 -26.34 -45.00 -3.20
CA VAL A 402 -26.64 -43.97 -2.18
C VAL A 402 -26.05 -42.61 -2.62
N THR A 403 -24.88 -42.61 -3.26
CA THR A 403 -24.22 -41.34 -3.67
C THR A 403 -25.09 -40.55 -4.68
N VAL A 404 -25.55 -41.25 -5.70
CA VAL A 404 -26.48 -40.71 -6.71
C VAL A 404 -27.77 -40.19 -6.04
N ASP A 405 -28.34 -40.93 -5.09
CA ASP A 405 -29.50 -40.45 -4.31
C ASP A 405 -29.19 -39.18 -3.49
N ARG A 406 -28.04 -39.20 -2.82
CA ARG A 406 -27.57 -38.01 -2.11
C ARG A 406 -27.47 -36.79 -3.01
N MET A 407 -26.95 -36.97 -4.23
CA MET A 407 -26.69 -35.82 -5.10
C MET A 407 -28.00 -35.22 -5.60
N LEU A 408 -28.97 -36.10 -5.90
CA LEU A 408 -30.32 -35.68 -6.35
C LEU A 408 -31.08 -35.05 -5.19
N ASN A 409 -31.09 -35.71 -4.05
CA ASN A 409 -31.61 -35.06 -2.86
C ASN A 409 -30.96 -33.70 -2.59
N TRP A 410 -29.65 -33.57 -2.72
CA TRP A 410 -29.01 -32.28 -2.38
C TRP A 410 -29.22 -31.18 -3.45
N GLY A 411 -29.79 -31.57 -4.59
CA GLY A 411 -30.14 -30.66 -5.71
C GLY A 411 -28.99 -30.44 -6.70
N PHE A 412 -27.96 -31.23 -6.59
CA PHE A 412 -26.80 -31.04 -7.48
C PHE A 412 -27.16 -31.53 -8.87
N THR A 413 -26.66 -30.89 -9.91
CA THR A 413 -26.97 -31.27 -11.27
C THR A 413 -25.95 -32.24 -11.92
N SER A 414 -24.85 -32.53 -11.24
CA SER A 414 -23.77 -33.26 -11.88
C SER A 414 -23.02 -34.06 -10.86
N LEU A 415 -22.34 -35.11 -11.34
CA LEU A 415 -21.23 -35.74 -10.65
C LEU A 415 -19.98 -34.99 -11.17
N GLY A 416 -19.11 -34.51 -10.27
CA GLY A 416 -18.02 -33.61 -10.65
C GLY A 416 -16.82 -34.33 -11.21
N ASN A 417 -15.67 -33.65 -11.23
CA ASN A 417 -14.42 -34.23 -11.75
C ASN A 417 -13.92 -35.41 -10.95
N TRP A 418 -13.31 -36.37 -11.63
CA TRP A 418 -12.75 -37.56 -10.98
C TRP A 418 -13.82 -38.40 -10.34
N THR A 419 -14.89 -38.60 -11.09
CA THR A 419 -15.92 -39.53 -10.69
C THR A 419 -15.50 -40.92 -11.17
N ASP A 420 -15.54 -41.90 -10.27
CA ASP A 420 -15.23 -43.28 -10.68
C ASP A 420 -16.00 -43.65 -11.95
N PRO A 421 -15.35 -44.35 -12.91
CA PRO A 421 -16.07 -44.64 -14.17
C PRO A 421 -17.23 -45.64 -14.07
N ALA A 422 -17.37 -46.32 -12.94
CA ALA A 422 -18.51 -47.22 -12.73
C ALA A 422 -19.81 -46.45 -12.50
N TYR A 423 -19.72 -45.15 -12.27
CA TYR A 423 -20.90 -44.28 -12.27
C TYR A 423 -21.23 -43.74 -13.65
N TYR A 424 -20.46 -44.11 -14.68
CA TYR A 424 -20.70 -43.56 -16.02
C TYR A 424 -21.97 -44.11 -16.69
N ASP A 425 -22.59 -45.14 -16.14
CA ASP A 425 -23.89 -45.58 -16.68
C ASP A 425 -25.00 -45.44 -15.65
N ASN A 426 -24.78 -44.63 -14.61
CA ASN A 426 -25.85 -44.35 -13.63
C ASN A 426 -27.19 -44.00 -14.33
N ASN A 427 -27.13 -43.15 -15.36
CA ASN A 427 -28.31 -42.79 -16.18
C ASN A 427 -29.45 -42.08 -15.41
N ARG A 428 -29.06 -41.40 -14.34
CA ARG A 428 -29.92 -40.62 -13.45
C ARG A 428 -29.31 -39.23 -13.12
N ILE A 429 -28.00 -39.09 -13.21
CA ILE A 429 -27.38 -37.74 -13.01
C ILE A 429 -26.18 -37.58 -13.93
N PRO A 430 -26.06 -36.43 -14.61
CA PRO A 430 -24.91 -36.22 -15.51
C PRO A 430 -23.57 -36.27 -14.80
N PHE A 431 -22.49 -36.50 -15.52
CA PHE A 431 -21.18 -36.55 -14.88
C PHE A 431 -20.14 -35.91 -15.76
N PHE A 432 -19.00 -35.60 -15.15
CA PHE A 432 -17.84 -35.04 -15.82
C PHE A 432 -16.77 -36.13 -15.90
N ALA A 433 -16.15 -36.28 -17.08
CA ALA A 433 -15.12 -37.29 -17.27
C ALA A 433 -13.79 -36.54 -17.27
N ASN A 434 -12.72 -37.29 -17.08
CA ASN A 434 -11.39 -36.74 -17.02
C ASN A 434 -10.41 -37.75 -17.60
N GLY A 435 -9.28 -37.23 -18.10
CA GLY A 435 -8.11 -38.06 -18.40
C GLY A 435 -6.86 -37.25 -18.09
N TRP A 436 -5.74 -37.97 -17.99
CA TRP A 436 -4.40 -37.41 -17.80
C TRP A 436 -3.53 -37.89 -18.95
N VAL A 437 -2.71 -36.96 -19.47
CA VAL A 437 -1.74 -37.32 -20.50
C VAL A 437 -0.39 -37.41 -19.81
N ILE A 438 0.08 -38.64 -19.65
CA ILE A 438 1.32 -38.93 -18.95
C ILE A 438 2.11 -39.83 -19.91
N GLY A 439 3.39 -40.01 -19.65
CA GLY A 439 4.20 -40.92 -20.45
C GLY A 439 5.64 -40.44 -20.52
N ASP A 440 6.37 -41.02 -21.47
CA ASP A 440 7.82 -40.80 -21.62
C ASP A 440 8.19 -39.88 -22.80
N PHE A 441 7.31 -38.94 -23.14
CA PHE A 441 7.66 -37.82 -24.03
C PHE A 441 8.72 -36.93 -23.37
N LYS A 442 9.45 -36.17 -24.19
CA LYS A 442 10.38 -35.15 -23.71
C LYS A 442 9.66 -34.08 -22.85
N THR A 443 10.43 -33.27 -22.10
CA THR A 443 9.89 -32.27 -21.18
C THR A 443 10.60 -30.85 -21.21
N VAL A 444 9.96 -29.83 -20.62
CA VAL A 444 10.59 -28.53 -20.47
C VAL A 444 10.35 -28.02 -19.04
N SER A 445 11.26 -27.20 -18.53
N SER A 445 11.29 -27.24 -18.50
CA SER A 445 11.14 -26.66 -17.18
CA SER A 445 11.11 -26.65 -17.17
C SER A 445 10.58 -25.23 -17.13
C SER A 445 10.47 -25.26 -17.21
N SER A 446 9.65 -24.97 -16.21
CA SER A 446 9.09 -23.63 -15.99
C SER A 446 9.73 -22.94 -14.78
N GLY A 447 10.56 -23.69 -14.02
CA GLY A 447 11.16 -23.17 -12.77
C GLY A 447 10.37 -23.47 -11.49
N ALA A 448 9.16 -24.03 -11.63
CA ALA A 448 8.30 -24.32 -10.48
C ALA A 448 7.46 -25.53 -10.79
N ASP A 449 8.09 -26.55 -11.35
CA ASP A 449 7.36 -27.76 -11.66
C ASP A 449 7.35 -28.68 -10.45
N PHE A 450 6.49 -28.37 -9.47
CA PHE A 450 6.47 -29.15 -8.21
C PHE A 450 5.89 -30.57 -8.36
N TRP A 451 5.16 -30.81 -9.45
CA TRP A 451 4.54 -32.11 -9.71
C TRP A 451 5.12 -32.78 -10.95
N GLY A 452 6.39 -32.53 -11.26
CA GLY A 452 6.99 -33.12 -12.46
C GLY A 452 7.20 -32.07 -13.54
N ALA A 453 8.11 -32.37 -14.47
CA ALA A 453 8.46 -31.44 -15.56
C ALA A 453 7.29 -31.31 -16.57
N MET A 454 7.18 -30.14 -17.21
CA MET A 454 6.12 -29.83 -18.18
C MET A 454 6.33 -30.56 -19.51
N PRO A 455 5.24 -30.87 -20.20
CA PRO A 455 5.38 -31.68 -21.41
C PRO A 455 6.01 -30.92 -22.58
N ASP A 456 6.89 -31.60 -23.33
CA ASP A 456 7.31 -31.06 -24.61
C ASP A 456 6.24 -31.39 -25.62
N VAL A 457 5.32 -30.44 -25.81
CA VAL A 457 4.12 -30.63 -26.60
C VAL A 457 4.39 -30.67 -28.10
N PHE A 458 5.63 -30.39 -28.49
CA PHE A 458 6.01 -30.46 -29.90
C PHE A 458 6.68 -31.81 -30.22
N ASP A 459 7.08 -32.53 -29.17
CA ASP A 459 7.52 -33.92 -29.31
C ASP A 459 6.37 -34.81 -29.82
N PRO A 460 6.57 -35.54 -30.93
CA PRO A 460 5.41 -36.31 -31.48
C PRO A 460 4.84 -37.33 -30.49
N GLU A 461 5.60 -37.68 -29.45
CA GLU A 461 5.17 -38.69 -28.47
C GLU A 461 4.18 -38.10 -27.48
N PHE A 462 4.18 -36.78 -27.32
CA PHE A 462 3.06 -36.13 -26.62
C PHE A 462 1.70 -36.40 -27.29
N LYS A 463 1.58 -36.08 -28.58
CA LYS A 463 0.39 -36.47 -29.35
C LYS A 463 -0.01 -37.94 -29.22
N VAL A 464 0.96 -38.85 -29.30
CA VAL A 464 0.66 -40.28 -29.24
C VAL A 464 0.00 -40.55 -27.89
N ARG A 465 0.62 -40.07 -26.83
CA ARG A 465 0.04 -40.21 -25.49
C ARG A 465 -1.32 -39.48 -25.32
N ALA A 466 -1.43 -38.24 -25.80
CA ALA A 466 -2.74 -37.57 -25.77
C ALA A 466 -3.86 -38.37 -26.49
N MET A 467 -3.55 -38.88 -27.68
CA MET A 467 -4.49 -39.70 -28.43
C MET A 467 -4.93 -40.92 -27.61
N GLU A 468 -3.98 -41.58 -26.97
CA GLU A 468 -4.27 -42.74 -26.16
C GLU A 468 -5.15 -42.33 -24.99
N THR A 469 -4.84 -41.16 -24.39
CA THR A 469 -5.60 -40.72 -23.24
C THR A 469 -7.06 -40.57 -23.62
N ALA A 470 -7.28 -39.86 -24.71
CA ALA A 470 -8.63 -39.57 -25.17
C ALA A 470 -9.38 -40.85 -25.62
N ARG A 471 -8.65 -41.87 -26.04
CA ARG A 471 -9.21 -43.13 -26.52
C ARG A 471 -9.80 -43.86 -25.31
N VAL A 472 -9.03 -43.89 -24.23
CA VAL A 472 -9.47 -44.52 -22.98
C VAL A 472 -10.68 -43.82 -22.33
N VAL A 473 -10.72 -42.48 -22.38
CA VAL A 473 -11.91 -41.75 -21.92
C VAL A 473 -13.15 -42.08 -22.75
N SER A 474 -12.97 -42.13 -24.07
N SER A 474 -13.01 -42.12 -24.07
CA SER A 474 -14.06 -42.42 -24.99
CA SER A 474 -14.14 -42.40 -24.94
C SER A 474 -14.60 -43.81 -24.74
C SER A 474 -14.63 -43.83 -24.76
N GLU A 475 -13.70 -44.72 -24.39
CA GLU A 475 -14.06 -46.11 -24.09
C GLU A 475 -14.86 -46.16 -22.78
N GLU A 476 -14.41 -45.41 -21.77
CA GLU A 476 -15.15 -45.23 -20.51
C GLU A 476 -16.52 -44.60 -20.62
N ILE A 477 -16.65 -43.47 -21.32
CA ILE A 477 -17.96 -42.80 -21.36
C ILE A 477 -18.98 -43.37 -22.39
N LYS A 478 -18.51 -44.29 -23.24
CA LYS A 478 -19.35 -44.89 -24.29
C LYS A 478 -20.23 -43.87 -25.03
N ASN A 479 -19.62 -42.81 -25.52
CA ASN A 479 -20.37 -41.73 -26.21
C ASN A 479 -21.63 -41.20 -25.47
N SER A 480 -21.70 -41.36 -24.14
CA SER A 480 -22.97 -41.10 -23.41
C SER A 480 -23.43 -39.64 -23.45
N PRO A 481 -24.73 -39.42 -23.66
CA PRO A 481 -25.27 -38.08 -23.52
C PRO A 481 -25.21 -37.57 -22.09
N TRP A 482 -25.05 -38.45 -21.11
CA TRP A 482 -24.98 -38.08 -19.70
C TRP A 482 -23.61 -37.52 -19.33
N CYS A 483 -22.67 -37.61 -20.26
CA CYS A 483 -21.36 -37.00 -20.01
C CYS A 483 -21.42 -35.53 -20.44
N VAL A 484 -21.26 -34.62 -19.48
CA VAL A 484 -21.40 -33.23 -19.79
C VAL A 484 -20.21 -32.77 -20.61
N GLY A 485 -19.14 -33.55 -20.60
CA GLY A 485 -17.86 -33.01 -21.11
C GLY A 485 -16.63 -33.60 -20.43
N VAL A 486 -15.43 -33.21 -20.90
CA VAL A 486 -14.17 -33.88 -20.55
C VAL A 486 -13.12 -32.87 -20.08
N PHE A 487 -12.58 -33.13 -18.89
CA PHE A 487 -11.42 -32.41 -18.42
C PHE A 487 -10.25 -33.22 -18.87
N ILE A 488 -9.23 -32.52 -19.38
CA ILE A 488 -7.94 -33.14 -19.57
C ILE A 488 -6.87 -32.44 -18.73
N ASP A 489 -6.21 -33.22 -17.87
CA ASP A 489 -5.14 -32.74 -16.98
C ASP A 489 -5.66 -31.79 -15.85
N ASN A 490 -4.75 -31.23 -15.05
CA ASN A 490 -5.12 -30.46 -13.87
C ASN A 490 -3.98 -29.61 -13.39
N GLN A 491 -4.21 -28.31 -13.42
CA GLN A 491 -3.24 -27.32 -12.94
C GLN A 491 -1.84 -27.57 -13.41
N LYS A 492 -1.64 -27.51 -14.70
CA LYS A 492 -0.31 -27.76 -15.21
C LYS A 492 0.51 -26.54 -14.85
N SER A 493 1.80 -26.73 -14.55
CA SER A 493 2.64 -25.63 -14.09
C SER A 493 3.22 -24.78 -15.24
N PHE A 494 2.34 -24.03 -15.92
CA PHE A 494 2.67 -23.23 -17.10
C PHE A 494 3.63 -22.09 -16.80
N GLY A 495 3.37 -21.35 -15.72
CA GLY A 495 4.25 -20.28 -15.28
C GLY A 495 3.52 -19.56 -14.15
N ARG A 496 4.23 -19.16 -13.10
CA ARG A 496 3.60 -18.49 -11.95
C ARG A 496 3.54 -16.95 -12.13
N PRO A 497 2.66 -16.25 -11.37
CA PRO A 497 2.60 -14.81 -11.68
C PRO A 497 3.50 -13.93 -10.80
N ASP A 498 4.28 -14.53 -9.91
CA ASP A 498 5.21 -13.78 -9.05
C ASP A 498 6.01 -12.71 -9.83
N SER A 499 6.82 -13.17 -10.77
CA SER A 499 7.70 -12.29 -11.55
C SER A 499 7.70 -12.64 -13.03
N ASP A 500 8.50 -11.89 -13.79
CA ASP A 500 8.75 -12.17 -15.18
C ASP A 500 9.50 -13.48 -15.37
N LYS A 501 10.55 -13.68 -14.57
CA LYS A 501 11.24 -14.96 -14.54
C LYS A 501 10.29 -16.12 -14.19
N ALA A 502 9.24 -15.83 -13.43
CA ALA A 502 8.26 -16.85 -13.04
C ALA A 502 7.25 -17.14 -14.16
N GLN A 503 6.70 -16.08 -14.76
CA GLN A 503 5.63 -16.18 -15.74
C GLN A 503 6.18 -16.74 -17.03
N TYR A 504 7.42 -16.33 -17.34
CA TYR A 504 8.05 -16.65 -18.59
C TYR A 504 9.09 -17.78 -18.50
N GLY A 505 9.01 -18.57 -17.43
CA GLY A 505 9.98 -19.62 -17.16
C GLY A 505 10.12 -20.66 -18.26
N ILE A 506 9.00 -21.09 -18.86
CA ILE A 506 9.13 -21.99 -20.01
C ILE A 506 9.94 -21.32 -21.17
N PRO A 507 9.51 -20.16 -21.68
CA PRO A 507 10.37 -19.49 -22.67
C PRO A 507 11.84 -19.31 -22.26
N ILE A 508 12.09 -18.80 -21.06
CA ILE A 508 13.45 -18.52 -20.61
C ILE A 508 14.28 -19.80 -20.50
N HIS A 509 13.70 -20.85 -19.94
CA HIS A 509 14.52 -22.04 -19.71
C HIS A 509 14.85 -22.72 -21.02
N THR A 510 13.88 -22.73 -21.93
CA THR A 510 13.96 -23.44 -23.18
C THR A 510 14.92 -22.72 -24.13
N LEU A 511 14.95 -21.39 -24.08
CA LEU A 511 15.90 -20.62 -24.88
C LEU A 511 17.33 -20.95 -24.53
N GLY A 512 17.56 -21.25 -23.24
CA GLY A 512 18.87 -21.65 -22.72
C GLY A 512 19.44 -22.99 -23.20
N ARG A 513 18.58 -23.88 -23.67
CA ARG A 513 18.96 -25.20 -24.10
C ARG A 513 19.27 -25.13 -25.59
N PRO A 514 19.96 -26.16 -26.13
CA PRO A 514 20.17 -26.17 -27.58
C PRO A 514 18.91 -26.65 -28.23
N SER A 515 18.77 -26.32 -29.51
CA SER A 515 17.69 -26.80 -30.36
C SER A 515 17.76 -28.28 -30.59
N GLU A 516 18.96 -28.86 -30.52
CA GLU A 516 19.12 -30.28 -30.88
C GLU A 516 18.57 -31.21 -29.79
N GLY A 517 17.63 -32.06 -30.18
CA GLY A 517 17.00 -32.98 -29.24
C GLY A 517 15.90 -32.36 -28.39
N VAL A 518 15.54 -31.11 -28.66
CA VAL A 518 14.49 -30.48 -27.90
C VAL A 518 13.43 -29.84 -28.82
N PRO A 519 12.40 -30.61 -29.21
CA PRO A 519 11.34 -30.14 -30.15
C PRO A 519 10.65 -28.82 -29.82
N THR A 520 10.49 -28.50 -28.54
CA THR A 520 9.91 -27.23 -28.16
C THR A 520 10.88 -26.10 -28.49
N ARG A 521 12.17 -26.32 -28.24
CA ARG A 521 13.21 -25.34 -28.60
C ARG A 521 13.19 -25.04 -30.11
N GLN A 522 13.15 -26.10 -30.93
CA GLN A 522 13.11 -25.97 -32.39
C GLN A 522 11.90 -25.12 -32.83
N ALA A 523 10.74 -25.39 -32.24
CA ALA A 523 9.55 -24.61 -32.57
C ALA A 523 9.77 -23.12 -32.21
N PHE A 524 10.35 -22.85 -31.05
CA PHE A 524 10.59 -21.44 -30.63
C PHE A 524 11.55 -20.77 -31.61
N SER A 525 12.55 -21.56 -32.04
CA SER A 525 13.57 -21.14 -32.98
C SER A 525 12.94 -20.74 -34.30
N LYS A 526 12.06 -21.61 -34.80
CA LYS A 526 11.36 -21.40 -36.04
C LYS A 526 10.56 -20.07 -36.00
N LEU A 527 9.80 -19.83 -34.92
CA LEU A 527 8.97 -18.63 -34.81
C LEU A 527 9.82 -17.38 -34.84
N LEU A 528 10.89 -17.40 -34.05
CA LEU A 528 11.82 -16.31 -33.92
C LEU A 528 12.59 -16.01 -35.22
N LYS A 529 12.97 -17.07 -35.92
CA LYS A 529 13.47 -16.97 -37.29
C LYS A 529 12.47 -16.31 -38.25
N ALA A 530 11.19 -16.71 -38.23
CA ALA A 530 10.18 -16.09 -39.12
C ALA A 530 9.85 -14.62 -38.81
N LYS A 531 9.88 -14.24 -37.53
CA LYS A 531 9.64 -12.86 -37.16
C LYS A 531 10.83 -11.99 -37.53
N TYR A 532 12.03 -12.53 -37.42
CA TYR A 532 13.23 -11.68 -37.44
C TYR A 532 14.07 -11.81 -38.69
N LYS A 533 13.97 -13.00 -39.30
CA LYS A 533 14.72 -13.45 -40.46
C LYS A 533 16.23 -13.42 -40.32
N THR A 534 16.78 -12.36 -39.74
CA THR A 534 18.22 -12.23 -39.76
C THR A 534 18.75 -12.23 -38.35
N ILE A 535 19.93 -12.80 -38.17
CA ILE A 535 20.52 -12.79 -36.82
C ILE A 535 20.78 -11.36 -36.28
N ALA A 536 21.07 -10.42 -37.19
CA ALA A 536 21.21 -9.02 -36.84
C ALA A 536 19.92 -8.47 -36.24
N ALA A 537 18.79 -8.67 -36.91
CA ALA A 537 17.52 -8.14 -36.39
C ALA A 537 17.22 -8.68 -34.98
N LEU A 538 17.54 -9.95 -34.76
CA LEU A 538 17.37 -10.58 -33.44
C LEU A 538 18.30 -9.96 -32.43
N ASN A 539 19.58 -9.86 -32.80
CA ASN A 539 20.60 -9.17 -32.00
C ASN A 539 20.18 -7.76 -31.57
N ASN A 540 19.58 -7.03 -32.49
CA ASN A 540 19.06 -5.71 -32.17
C ASN A 540 17.85 -5.74 -31.23
N ALA A 541 16.86 -6.56 -31.55
CA ALA A 541 15.71 -6.79 -30.63
C ALA A 541 16.13 -7.09 -29.18
N TRP A 542 17.06 -8.03 -29.02
CA TRP A 542 17.39 -8.57 -27.70
C TRP A 542 18.64 -7.99 -27.05
N GLY A 543 19.34 -7.11 -27.75
CA GLY A 543 20.58 -6.52 -27.25
C GLY A 543 21.72 -7.50 -27.17
N LEU A 544 21.83 -8.37 -28.18
CA LEU A 544 22.83 -9.43 -28.17
C LEU A 544 23.91 -9.30 -29.24
N LYS A 545 24.96 -10.11 -29.12
CA LYS A 545 26.09 -10.03 -30.04
C LYS A 545 26.32 -11.34 -30.80
N LEU A 546 25.26 -12.16 -30.97
CA LEU A 546 25.38 -13.50 -31.56
C LEU A 546 25.90 -13.47 -33.01
N SER A 547 26.75 -14.44 -33.38
CA SER A 547 27.33 -14.46 -34.72
C SER A 547 26.44 -15.08 -35.80
N SER A 548 25.46 -15.90 -35.42
CA SER A 548 24.60 -16.55 -36.42
C SER A 548 23.39 -17.21 -35.80
N TRP A 549 22.47 -17.68 -36.64
CA TRP A 549 21.36 -18.50 -36.17
C TRP A 549 21.84 -19.82 -35.54
N ALA A 550 22.94 -20.37 -36.06
CA ALA A 550 23.48 -21.64 -35.55
C ALA A 550 24.11 -21.48 -34.15
N GLU A 551 24.80 -20.35 -33.93
CA GLU A 551 25.22 -20.03 -32.55
C GLU A 551 24.01 -19.94 -31.60
N PHE A 552 22.95 -19.32 -32.10
CA PHE A 552 21.70 -19.14 -31.36
C PHE A 552 21.10 -20.50 -31.04
N ASP A 553 21.14 -21.40 -32.00
CA ASP A 553 20.64 -22.75 -31.80
C ASP A 553 21.51 -23.58 -30.86
N LEU A 554 22.67 -23.06 -30.46
CA LEU A 554 23.47 -23.75 -29.44
C LEU A 554 22.85 -23.56 -28.07
N GLY A 555 21.98 -22.56 -27.97
CA GLY A 555 21.35 -22.24 -26.69
C GLY A 555 21.91 -20.94 -26.20
N VAL A 556 21.02 -20.11 -25.66
CA VAL A 556 21.34 -18.75 -25.30
C VAL A 556 20.81 -18.53 -23.90
N ASP A 557 21.68 -18.01 -23.00
CA ASP A 557 21.26 -17.68 -21.64
C ASP A 557 20.62 -16.29 -21.58
N VAL A 558 19.28 -16.24 -21.50
CA VAL A 558 18.56 -14.98 -21.44
C VAL A 558 18.20 -14.57 -20.01
N LYS A 559 18.75 -15.26 -19.00
CA LYS A 559 18.43 -14.97 -17.57
C LYS A 559 18.82 -13.58 -17.02
N ALA A 560 19.98 -13.06 -17.41
CA ALA A 560 20.45 -11.77 -16.93
C ALA A 560 19.89 -10.58 -17.70
N LEU A 561 19.36 -10.83 -18.89
CA LEU A 561 18.87 -9.73 -19.70
C LEU A 561 17.71 -9.02 -19.02
N PRO A 562 17.73 -7.68 -18.99
CA PRO A 562 16.54 -7.11 -18.40
C PRO A 562 15.40 -7.12 -19.39
N VAL A 563 14.20 -7.34 -18.87
CA VAL A 563 13.03 -7.58 -19.69
C VAL A 563 12.48 -6.29 -20.24
N THR A 564 12.95 -5.94 -21.43
CA THR A 564 12.41 -4.79 -22.14
C THR A 564 11.07 -5.21 -22.77
N ASP A 565 10.32 -4.21 -23.28
CA ASP A 565 9.06 -4.49 -23.96
C ASP A 565 9.26 -5.44 -25.14
N THR A 566 10.33 -5.25 -25.89
CA THR A 566 10.61 -6.07 -27.05
C THR A 566 10.87 -7.52 -26.59
N LEU A 567 11.61 -7.66 -25.50
CA LEU A 567 11.87 -8.99 -25.00
C LEU A 567 10.60 -9.70 -24.47
N ARG A 568 9.75 -8.95 -23.76
CA ARG A 568 8.49 -9.45 -23.21
C ARG A 568 7.53 -9.91 -24.32
N ALA A 569 7.41 -9.12 -25.37
CA ALA A 569 6.59 -9.54 -26.50
C ALA A 569 7.07 -10.90 -27.05
N ASP A 570 8.38 -11.17 -27.04
CA ASP A 570 8.87 -12.43 -27.61
C ASP A 570 8.68 -13.57 -26.61
N TYR A 571 8.90 -13.31 -25.32
CA TYR A 571 8.54 -14.26 -24.25
C TYR A 571 7.06 -14.71 -24.35
N SER A 572 6.18 -13.72 -24.47
CA SER A 572 4.73 -13.89 -24.59
C SER A 572 4.34 -14.70 -25.82
N MET A 573 4.90 -14.30 -26.96
CA MET A 573 4.71 -14.98 -28.20
C MET A 573 5.19 -16.43 -28.06
N LEU A 574 6.33 -16.63 -27.39
CA LEU A 574 6.80 -17.99 -27.16
C LEU A 574 5.86 -18.84 -26.23
N LEU A 575 5.43 -18.23 -25.11
CA LEU A 575 4.51 -18.90 -24.21
C LEU A 575 3.19 -19.20 -24.91
N SER A 576 2.72 -18.25 -25.71
CA SER A 576 1.48 -18.45 -26.45
C SER A 576 1.59 -19.65 -27.38
N ALA A 577 2.71 -19.80 -28.09
CA ALA A 577 2.82 -20.87 -29.08
C ALA A 577 2.90 -22.20 -28.38
N TYR A 578 3.58 -22.22 -27.22
CA TYR A 578 3.64 -23.41 -26.37
C TYR A 578 2.22 -23.90 -25.94
N ALA A 579 1.38 -22.94 -25.51
CA ALA A 579 0.07 -23.24 -24.95
C ALA A 579 -0.89 -23.61 -26.08
N ASP A 580 -0.79 -22.86 -27.18
CA ASP A 580 -1.53 -23.20 -28.42
C ASP A 580 -1.26 -24.64 -28.76
N GLN A 581 0.01 -25.07 -28.71
CA GLN A 581 0.34 -26.44 -29.14
C GLN A 581 -0.21 -27.50 -28.18
N TYR A 582 -0.13 -27.23 -26.88
CA TYR A 582 -0.73 -28.13 -25.89
C TYR A 582 -2.23 -28.33 -26.18
N PHE A 583 -2.95 -27.20 -26.36
CA PHE A 583 -4.40 -27.17 -26.45
C PHE A 583 -4.92 -27.61 -27.79
N LYS A 584 -4.11 -27.43 -28.81
CA LYS A 584 -4.40 -27.98 -30.12
C LYS A 584 -4.35 -29.54 -30.11
N VAL A 585 -3.27 -30.08 -29.59
CA VAL A 585 -3.06 -31.52 -29.51
C VAL A 585 -4.17 -32.09 -28.65
N VAL A 586 -4.35 -31.53 -27.46
CA VAL A 586 -5.38 -32.03 -26.54
C VAL A 586 -6.78 -32.00 -27.14
N HIS A 587 -7.17 -30.83 -27.68
CA HIS A 587 -8.48 -30.68 -28.30
C HIS A 587 -8.66 -31.68 -29.46
N GLY A 588 -7.65 -31.74 -30.32
CA GLY A 588 -7.62 -32.67 -31.45
C GLY A 588 -7.93 -34.09 -31.07
N ALA A 589 -7.26 -34.60 -30.03
CA ALA A 589 -7.43 -36.00 -29.57
C ALA A 589 -8.84 -36.22 -29.03
N VAL A 590 -9.29 -35.31 -28.16
CA VAL A 590 -10.62 -35.37 -27.58
C VAL A 590 -11.65 -35.32 -28.69
N GLU A 591 -11.52 -34.38 -29.62
CA GLU A 591 -12.45 -34.29 -30.76
C GLU A 591 -12.48 -35.54 -31.65
N HIS A 592 -11.30 -36.10 -31.95
CA HIS A 592 -11.18 -37.33 -32.73
C HIS A 592 -11.97 -38.44 -32.09
N TYR A 593 -11.76 -38.67 -30.79
CA TYR A 593 -12.49 -39.74 -30.09
C TYR A 593 -13.92 -39.39 -29.63
N MET A 594 -14.12 -38.13 -29.24
CA MET A 594 -15.44 -37.76 -28.73
C MET A 594 -15.99 -36.57 -29.48
N PRO A 595 -16.18 -36.69 -30.81
CA PRO A 595 -16.56 -35.52 -31.55
C PRO A 595 -17.72 -34.74 -30.94
N ASN A 596 -18.59 -35.39 -30.18
CA ASN A 596 -19.83 -34.76 -29.70
C ASN A 596 -19.71 -34.02 -28.35
N HIS A 597 -18.62 -34.24 -27.63
CA HIS A 597 -18.53 -33.79 -26.24
C HIS A 597 -17.72 -32.49 -25.99
N LEU A 598 -18.12 -31.74 -24.99
CA LEU A 598 -17.40 -30.57 -24.64
C LEU A 598 -16.00 -30.92 -24.12
N TYR A 599 -14.99 -30.23 -24.66
CA TYR A 599 -13.65 -30.28 -24.08
C TYR A 599 -13.57 -29.11 -23.11
N LEU A 600 -13.21 -29.42 -21.86
CA LEU A 600 -13.31 -28.49 -20.73
C LEU A 600 -12.01 -27.83 -20.17
N GLY A 601 -10.90 -27.91 -20.91
CA GLY A 601 -9.65 -27.24 -20.46
C GLY A 601 -8.80 -28.08 -19.49
N ALA A 602 -7.79 -27.45 -18.93
CA ALA A 602 -6.87 -28.10 -18.01
C ALA A 602 -6.89 -27.43 -16.62
N ARG A 603 -8.00 -26.78 -16.27
CA ARG A 603 -8.28 -26.43 -14.88
C ARG A 603 -7.18 -25.52 -14.33
N PHE A 604 -7.26 -24.25 -14.64
CA PHE A 604 -6.20 -23.31 -14.26
C PHE A 604 -6.28 -22.88 -12.80
N PRO A 605 -5.23 -23.22 -12.02
CA PRO A 605 -5.15 -22.69 -10.65
C PRO A 605 -4.88 -21.19 -10.67
N ASP A 606 -5.15 -20.51 -9.56
CA ASP A 606 -4.81 -19.10 -9.40
C ASP A 606 -3.33 -18.81 -9.63
N TRP A 607 -2.49 -19.78 -9.31
CA TRP A 607 -1.04 -19.67 -9.47
C TRP A 607 -0.50 -20.22 -10.79
N GLY A 608 -1.34 -20.36 -11.80
CA GLY A 608 -0.89 -20.88 -13.11
C GLY A 608 -1.83 -20.62 -14.28
N MET A 609 -2.30 -19.38 -14.38
CA MET A 609 -3.11 -18.87 -15.50
C MET A 609 -2.46 -17.57 -16.02
N PRO A 610 -1.30 -17.68 -16.69
CA PRO A 610 -0.83 -16.50 -17.41
C PRO A 610 -1.77 -16.27 -18.61
N MET A 611 -2.01 -15.00 -18.91
CA MET A 611 -3.00 -14.61 -19.92
C MET A 611 -2.77 -15.29 -21.24
N GLU A 612 -1.51 -15.57 -21.54
CA GLU A 612 -1.15 -16.24 -22.80
C GLU A 612 -1.70 -17.67 -22.87
N VAL A 613 -1.68 -18.35 -21.74
CA VAL A 613 -2.18 -19.73 -21.65
C VAL A 613 -3.72 -19.76 -21.63
N VAL A 614 -4.29 -18.87 -20.83
CA VAL A 614 -5.74 -18.62 -20.78
C VAL A 614 -6.32 -18.37 -22.19
N LYS A 615 -5.67 -17.47 -22.94
CA LYS A 615 -6.17 -17.10 -24.29
C LYS A 615 -6.03 -18.29 -25.23
N ALA A 616 -4.96 -19.06 -25.06
CA ALA A 616 -4.80 -20.32 -25.78
C ALA A 616 -5.97 -21.25 -25.50
N ALA A 617 -6.37 -21.39 -24.23
CA ALA A 617 -7.50 -22.27 -23.88
C ALA A 617 -8.81 -21.76 -24.47
N ALA A 618 -8.95 -20.44 -24.48
CA ALA A 618 -10.12 -19.81 -25.06
C ALA A 618 -10.31 -20.24 -26.53
N LYS A 619 -9.22 -20.33 -27.29
CA LYS A 619 -9.29 -20.79 -28.68
C LYS A 619 -9.82 -22.20 -28.80
N TYR A 620 -9.34 -23.10 -27.98
CA TYR A 620 -9.56 -24.49 -28.35
C TYR A 620 -10.60 -25.25 -27.50
N ALA A 621 -10.83 -24.75 -26.28
CA ALA A 621 -11.65 -25.51 -25.37
C ALA A 621 -13.03 -24.90 -25.47
N ASP A 622 -14.04 -25.76 -25.36
CA ASP A 622 -15.42 -25.28 -25.39
C ASP A 622 -15.74 -24.49 -24.13
N VAL A 623 -15.14 -24.86 -23.00
CA VAL A 623 -15.33 -24.16 -21.71
C VAL A 623 -13.96 -23.99 -21.03
N VAL A 624 -13.65 -22.79 -20.54
CA VAL A 624 -12.38 -22.60 -19.81
C VAL A 624 -12.61 -22.92 -18.35
N SER A 625 -11.81 -23.84 -17.84
CA SER A 625 -11.95 -24.32 -16.46
C SER A 625 -10.90 -23.64 -15.55
N TYR A 626 -11.34 -23.25 -14.37
CA TYR A 626 -10.46 -22.65 -13.39
C TYR A 626 -10.68 -23.32 -12.05
N ASN A 627 -9.60 -23.48 -11.29
CA ASN A 627 -9.63 -23.89 -9.88
C ASN A 627 -9.35 -22.64 -9.07
N SER A 628 -10.18 -22.36 -8.06
CA SER A 628 -10.08 -21.05 -7.35
C SER A 628 -10.48 -21.16 -5.90
N TYR A 629 -9.45 -21.46 -5.10
CA TYR A 629 -9.56 -21.64 -3.67
C TYR A 629 -9.47 -20.30 -2.98
N LYS A 630 -10.62 -19.62 -2.93
CA LYS A 630 -10.67 -18.30 -2.37
C LYS A 630 -12.02 -18.17 -1.70
N GLU A 631 -12.24 -17.12 -0.91
CA GLU A 631 -13.63 -16.87 -0.39
C GLU A 631 -14.75 -16.77 -1.47
N GLY A 632 -14.36 -16.30 -2.65
CA GLY A 632 -15.24 -16.21 -3.80
C GLY A 632 -14.57 -15.56 -4.99
N LEU A 633 -15.36 -15.00 -5.87
CA LEU A 633 -14.85 -14.51 -7.11
C LEU A 633 -14.89 -12.99 -7.10
N PRO A 634 -13.79 -12.36 -6.65
CA PRO A 634 -13.86 -10.87 -6.66
C PRO A 634 -13.98 -10.35 -8.10
N LYS A 635 -14.73 -9.26 -8.27
CA LYS A 635 -15.00 -8.71 -9.60
C LYS A 635 -13.74 -8.34 -10.33
N GLN A 636 -12.75 -7.79 -9.61
CA GLN A 636 -11.52 -7.26 -10.18
C GLN A 636 -10.56 -8.32 -10.63
N LYS A 637 -10.47 -9.41 -9.88
CA LYS A 637 -9.64 -10.54 -10.30
C LYS A 637 -10.26 -11.28 -11.50
N TRP A 638 -11.55 -11.07 -11.75
CA TRP A 638 -12.20 -11.83 -12.82
C TRP A 638 -12.72 -10.97 -13.96
N ALA A 639 -12.36 -9.68 -13.93
CA ALA A 639 -12.76 -8.79 -15.01
C ALA A 639 -12.21 -9.22 -16.38
N PHE A 640 -11.04 -9.84 -16.41
CA PHE A 640 -10.48 -10.34 -17.68
C PHE A 640 -11.44 -11.23 -18.49
N LEU A 641 -12.48 -11.79 -17.85
CA LEU A 641 -13.34 -12.78 -18.51
C LEU A 641 -14.16 -12.17 -19.63
N ALA A 642 -14.49 -10.89 -19.43
CA ALA A 642 -15.24 -10.07 -20.40
C ALA A 642 -14.56 -10.04 -21.77
N GLU A 643 -13.25 -9.81 -21.77
CA GLU A 643 -12.48 -9.83 -23.02
C GLU A 643 -12.42 -11.21 -23.71
N LEU A 644 -12.56 -12.29 -22.96
CA LEU A 644 -12.58 -13.59 -23.60
C LEU A 644 -13.98 -13.92 -24.11
N ASP A 645 -15.00 -13.62 -23.31
CA ASP A 645 -16.36 -14.06 -23.64
C ASP A 645 -16.49 -15.59 -23.95
N LYS A 646 -15.89 -16.42 -23.09
CA LYS A 646 -16.01 -17.88 -23.15
C LYS A 646 -16.87 -18.32 -21.98
N PRO A 647 -17.71 -19.36 -22.18
CA PRO A 647 -18.36 -19.96 -21.01
C PRO A 647 -17.23 -20.57 -20.18
N SER A 648 -17.34 -20.46 -18.85
CA SER A 648 -16.27 -20.87 -17.95
C SER A 648 -16.83 -21.74 -16.84
N ILE A 649 -15.94 -22.45 -16.14
CA ILE A 649 -16.35 -23.29 -15.01
C ILE A 649 -15.30 -23.32 -13.88
N ILE A 650 -15.76 -23.29 -12.63
CA ILE A 650 -14.89 -23.54 -11.49
C ILE A 650 -14.80 -25.04 -11.26
N GLY A 651 -13.63 -25.62 -11.45
CA GLY A 651 -13.45 -27.07 -11.23
C GLY A 651 -13.33 -27.45 -9.77
N GLU A 652 -12.84 -26.51 -8.94
CA GLU A 652 -12.55 -26.79 -7.54
C GLU A 652 -12.66 -25.59 -6.62
N PHE A 653 -13.22 -25.83 -5.42
CA PHE A 653 -13.19 -24.86 -4.35
C PHE A 653 -13.61 -25.61 -3.10
N HIS A 654 -13.30 -25.06 -1.93
CA HIS A 654 -13.75 -25.61 -0.64
C HIS A 654 -13.55 -24.65 0.55
N ILE A 655 -14.24 -24.96 1.65
CA ILE A 655 -14.04 -24.30 2.94
C ILE A 655 -14.16 -25.40 4.00
N GLY A 656 -13.25 -25.37 4.96
CA GLY A 656 -13.24 -26.33 6.06
C GLY A 656 -13.11 -25.65 7.43
N ALA A 657 -13.31 -26.43 8.49
CA ALA A 657 -13.24 -26.01 9.88
C ALA A 657 -12.54 -27.07 10.69
N MET A 658 -12.28 -26.76 11.95
CA MET A 658 -11.55 -27.68 12.79
C MET A 658 -12.36 -28.14 13.99
N ASP A 659 -13.68 -27.94 13.95
CA ASP A 659 -14.52 -28.37 15.06
C ASP A 659 -15.04 -29.81 14.92
N HIS A 660 -14.61 -30.54 13.90
CA HIS A 660 -15.11 -31.90 13.72
C HIS A 660 -13.96 -32.93 13.67
N GLY A 661 -12.95 -32.71 14.52
CA GLY A 661 -11.79 -33.61 14.63
C GLY A 661 -10.57 -33.35 13.74
N SER A 662 -10.68 -32.48 12.75
CA SER A 662 -9.59 -32.41 11.76
C SER A 662 -8.54 -31.40 12.22
N TYR A 663 -7.30 -31.58 11.80
CA TYR A 663 -6.19 -30.71 12.28
C TYR A 663 -5.84 -29.68 11.23
N HIS A 664 -6.51 -29.77 10.07
CA HIS A 664 -6.33 -28.86 8.95
C HIS A 664 -7.71 -28.65 8.31
N PRO A 665 -8.19 -27.38 8.29
CA PRO A 665 -9.51 -27.10 7.69
C PRO A 665 -9.45 -27.20 6.17
N GLY A 666 -8.28 -26.94 5.60
CA GLY A 666 -8.11 -26.97 4.17
C GLY A 666 -7.49 -25.65 3.73
N LEU A 667 -7.73 -25.28 2.48
CA LEU A 667 -7.11 -24.10 1.94
C LEU A 667 -7.82 -22.84 2.38
N ILE A 668 -9.14 -22.93 2.58
CA ILE A 668 -9.98 -21.82 2.99
C ILE A 668 -10.75 -22.20 4.27
N HIS A 669 -10.73 -21.31 5.27
CA HIS A 669 -11.14 -21.67 6.62
C HIS A 669 -12.38 -20.98 7.16
N ALA A 670 -13.23 -21.75 7.81
CA ALA A 670 -14.37 -21.20 8.52
C ALA A 670 -14.20 -21.38 10.02
N ALA A 671 -14.95 -20.61 10.79
CA ALA A 671 -14.95 -20.70 12.24
C ALA A 671 -15.69 -21.95 12.79
N SER A 672 -16.50 -22.63 11.96
CA SER A 672 -17.32 -23.75 12.40
C SER A 672 -18.04 -24.48 11.23
N GLN A 673 -18.70 -25.58 11.52
CA GLN A 673 -19.51 -26.23 10.50
C GLN A 673 -20.59 -25.29 9.93
N ALA A 674 -21.19 -24.46 10.79
CA ALA A 674 -22.21 -23.52 10.39
C ALA A 674 -21.62 -22.44 9.46
N ASP A 675 -20.47 -21.89 9.87
CA ASP A 675 -19.74 -20.89 9.10
C ASP A 675 -19.29 -21.42 7.73
N ARG A 676 -18.87 -22.68 7.67
CA ARG A 676 -18.52 -23.33 6.41
C ARG A 676 -19.69 -23.14 5.46
N GLY A 677 -20.88 -23.58 5.89
CA GLY A 677 -22.07 -23.54 5.05
C GLY A 677 -22.38 -22.13 4.62
N GLU A 678 -22.26 -21.15 5.54
CA GLU A 678 -22.42 -19.74 5.17
C GLU A 678 -21.36 -19.28 4.15
N MET A 679 -20.15 -19.81 4.28
CA MET A 679 -19.06 -19.37 3.40
C MET A 679 -19.21 -20.04 2.04
N TYR A 680 -19.83 -21.21 2.05
CA TYR A 680 -20.18 -21.90 0.82
C TYR A 680 -21.16 -21.07 0.00
N LYS A 681 -22.11 -20.45 0.70
CA LYS A 681 -23.18 -19.70 0.02
C LYS A 681 -22.68 -18.44 -0.59
N ASP A 682 -21.68 -17.85 0.06
CA ASP A 682 -21.11 -16.61 -0.46
C ASP A 682 -20.33 -16.90 -1.72
N TYR A 683 -19.56 -18.00 -1.71
CA TYR A 683 -18.78 -18.37 -2.88
C TYR A 683 -19.71 -18.59 -4.07
N MET A 684 -20.60 -19.57 -3.91
CA MET A 684 -21.57 -19.90 -4.94
C MET A 684 -22.35 -18.70 -5.43
N GLN A 685 -22.68 -17.76 -4.53
CA GLN A 685 -23.41 -16.58 -4.95
C GLN A 685 -22.62 -15.82 -5.96
N SER A 686 -21.32 -15.65 -5.70
CA SER A 686 -20.43 -14.95 -6.67
C SER A 686 -20.29 -15.74 -7.99
N VAL A 687 -20.34 -17.08 -7.94
CA VAL A 687 -20.33 -17.82 -9.19
C VAL A 687 -21.60 -17.46 -9.93
N ILE A 688 -22.74 -17.52 -9.24
CA ILE A 688 -24.07 -17.34 -9.83
C ILE A 688 -24.29 -15.95 -10.44
N ASP A 689 -23.72 -14.96 -9.80
CA ASP A 689 -23.80 -13.60 -10.29
C ASP A 689 -22.91 -13.38 -11.50
N ASN A 690 -21.98 -14.30 -11.75
CA ASN A 690 -21.00 -14.04 -12.77
C ASN A 690 -21.49 -14.64 -14.09
N PRO A 691 -21.77 -13.77 -15.09
CA PRO A 691 -22.36 -14.20 -16.38
C PRO A 691 -21.44 -15.03 -17.26
N TYR A 692 -20.18 -15.25 -16.88
CA TYR A 692 -19.30 -16.14 -17.67
C TYR A 692 -19.28 -17.59 -17.20
N PHE A 693 -19.71 -17.83 -15.96
CA PHE A 693 -19.60 -19.18 -15.37
C PHE A 693 -20.82 -20.10 -15.58
N VAL A 694 -20.58 -21.32 -16.00
CA VAL A 694 -21.72 -22.20 -16.23
C VAL A 694 -21.77 -23.33 -15.19
N GLY A 695 -20.97 -23.23 -14.15
CA GLY A 695 -20.95 -24.31 -13.17
C GLY A 695 -19.84 -24.08 -12.17
N ALA A 696 -19.91 -24.76 -11.05
CA ALA A 696 -18.85 -24.71 -10.08
C ALA A 696 -18.90 -26.04 -9.34
N HIS A 697 -17.75 -26.69 -9.23
CA HIS A 697 -17.67 -27.93 -8.46
C HIS A 697 -16.86 -27.74 -7.18
N TRP A 698 -17.35 -28.41 -6.13
CA TRP A 698 -16.69 -28.46 -4.84
C TRP A 698 -15.70 -29.65 -4.70
N PHE A 699 -14.52 -29.32 -4.18
CA PHE A 699 -13.48 -30.32 -3.84
C PHE A 699 -13.43 -30.54 -2.33
N GLN A 700 -13.93 -31.66 -1.81
CA GLN A 700 -14.35 -32.84 -2.55
C GLN A 700 -15.43 -33.54 -1.72
N TYR A 701 -15.88 -34.69 -2.20
CA TYR A 701 -16.95 -35.48 -1.57
C TYR A 701 -16.72 -35.80 -0.08
N MET A 702 -15.62 -36.51 0.21
CA MET A 702 -15.27 -36.91 1.58
C MET A 702 -14.07 -36.11 2.08
N ASP A 703 -14.02 -35.89 3.39
CA ASP A 703 -12.77 -35.46 4.05
C ASP A 703 -11.61 -36.32 3.63
N SER A 704 -10.43 -35.72 3.57
CA SER A 704 -9.21 -36.50 3.40
C SER A 704 -8.89 -37.18 4.76
N PRO A 705 -8.20 -38.33 4.72
CA PRO A 705 -7.90 -39.13 5.94
C PRO A 705 -7.26 -38.25 7.00
N LEU A 706 -7.55 -38.47 8.28
CA LEU A 706 -7.01 -37.61 9.36
C LEU A 706 -5.49 -37.43 9.31
N THR A 707 -4.82 -38.54 9.01
CA THR A 707 -3.39 -38.60 8.95
C THR A 707 -2.90 -38.35 7.52
N GLY A 708 -3.74 -37.71 6.70
CA GLY A 708 -3.37 -37.27 5.34
C GLY A 708 -3.46 -38.33 4.26
N ARG A 709 -3.87 -37.91 3.06
CA ARG A 709 -3.99 -38.83 1.90
C ARG A 709 -2.60 -39.33 1.48
N ALA A 710 -2.54 -40.61 1.10
CA ALA A 710 -1.33 -41.29 0.63
C ALA A 710 -0.42 -40.47 -0.28
N TYR A 711 -1.01 -39.79 -1.25
CA TYR A 711 -0.24 -39.02 -2.24
C TYR A 711 0.71 -37.95 -1.68
N ASP A 712 0.15 -37.02 -0.90
CA ASP A 712 0.88 -35.83 -0.49
C ASP A 712 0.58 -35.33 0.91
N GLY A 713 -0.08 -36.13 1.74
CA GLY A 713 -0.39 -35.73 3.13
C GLY A 713 -1.48 -34.66 3.40
N GLU A 714 -2.32 -34.33 2.39
CA GLU A 714 -3.48 -33.49 2.70
C GLU A 714 -4.38 -34.19 3.72
N ASN A 715 -4.65 -33.52 4.83
CA ASN A 715 -5.49 -34.04 5.90
C ASN A 715 -6.62 -33.03 6.21
N TYR A 716 -7.42 -32.73 5.19
CA TYR A 716 -8.40 -31.64 5.22
C TYR A 716 -9.89 -32.00 5.51
N ASN A 717 -10.55 -31.11 6.26
CA ASN A 717 -11.99 -31.11 6.45
C ASN A 717 -12.64 -30.47 5.25
N VAL A 718 -12.55 -31.11 4.09
CA VAL A 718 -13.17 -30.57 2.90
C VAL A 718 -14.30 -31.43 2.31
N GLY A 719 -14.87 -32.30 3.12
CA GLY A 719 -15.97 -33.15 2.61
C GLY A 719 -17.39 -32.60 2.76
N PHE A 720 -18.30 -33.07 1.91
CA PHE A 720 -19.70 -33.11 2.28
C PHE A 720 -19.97 -34.31 3.22
N VAL A 721 -19.05 -35.26 3.30
CA VAL A 721 -19.18 -36.32 4.28
C VAL A 721 -17.87 -36.57 4.97
N ASP A 722 -17.95 -37.07 6.18
CA ASP A 722 -16.76 -37.37 6.94
C ASP A 722 -16.33 -38.81 6.67
N VAL A 723 -15.35 -39.24 7.43
CA VAL A 723 -14.69 -40.49 7.20
C VAL A 723 -15.64 -41.63 7.55
N THR A 724 -16.73 -41.34 8.24
CA THR A 724 -17.67 -42.40 8.60
C THR A 724 -18.78 -42.44 7.56
N ASP A 725 -18.63 -41.63 6.52
CA ASP A 725 -19.63 -41.49 5.45
C ASP A 725 -20.92 -40.78 5.92
N THR A 726 -20.81 -40.01 6.98
CA THR A 726 -21.96 -39.33 7.56
C THR A 726 -21.88 -37.92 7.05
N PRO A 727 -22.97 -37.43 6.44
CA PRO A 727 -22.93 -36.13 5.79
C PRO A 727 -22.90 -34.95 6.77
N TYR A 728 -22.20 -33.87 6.41
CA TYR A 728 -22.22 -32.63 7.22
C TYR A 728 -23.49 -31.90 6.87
N GLN A 729 -24.40 -31.79 7.84
CA GLN A 729 -25.79 -31.34 7.58
C GLN A 729 -25.80 -29.86 7.19
N GLU A 730 -24.85 -29.11 7.74
CA GLU A 730 -24.69 -27.69 7.45
C GLU A 730 -24.32 -27.50 6.00
N MET A 731 -23.47 -28.39 5.49
CA MET A 731 -23.08 -28.41 4.06
C MET A 731 -24.25 -28.81 3.19
N VAL A 732 -24.87 -29.94 3.55
CA VAL A 732 -26.09 -30.35 2.85
C VAL A 732 -27.10 -29.20 2.75
N ASP A 733 -27.41 -28.57 3.87
CA ASP A 733 -28.42 -27.51 3.86
C ASP A 733 -28.00 -26.32 3.02
N ALA A 734 -26.74 -25.88 3.13
CA ALA A 734 -26.26 -24.81 2.23
C ALA A 734 -26.38 -25.20 0.74
N ALA A 735 -26.12 -26.47 0.39
CA ALA A 735 -26.18 -26.87 -1.01
C ALA A 735 -27.62 -26.91 -1.48
N LYS A 736 -28.54 -27.32 -0.62
CA LYS A 736 -29.94 -27.23 -1.00
C LYS A 736 -30.39 -25.79 -1.26
N GLU A 737 -29.99 -24.84 -0.41
CA GLU A 737 -30.41 -23.46 -0.60
C GLU A 737 -29.87 -22.92 -1.91
N VAL A 738 -28.63 -23.29 -2.20
CA VAL A 738 -27.96 -22.80 -3.38
C VAL A 738 -28.57 -23.45 -4.63
N ASN A 739 -28.64 -24.78 -4.60
CA ASN A 739 -29.14 -25.51 -5.73
C ASN A 739 -30.59 -25.27 -6.01
N ALA A 740 -31.28 -24.63 -5.07
CA ALA A 740 -32.68 -24.30 -5.24
C ALA A 740 -32.85 -23.10 -6.16
N LYS A 741 -31.87 -22.20 -6.16
CA LYS A 741 -32.03 -20.94 -6.88
C LYS A 741 -31.14 -20.75 -8.10
N ILE A 742 -30.28 -21.71 -8.40
CA ILE A 742 -29.37 -21.62 -9.55
C ILE A 742 -30.12 -21.25 -10.83
N TYR A 743 -31.21 -21.94 -11.14
CA TYR A 743 -31.94 -21.61 -12.39
C TYR A 743 -32.81 -20.36 -12.27
N THR A 744 -33.64 -20.33 -11.24
CA THR A 744 -34.58 -19.22 -11.02
C THR A 744 -33.88 -17.89 -10.93
N GLU A 745 -32.79 -17.83 -10.17
CA GLU A 745 -32.07 -16.55 -10.01
C GLU A 745 -31.25 -16.15 -11.23
N ARG A 746 -30.56 -17.13 -11.83
CA ARG A 746 -29.63 -16.89 -12.92
C ARG A 746 -30.33 -16.49 -14.18
N LEU A 747 -31.46 -17.11 -14.46
CA LEU A 747 -32.13 -16.85 -15.72
C LEU A 747 -33.30 -15.91 -15.57
N GLY A 748 -33.52 -15.47 -14.32
CA GLY A 748 -34.76 -14.81 -13.93
C GLY A 748 -34.87 -13.33 -14.23
N SER A 749 -35.96 -12.75 -13.71
CA SER A 749 -36.29 -11.34 -13.86
C SER A 749 -35.45 -10.52 -12.88
N GLY B 1 19.17 7.99 -25.96
CA GLY B 1 17.79 8.54 -26.10
C GLY B 1 17.47 9.07 -27.50
N SER B 2 16.19 9.16 -27.89
CA SER B 2 15.04 8.80 -27.06
C SER B 2 14.99 7.34 -26.68
N HIS B 3 15.06 7.11 -25.38
CA HIS B 3 14.95 5.81 -24.79
C HIS B 3 13.55 5.76 -24.18
N MET B 4 12.62 5.18 -24.92
CA MET B 4 11.26 4.93 -24.44
C MET B 4 11.23 3.88 -23.32
N LEU B 5 10.48 4.15 -22.24
CA LEU B 5 10.32 3.18 -21.15
C LEU B 5 8.92 2.54 -21.11
N PHE B 6 7.89 3.38 -21.19
CA PHE B 6 6.51 2.94 -21.14
C PHE B 6 5.69 3.77 -22.13
N ASP B 7 5.14 3.11 -23.14
CA ASP B 7 4.28 3.79 -24.09
C ASP B 7 2.88 3.21 -24.04
N PHE B 8 2.74 2.13 -23.28
CA PHE B 8 1.46 1.49 -22.99
C PHE B 8 0.78 0.84 -24.21
N GLU B 9 1.50 0.82 -25.32
CA GLU B 9 0.91 0.39 -26.58
C GLU B 9 0.55 -1.08 -26.60
N ASN B 10 1.24 -1.88 -25.80
CA ASN B 10 0.86 -3.28 -25.63
C ASN B 10 -0.46 -3.50 -24.84
N ASP B 11 -1.15 -2.40 -24.49
CA ASP B 11 -2.48 -2.44 -23.83
C ASP B 11 -2.46 -3.10 -22.45
N GLN B 12 -1.33 -2.97 -21.74
CA GLN B 12 -1.15 -3.58 -20.42
C GLN B 12 -0.75 -2.57 -19.34
N VAL B 13 -1.36 -2.71 -18.17
CA VAL B 13 -0.82 -2.10 -16.95
C VAL B 13 0.45 -2.86 -16.58
N PRO B 14 1.63 -2.24 -16.73
CA PRO B 14 2.87 -3.00 -16.47
C PRO B 14 2.90 -3.51 -15.01
N SER B 15 3.56 -4.64 -14.78
CA SER B 15 3.48 -5.27 -13.46
C SER B 15 4.63 -4.80 -12.57
N ASN B 16 5.55 -4.03 -13.13
CA ASN B 16 6.56 -3.38 -12.31
C ASN B 16 6.21 -1.93 -11.91
N ILE B 17 4.95 -1.54 -12.12
CA ILE B 17 4.45 -0.25 -11.62
C ILE B 17 3.47 -0.53 -10.51
N HIS B 18 3.74 -0.01 -9.31
CA HIS B 18 2.89 -0.28 -8.13
C HIS B 18 2.03 0.91 -7.73
N PHE B 19 0.85 0.62 -7.19
CA PHE B 19 -0.17 1.63 -6.95
C PHE B 19 -0.53 1.61 -5.49
N LEU B 20 -0.74 2.78 -4.90
CA LEU B 20 -1.20 2.80 -3.54
C LEU B 20 -2.36 3.75 -3.51
N ASN B 21 -3.51 3.21 -3.10
CA ASN B 21 -4.74 3.97 -2.98
C ASN B 21 -5.14 4.61 -4.30
N ALA B 22 -4.87 3.85 -5.36
CA ALA B 22 -5.25 4.23 -6.72
C ALA B 22 -5.61 3.01 -7.60
N ARG B 23 -6.59 3.22 -8.47
CA ARG B 23 -6.89 2.29 -9.51
C ARG B 23 -6.19 2.75 -10.79
N ALA B 24 -5.80 1.79 -11.64
CA ALA B 24 -5.14 2.06 -12.92
C ALA B 24 -5.71 1.22 -14.05
N SER B 25 -5.68 1.76 -15.27
CA SER B 25 -6.18 1.08 -16.46
C SER B 25 -5.58 1.72 -17.70
N ILE B 26 -5.49 0.93 -18.77
CA ILE B 26 -5.03 1.42 -20.05
C ILE B 26 -6.26 1.92 -20.75
N GLU B 27 -6.19 3.13 -21.30
CA GLU B 27 -7.31 3.73 -22.02
C GLU B 27 -6.79 4.45 -23.26
N THR B 28 -7.66 4.60 -24.25
CA THR B 28 -7.39 5.45 -25.37
C THR B 28 -7.76 6.89 -25.02
N TYR B 29 -6.84 7.82 -25.30
CA TYR B 29 -7.08 9.24 -25.11
C TYR B 29 -6.44 9.94 -26.34
N THR B 30 -6.67 11.25 -26.49
CA THR B 30 -6.07 12.10 -27.52
C THR B 30 -4.68 12.60 -27.16
N GLY B 31 -3.68 12.19 -27.91
CA GLY B 31 -2.30 12.46 -27.56
C GLY B 31 -1.92 13.89 -27.84
N ILE B 32 -0.68 14.26 -27.53
CA ILE B 32 -0.22 15.62 -27.78
C ILE B 32 -0.20 15.98 -29.28
N ASN B 33 0.19 14.99 -30.09
CA ASN B 33 0.22 15.15 -31.54
C ASN B 33 -1.18 15.24 -32.19
N GLY B 34 -2.24 15.08 -31.41
CA GLY B 34 -3.61 15.11 -31.91
C GLY B 34 -4.16 13.73 -32.28
N GLU B 35 -3.36 12.70 -32.04
CA GLU B 35 -3.75 11.34 -32.45
C GLU B 35 -4.06 10.47 -31.23
N PRO B 36 -5.15 9.68 -31.29
CA PRO B 36 -5.45 8.76 -30.21
C PRO B 36 -4.24 7.89 -29.89
N SER B 37 -4.12 7.46 -28.63
CA SER B 37 -2.96 6.68 -28.15
C SER B 37 -3.34 5.85 -26.91
N LYS B 38 -2.59 4.81 -26.58
CA LYS B 38 -2.83 4.10 -25.32
C LYS B 38 -2.07 4.79 -24.19
N GLY B 39 -2.75 5.04 -23.09
CA GLY B 39 -2.13 5.69 -21.94
C GLY B 39 -2.58 5.05 -20.65
N LEU B 40 -1.88 5.35 -19.57
CA LEU B 40 -2.25 4.89 -18.24
C LEU B 40 -3.17 5.94 -17.56
N LYS B 41 -4.44 5.56 -17.39
CA LYS B 41 -5.38 6.33 -16.57
C LYS B 41 -5.12 5.97 -15.08
N LEU B 42 -4.86 6.99 -14.26
CA LEU B 42 -4.59 6.78 -12.84
C LEU B 42 -5.61 7.52 -11.98
N ALA B 43 -6.61 6.78 -11.50
CA ALA B 43 -7.66 7.32 -10.63
C ALA B 43 -7.24 7.21 -9.18
N MET B 44 -6.90 8.32 -8.55
CA MET B 44 -6.45 8.29 -7.15
C MET B 44 -7.59 8.58 -6.21
N GLN B 45 -7.74 7.72 -5.19
CA GLN B 45 -8.72 7.90 -4.13
C GLN B 45 -8.17 8.92 -3.09
N SER B 46 -7.85 10.10 -3.58
CA SER B 46 -7.05 11.02 -2.82
C SER B 46 -7.89 11.84 -1.84
N LYS B 47 -9.22 11.78 -1.96
CA LYS B 47 -10.09 12.40 -0.96
C LYS B 47 -10.00 11.58 0.34
N GLN B 48 -10.19 10.28 0.20
CA GLN B 48 -10.24 9.35 1.32
C GLN B 48 -8.84 9.10 1.89
N HIS B 49 -7.81 9.19 1.04
CA HIS B 49 -6.45 8.83 1.47
C HIS B 49 -5.45 10.00 1.31
N SER B 50 -4.60 10.20 2.32
CA SER B 50 -3.67 11.33 2.38
C SER B 50 -2.41 11.14 1.53
N TYR B 51 -2.15 9.88 1.18
CA TYR B 51 -1.12 9.54 0.21
C TYR B 51 -1.72 8.63 -0.87
N THR B 52 -1.51 9.01 -2.12
CA THR B 52 -1.93 8.22 -3.30
C THR B 52 -0.86 8.24 -4.36
N GLY B 53 -0.80 7.19 -5.21
CA GLY B 53 0.09 7.21 -6.36
C GLY B 53 0.60 5.91 -6.96
N LEU B 54 1.63 6.06 -7.78
CA LEU B 54 2.31 4.94 -8.43
C LEU B 54 3.78 5.09 -8.11
N ALA B 55 4.44 3.97 -7.91
CA ALA B 55 5.90 3.93 -7.95
C ALA B 55 6.37 2.88 -8.97
N ILE B 56 7.22 3.33 -9.88
CA ILE B 56 7.79 2.45 -10.90
C ILE B 56 9.04 1.80 -10.28
N VAL B 57 9.00 0.47 -10.20
CA VAL B 57 10.06 -0.31 -9.53
C VAL B 57 10.59 -1.39 -10.49
N PRO B 58 11.71 -1.13 -11.18
CA PRO B 58 12.20 -2.23 -12.03
C PRO B 58 12.76 -3.38 -11.18
N GLU B 59 12.67 -4.60 -11.71
CA GLU B 59 13.10 -5.80 -11.00
C GLU B 59 14.60 -5.75 -10.65
N GLN B 60 15.36 -4.96 -11.40
CA GLN B 60 16.73 -4.61 -11.08
C GLN B 60 16.90 -3.15 -11.43
N PRO B 61 17.50 -2.35 -10.54
CA PRO B 61 17.71 -0.93 -10.81
C PRO B 61 18.18 -0.67 -12.24
N TRP B 62 17.62 0.37 -12.86
CA TRP B 62 18.11 0.81 -14.14
C TRP B 62 19.51 1.40 -14.04
N ASP B 63 20.36 0.99 -14.96
CA ASP B 63 21.66 1.57 -15.14
C ASP B 63 21.55 2.61 -16.25
N TRP B 64 21.56 3.90 -15.86
CA TRP B 64 21.51 5.00 -16.83
C TRP B 64 22.74 5.85 -16.75
N SER B 65 23.82 5.26 -16.29
CA SER B 65 25.08 5.98 -16.13
C SER B 65 25.66 6.51 -17.45
N GLU B 66 25.18 6.04 -18.59
CA GLU B 66 25.65 6.59 -19.86
C GLU B 66 24.92 7.89 -20.24
N PHE B 67 23.87 8.24 -19.49
CA PHE B 67 23.14 9.49 -19.71
C PHE B 67 23.74 10.66 -18.91
N THR B 68 24.82 11.21 -19.41
CA THR B 68 25.55 12.25 -18.68
C THR B 68 24.85 13.62 -18.71
N SER B 69 23.94 13.81 -19.67
CA SER B 69 23.15 15.05 -19.77
C SER B 69 21.76 14.75 -20.31
N ALA B 70 20.87 14.34 -19.41
CA ALA B 70 19.57 13.83 -19.81
C ALA B 70 18.48 14.16 -18.82
N SER B 71 17.25 14.11 -19.31
CA SER B 71 16.08 14.26 -18.46
C SER B 71 15.14 13.09 -18.64
N LEU B 72 14.18 12.99 -17.76
CA LEU B 72 13.16 11.96 -17.83
C LEU B 72 11.85 12.69 -18.12
N TYR B 73 11.10 12.19 -19.11
CA TYR B 73 9.89 12.85 -19.63
C TYR B 73 8.64 12.02 -19.39
N PHE B 74 7.52 12.73 -19.28
CA PHE B 74 6.19 12.17 -19.06
C PHE B 74 5.19 13.06 -19.81
N ASP B 75 4.24 12.44 -20.48
CA ASP B 75 3.10 13.18 -20.98
C ASP B 75 2.01 12.95 -19.96
N ILE B 76 1.36 14.03 -19.55
CA ILE B 76 0.43 13.98 -18.43
C ILE B 76 -0.67 14.99 -18.68
N VAL B 77 -1.88 14.60 -18.30
CA VAL B 77 -3.00 15.50 -18.33
C VAL B 77 -3.92 15.12 -17.16
N SER B 78 -4.55 16.14 -16.53
CA SER B 78 -5.59 15.90 -15.52
C SER B 78 -6.94 15.76 -16.21
N VAL B 79 -7.69 14.70 -15.89
CA VAL B 79 -9.09 14.62 -16.31
C VAL B 79 -10.03 14.74 -15.11
N GLY B 80 -11.22 15.29 -15.36
CA GLY B 80 -12.19 15.56 -14.32
C GLY B 80 -12.14 16.99 -13.84
N ASP B 81 -12.61 17.20 -12.62
CA ASP B 81 -12.94 18.54 -12.19
C ASP B 81 -11.72 19.37 -11.72
N HIS B 82 -10.62 18.69 -11.41
CA HIS B 82 -9.53 19.34 -10.66
C HIS B 82 -8.15 19.12 -11.25
N SER B 83 -7.33 20.16 -11.14
CA SER B 83 -5.91 20.01 -11.42
C SER B 83 -5.24 19.16 -10.32
N THR B 84 -4.08 18.60 -10.65
CA THR B 84 -3.38 17.66 -9.80
C THR B 84 -1.98 18.14 -9.60
N GLN B 85 -1.58 18.41 -8.35
CA GLN B 85 -0.17 18.58 -8.07
C GLN B 85 0.49 17.19 -7.92
N PHE B 86 1.41 16.84 -8.81
CA PHE B 86 2.30 15.69 -8.58
C PHE B 86 3.59 16.00 -7.80
N TYR B 87 3.89 15.11 -6.87
CA TYR B 87 5.24 14.98 -6.34
C TYR B 87 5.98 13.87 -7.12
N LEU B 88 7.17 14.22 -7.59
CA LEU B 88 8.08 13.30 -8.23
C LEU B 88 9.23 13.00 -7.28
N ASP B 89 9.28 11.76 -6.79
CA ASP B 89 10.42 11.26 -6.06
C ASP B 89 11.15 10.20 -6.87
N VAL B 90 12.44 10.42 -7.08
CA VAL B 90 13.30 9.44 -7.74
C VAL B 90 14.37 8.99 -6.76
N THR B 91 14.43 7.68 -6.55
CA THR B 91 15.36 7.05 -5.60
C THR B 91 16.43 6.19 -6.29
N ASP B 92 17.68 6.35 -5.85
CA ASP B 92 18.75 5.50 -6.33
C ASP B 92 19.02 4.29 -5.42
N GLN B 93 19.94 3.42 -5.86
CA GLN B 93 20.22 2.14 -5.20
C GLN B 93 20.89 2.26 -3.84
N ASN B 94 21.46 3.41 -3.57
CA ASN B 94 22.00 3.67 -2.24
C ASN B 94 20.98 4.32 -1.31
N GLY B 95 19.77 4.52 -1.82
CA GLY B 95 18.73 5.18 -1.02
C GLY B 95 18.71 6.71 -1.07
N ALA B 96 19.44 7.32 -2.01
CA ALA B 96 19.35 8.78 -2.16
C ALA B 96 18.12 9.14 -2.98
N VAL B 97 17.52 10.29 -2.65
CA VAL B 97 16.28 10.71 -3.33
C VAL B 97 16.23 12.22 -3.60
N PHE B 98 15.67 12.60 -4.76
CA PHE B 98 15.31 14.00 -5.00
C PHE B 98 13.80 14.14 -5.17
N THR B 99 13.32 15.34 -4.84
CA THR B 99 11.91 15.65 -4.99
C THR B 99 11.67 16.85 -5.90
N ARG B 100 10.90 16.64 -6.97
CA ARG B 100 10.28 17.75 -7.73
C ARG B 100 8.73 17.60 -7.80
N SER B 101 8.07 18.61 -8.38
CA SER B 101 6.62 18.70 -8.32
C SER B 101 6.17 19.76 -9.28
N ILE B 102 4.94 19.61 -9.77
CA ILE B 102 4.37 20.60 -10.68
C ILE B 102 2.86 20.44 -10.72
N ASP B 103 2.16 21.51 -11.05
CA ASP B 103 0.74 21.39 -11.31
C ASP B 103 0.53 20.64 -12.63
N ILE B 104 -0.55 19.86 -12.75
CA ILE B 104 -0.97 19.25 -14.00
C ILE B 104 -2.40 19.66 -14.32
N PRO B 105 -2.60 20.61 -15.26
CA PRO B 105 -3.93 21.12 -15.56
C PRO B 105 -4.82 20.08 -16.20
N VAL B 106 -6.14 20.29 -16.14
CA VAL B 106 -7.06 19.57 -17.05
C VAL B 106 -6.97 20.28 -18.39
N GLY B 107 -7.28 19.57 -19.47
CA GLY B 107 -7.32 20.20 -20.78
C GLY B 107 -6.40 19.52 -21.75
N LYS B 108 -5.54 20.28 -22.42
CA LYS B 108 -4.63 19.72 -23.40
C LYS B 108 -3.46 19.05 -22.66
N MET B 109 -3.10 17.84 -23.10
CA MET B 109 -1.95 17.16 -22.53
C MET B 109 -0.64 17.88 -22.88
N GLN B 110 0.31 17.86 -21.96
CA GLN B 110 1.63 18.44 -22.20
C GLN B 110 2.70 17.48 -21.79
N SER B 111 3.94 17.82 -22.13
CA SER B 111 5.09 16.99 -21.80
C SER B 111 5.80 17.59 -20.62
N TYR B 112 6.32 16.74 -19.73
CA TYR B 112 6.89 17.19 -18.46
C TYR B 112 8.24 16.55 -18.31
N TYR B 113 9.24 17.31 -17.82
CA TYR B 113 10.55 16.73 -17.63
C TYR B 113 11.28 17.04 -16.32
N ALA B 114 12.06 16.06 -15.89
CA ALA B 114 12.88 16.21 -14.72
C ALA B 114 14.28 15.78 -15.10
N LYS B 115 15.25 16.66 -14.83
CA LYS B 115 16.64 16.42 -15.21
C LYS B 115 17.20 15.33 -14.32
N LEU B 116 18.00 14.44 -14.90
CA LEU B 116 18.76 13.47 -14.12
C LEU B 116 20.22 13.91 -14.00
N SER B 117 20.68 14.71 -14.96
CA SER B 117 22.09 15.02 -15.11
C SER B 117 22.25 16.20 -16.06
N GLY B 118 23.38 16.89 -15.98
CA GLY B 118 23.71 17.98 -16.91
C GLY B 118 23.20 19.37 -16.52
N HIS B 119 23.64 20.36 -17.29
CA HIS B 119 23.22 21.76 -17.16
C HIS B 119 23.32 22.15 -15.71
N ASP B 120 22.24 22.69 -15.17
CA ASP B 120 22.29 23.25 -13.81
C ASP B 120 22.45 22.21 -12.67
N LEU B 121 22.55 20.92 -13.00
CA LEU B 121 22.88 19.89 -12.01
C LEU B 121 24.39 19.67 -11.90
N GLU B 122 25.15 20.14 -12.89
CA GLU B 122 26.62 19.98 -12.93
C GLU B 122 27.38 20.65 -11.77
N VAL B 123 27.00 21.86 -11.40
CA VAL B 123 27.47 22.48 -10.14
C VAL B 123 26.28 23.05 -9.37
N PRO B 124 25.63 22.22 -8.52
CA PRO B 124 24.42 22.60 -7.79
C PRO B 124 24.72 22.99 -6.33
N SER B 126 25.53 25.27 -4.15
CA SER B 126 26.78 25.74 -3.57
C SER B 126 27.48 24.69 -2.68
N GLY B 127 26.88 23.49 -2.59
CA GLY B 127 27.49 22.34 -1.89
C GLY B 127 27.53 22.38 -0.36
N ASP B 128 26.74 23.28 0.25
CA ASP B 128 26.53 23.31 1.71
C ASP B 128 25.36 22.40 2.09
N VAL B 129 25.38 21.89 3.33
CA VAL B 129 24.43 20.86 3.77
C VAL B 129 22.96 21.30 3.78
N ASN B 130 22.69 22.43 4.46
CA ASN B 130 21.31 22.94 4.67
C ASN B 130 20.81 23.86 3.54
N ASP B 131 21.47 23.82 2.38
CA ASP B 131 21.20 24.70 1.22
C ASP B 131 20.28 24.06 0.17
N LEU B 132 19.04 24.50 0.13
CA LEU B 132 18.00 23.92 -0.71
C LEU B 132 18.05 24.39 -2.18
N ASN B 133 18.83 25.42 -2.48
CA ASN B 133 18.77 26.00 -3.81
C ASN B 133 19.66 25.39 -4.86
N LEU B 134 19.37 25.76 -6.11
CA LEU B 134 20.29 25.60 -7.23
C LEU B 134 21.35 26.72 -7.11
N ALA B 135 22.47 26.57 -7.80
CA ALA B 135 23.66 27.42 -7.58
C ALA B 135 23.46 28.92 -7.84
N SER B 136 22.38 29.25 -8.54
CA SER B 136 22.05 30.64 -8.86
C SER B 136 21.48 31.41 -7.64
N GLY B 137 21.07 30.66 -6.62
CA GLY B 137 20.43 31.27 -5.44
C GLY B 137 18.93 31.37 -5.63
N LEU B 138 18.39 30.57 -6.55
CA LEU B 138 16.96 30.51 -6.80
C LEU B 138 16.50 29.14 -6.36
N ARG B 139 15.37 29.04 -5.67
CA ARG B 139 14.92 27.72 -5.28
C ARG B 139 14.70 26.77 -6.49
N SER B 140 14.22 27.32 -7.59
CA SER B 140 14.10 26.59 -8.82
C SER B 140 14.36 27.57 -9.93
N ASN B 141 15.05 27.07 -10.96
CA ASN B 141 15.60 27.89 -12.01
C ASN B 141 14.65 28.15 -13.14
N PRO B 142 14.95 29.15 -13.97
CA PRO B 142 14.29 29.18 -15.24
C PRO B 142 14.80 28.00 -16.10
N PRO B 143 14.05 27.60 -17.11
CA PRO B 143 14.56 26.47 -17.90
C PRO B 143 15.93 26.79 -18.53
N THR B 144 16.74 25.73 -18.74
CA THR B 144 18.04 25.86 -19.40
C THR B 144 17.96 25.67 -20.93
N TRP B 145 16.78 25.41 -21.44
CA TRP B 145 16.51 25.55 -22.89
C TRP B 145 15.08 26.02 -23.12
N THR B 146 14.79 26.42 -24.35
CA THR B 146 13.47 26.87 -24.74
C THR B 146 12.67 25.70 -25.30
N SER B 147 11.42 25.60 -24.88
CA SER B 147 10.49 24.64 -25.46
C SER B 147 9.11 24.76 -24.84
N ASP B 148 8.15 24.09 -25.44
CA ASP B 148 6.78 24.11 -24.95
C ASP B 148 6.57 23.05 -23.89
N ASP B 149 7.66 22.35 -23.54
CA ASP B 149 7.65 21.35 -22.48
C ASP B 149 7.81 22.03 -21.11
N ARG B 150 7.31 21.35 -20.08
CA ARG B 150 7.27 21.91 -18.71
C ARG B 150 8.28 21.24 -17.77
N GLN B 151 9.19 22.04 -17.21
CA GLN B 151 10.18 21.53 -16.25
C GLN B 151 9.54 21.33 -14.88
N PHE B 152 9.49 20.08 -14.40
CA PHE B 152 9.12 19.77 -13.04
C PHE B 152 10.00 20.62 -12.12
N VAL B 153 9.36 21.33 -11.17
CA VAL B 153 9.97 22.37 -10.31
C VAL B 153 10.74 21.83 -9.11
N TRP B 154 11.92 22.40 -8.87
CA TRP B 154 12.79 21.92 -7.78
C TRP B 154 12.21 22.15 -6.38
N MET B 155 12.15 21.07 -5.59
CA MET B 155 11.64 21.14 -4.23
C MET B 155 12.75 20.93 -3.16
N TRP B 156 13.37 19.75 -3.15
CA TRP B 156 14.39 19.41 -2.12
C TRP B 156 14.94 18.01 -2.44
N GLY B 157 16.05 17.64 -1.79
CA GLY B 157 16.66 16.34 -1.96
C GLY B 157 18.04 16.40 -2.59
N VAL B 158 18.44 15.29 -3.20
CA VAL B 158 19.79 15.09 -3.72
C VAL B 158 19.78 15.44 -5.20
N LYS B 159 20.63 16.38 -5.59
CA LYS B 159 20.69 16.86 -6.96
C LYS B 159 21.15 15.81 -7.97
N ASN B 160 22.31 15.20 -7.70
CA ASN B 160 22.88 14.15 -8.57
C ASN B 160 22.81 12.77 -7.93
N LEU B 161 21.87 11.95 -8.38
CA LEU B 161 21.79 10.56 -7.94
C LEU B 161 22.85 9.67 -8.60
N ASP B 162 22.91 8.42 -8.14
CA ASP B 162 23.73 7.42 -8.76
C ASP B 162 22.96 6.88 -9.96
N LEU B 163 23.31 7.36 -11.14
CA LEU B 163 22.66 6.92 -12.39
C LEU B 163 22.87 5.44 -12.75
N SER B 164 23.92 4.83 -12.20
CA SER B 164 24.21 3.44 -12.48
C SER B 164 23.17 2.53 -11.80
N GLY B 165 22.20 3.16 -11.12
CA GLY B 165 21.15 2.39 -10.42
C GLY B 165 19.94 3.18 -9.97
N ILE B 166 18.99 3.41 -10.86
CA ILE B 166 17.73 4.02 -10.45
C ILE B 166 16.76 2.96 -9.98
N ALA B 167 16.41 2.99 -8.70
CA ALA B 167 15.60 1.95 -8.08
C ALA B 167 14.08 2.22 -8.10
N LYS B 168 13.69 3.48 -8.15
CA LYS B 168 12.29 3.87 -7.94
C LYS B 168 12.00 5.19 -8.59
N ILE B 169 10.86 5.24 -9.27
CA ILE B 169 10.34 6.51 -9.75
C ILE B 169 8.88 6.62 -9.34
N SER B 170 8.57 7.71 -8.63
CA SER B 170 7.29 7.86 -7.95
C SER B 170 6.56 9.17 -8.24
N LEU B 171 5.30 9.03 -8.61
CA LEU B 171 4.37 10.16 -8.79
C LEU B 171 3.26 9.99 -7.77
N SER B 172 3.13 10.99 -6.89
CA SER B 172 2.11 10.92 -5.84
C SER B 172 1.31 12.20 -5.65
N VAL B 173 0.07 12.02 -5.19
CA VAL B 173 -0.81 13.10 -4.80
C VAL B 173 -0.96 13.00 -3.29
N GLN B 174 -0.71 14.10 -2.60
CA GLN B 174 -0.70 14.12 -1.13
C GLN B 174 -1.68 15.13 -0.56
N SER B 175 -2.24 14.78 0.59
CA SER B 175 -3.23 15.57 1.29
C SER B 175 -4.22 16.33 0.41
N ALA B 176 -4.74 15.67 -0.62
CA ALA B 176 -5.74 16.35 -1.43
C ALA B 176 -7.05 16.50 -0.65
N MET B 177 -7.93 17.36 -1.17
CA MET B 177 -9.29 17.53 -0.68
C MET B 177 -10.27 16.88 -1.65
N HIS B 178 -9.76 16.34 -2.75
CA HIS B 178 -10.57 15.74 -3.83
C HIS B 178 -9.85 14.54 -4.44
N ASP B 179 -10.63 13.58 -4.92
CA ASP B 179 -10.11 12.57 -5.86
C ASP B 179 -9.48 13.30 -7.05
N LYS B 180 -8.27 12.87 -7.43
CA LYS B 180 -7.63 13.41 -8.61
C LYS B 180 -7.47 12.27 -9.65
N THR B 181 -7.66 12.60 -10.93
CA THR B 181 -7.43 11.65 -12.04
C THR B 181 -6.52 12.25 -13.12
N VAL B 182 -5.65 11.42 -13.69
CA VAL B 182 -4.73 11.83 -14.73
C VAL B 182 -4.51 10.69 -15.72
N ILE B 183 -4.06 11.05 -16.91
CA ILE B 183 -3.60 10.06 -17.86
C ILE B 183 -2.12 10.31 -18.09
N ILE B 184 -1.34 9.23 -18.05
CA ILE B 184 0.09 9.30 -18.26
C ILE B 184 0.54 8.54 -19.49
N ASP B 185 1.46 9.13 -20.25
CA ASP B 185 1.96 8.44 -21.43
C ASP B 185 3.37 8.81 -21.77
N ASN B 186 4.05 7.90 -22.45
CA ASN B 186 5.31 8.18 -23.11
C ASN B 186 6.42 8.47 -22.12
N ILE B 187 6.52 7.56 -21.14
CA ILE B 187 7.59 7.63 -20.17
C ILE B 187 8.89 7.27 -20.88
N ARG B 188 9.79 8.27 -20.94
CA ARG B 188 11.03 8.22 -21.72
C ARG B 188 12.15 9.10 -21.12
N ILE B 189 13.39 8.77 -21.49
CA ILE B 189 14.57 9.59 -21.17
C ILE B 189 15.01 10.26 -22.46
N GLN B 190 15.36 11.53 -22.40
CA GLN B 190 15.95 12.23 -23.55
C GLN B 190 17.19 13.00 -23.15
N PRO B 191 18.28 12.85 -23.92
CA PRO B 191 19.44 13.72 -23.77
C PRO B 191 18.96 15.16 -23.79
N ASN B 192 19.59 16.03 -23.02
CA ASN B 192 19.19 17.45 -23.05
C ASN B 192 19.51 18.11 -24.39
N PRO B 193 18.68 19.06 -24.84
CA PRO B 193 19.21 19.97 -25.84
C PRO B 193 20.47 20.63 -25.26
N PRO B 194 21.28 21.30 -26.09
CA PRO B 194 22.41 22.06 -25.51
C PRO B 194 21.94 23.19 -24.59
N GLN B 195 22.73 23.49 -23.57
CA GLN B 195 22.40 24.50 -22.57
C GLN B 195 22.44 25.97 -23.07
N ASP B 196 21.33 26.68 -22.92
CA ASP B 196 21.30 28.12 -23.15
C ASP B 196 22.22 28.81 -22.16
N GLU B 197 23.30 29.41 -22.66
CA GLU B 197 24.31 30.03 -21.78
C GLU B 197 23.85 31.39 -21.20
N ASN B 198 22.73 31.92 -21.72
CA ASN B 198 22.07 33.08 -21.11
C ASN B 198 20.86 32.76 -20.23
N PHE B 199 20.63 31.47 -19.92
CA PHE B 199 19.43 31.06 -19.18
C PHE B 199 19.26 31.81 -17.85
N LEU B 200 20.38 32.22 -17.24
CA LEU B 200 20.36 33.02 -16.02
C LEU B 200 20.61 34.50 -16.24
N VAL B 201 20.71 34.92 -17.49
CA VAL B 201 21.08 36.33 -17.81
C VAL B 201 19.85 37.17 -18.20
N GLY B 202 19.73 38.36 -17.58
CA GLY B 202 18.65 39.29 -17.94
C GLY B 202 17.28 38.73 -17.61
N LEU B 203 17.15 38.23 -16.38
CA LEU B 203 15.94 37.61 -15.87
C LEU B 203 14.91 38.63 -15.46
N VAL B 204 15.40 39.78 -15.03
CA VAL B 204 14.59 40.76 -14.33
C VAL B 204 14.63 42.13 -15.01
N ASP B 205 13.45 42.66 -15.34
CA ASP B 205 13.33 44.00 -15.87
C ASP B 205 13.42 45.04 -14.74
N GLU B 206 13.16 46.31 -15.03
CA GLU B 206 13.31 47.37 -14.02
C GLU B 206 12.19 47.41 -12.97
N PHE B 207 11.15 46.59 -13.20
CA PHE B 207 10.00 46.53 -12.32
C PHE B 207 10.04 45.32 -11.41
N GLY B 208 11.05 44.46 -11.58
CA GLY B 208 11.20 43.24 -10.78
C GLY B 208 10.49 42.07 -11.43
N GLN B 209 9.95 42.33 -12.61
CA GLN B 209 9.18 41.32 -13.32
C GLN B 209 10.08 40.49 -14.25
N ASN B 210 9.57 39.30 -14.63
CA ASN B 210 10.20 38.39 -15.58
C ASN B 210 10.34 39.12 -16.90
N ALA B 211 11.58 39.46 -17.27
CA ALA B 211 11.84 40.28 -18.45
C ALA B 211 11.69 39.55 -19.76
N LYS B 212 11.70 38.21 -19.74
CA LYS B 212 11.69 37.44 -20.98
C LYS B 212 10.31 36.99 -21.40
N VAL B 213 9.39 36.91 -20.45
CA VAL B 213 8.05 36.39 -20.69
C VAL B 213 7.04 37.54 -20.56
N ASP B 214 6.13 37.62 -21.52
CA ASP B 214 4.97 38.48 -21.42
C ASP B 214 3.87 37.62 -20.79
N TYR B 215 2.97 38.23 -20.02
CA TYR B 215 1.85 37.52 -19.40
C TYR B 215 0.75 38.54 -19.18
N LYS B 216 -0.49 38.07 -19.06
CA LYS B 216 -1.59 38.97 -18.75
C LYS B 216 -1.32 39.65 -17.40
N GLY B 217 -1.44 40.97 -17.37
CA GLY B 217 -1.22 41.76 -16.15
C GLY B 217 0.19 42.31 -15.97
N LYS B 218 1.11 41.86 -16.81
CA LYS B 218 2.45 42.41 -16.83
C LYS B 218 2.41 43.91 -17.14
N ILE B 219 3.12 44.68 -16.33
CA ILE B 219 3.23 46.14 -16.50
C ILE B 219 4.35 46.40 -17.50
N HIS B 220 4.09 47.28 -18.46
CA HIS B 220 5.07 47.57 -19.50
C HIS B 220 5.58 49.01 -19.48
N SER B 221 4.92 49.89 -18.73
CA SER B 221 5.32 51.29 -18.57
C SER B 221 4.77 51.86 -17.28
N LEU B 222 5.43 52.92 -16.79
CA LEU B 222 5.04 53.65 -15.59
C LEU B 222 3.59 54.09 -15.65
N GLU B 223 3.19 54.55 -16.84
CA GLU B 223 1.83 54.95 -17.15
C GLU B 223 0.84 53.78 -16.91
N GLU B 224 1.20 52.57 -17.28
CA GLU B 224 0.30 51.43 -17.03
C GLU B 224 0.24 51.12 -15.53
N LEU B 225 1.38 51.26 -14.86
CA LEU B 225 1.43 51.16 -13.39
C LEU B 225 0.48 52.17 -12.75
N HIS B 226 0.54 53.42 -13.19
CA HIS B 226 -0.35 54.45 -12.67
C HIS B 226 -1.82 54.22 -13.00
N ALA B 227 -2.08 53.56 -14.11
CA ALA B 227 -3.45 53.19 -14.47
C ALA B 227 -4.01 52.03 -13.59
N ALA B 228 -3.18 51.06 -13.23
CA ALA B 228 -3.64 49.97 -12.32
C ALA B 228 -3.90 50.48 -10.87
N ARG B 229 -3.18 51.54 -10.51
CA ARG B 229 -3.24 52.17 -9.18
C ARG B 229 -4.51 53.00 -9.01
N ASP B 230 -4.87 53.73 -10.05
CA ASP B 230 -6.03 54.63 -10.07
C ASP B 230 -7.32 53.86 -10.10
N VAL B 231 -7.30 52.69 -10.71
CA VAL B 231 -8.50 51.87 -10.78
C VAL B 231 -8.79 51.33 -9.37
N GLU B 232 -7.73 50.85 -8.71
CA GLU B 232 -7.83 50.30 -7.36
C GLU B 232 -8.16 51.37 -6.29
N LEU B 233 -7.40 52.46 -6.27
CA LEU B 233 -7.63 53.49 -5.26
C LEU B 233 -9.07 54.02 -5.34
N ALA B 234 -9.64 54.07 -6.54
CA ALA B 234 -11.02 54.55 -6.73
C ALA B 234 -12.06 53.51 -6.28
N GLU B 235 -11.64 52.27 -6.08
CA GLU B 235 -12.52 51.26 -5.54
C GLU B 235 -12.39 51.15 -4.02
N LEU B 236 -11.28 51.64 -3.46
CA LEU B 236 -11.00 51.47 -2.03
C LEU B 236 -11.45 52.70 -1.27
N ASP B 237 -12.23 52.53 -0.23
CA ASP B 237 -12.72 53.68 0.51
C ASP B 237 -12.68 53.48 2.02
N GLY B 238 -12.03 52.41 2.47
CA GLY B 238 -11.94 52.11 3.88
C GLY B 238 -13.17 51.47 4.49
N LYS B 239 -14.21 51.20 3.70
CA LYS B 239 -15.40 50.51 4.23
C LYS B 239 -15.18 49.00 4.51
N PRO B 240 -15.44 48.59 5.76
CA PRO B 240 -15.43 47.14 6.03
C PRO B 240 -16.67 46.49 5.44
N MET B 241 -16.64 45.17 5.32
CA MET B 241 -17.80 44.38 4.92
C MET B 241 -18.95 44.65 5.91
N PRO B 242 -20.21 44.38 5.52
CA PRO B 242 -21.26 44.77 6.47
C PRO B 242 -21.40 43.79 7.64
N SER B 243 -21.90 44.29 8.75
CA SER B 243 -22.18 43.47 9.93
C SER B 243 -20.91 43.10 10.67
N ARG B 244 -19.80 43.76 10.34
CA ARG B 244 -18.56 43.65 11.12
C ARG B 244 -18.68 44.57 12.33
N SER B 245 -18.28 44.07 13.49
CA SER B 245 -18.13 44.93 14.64
C SER B 245 -16.86 45.81 14.45
N LYS B 246 -16.63 46.75 15.37
CA LYS B 246 -15.45 47.62 15.32
C LYS B 246 -14.15 46.83 15.17
N PHE B 247 -13.97 45.82 16.02
CA PHE B 247 -12.76 44.95 16.01
C PHE B 247 -12.79 43.80 14.98
N GLY B 248 -13.67 43.85 13.98
CA GLY B 248 -13.77 42.79 12.97
C GLY B 248 -14.55 41.54 13.35
N GLY B 249 -15.27 41.59 14.47
CA GLY B 249 -16.11 40.47 14.91
C GLY B 249 -17.49 40.48 14.26
N TRP B 250 -18.38 39.57 14.67
CA TRP B 250 -19.69 39.42 14.01
C TRP B 250 -20.85 40.10 14.75
N LEU B 251 -21.29 41.24 14.23
CA LEU B 251 -22.37 42.00 14.85
C LEU B 251 -23.66 41.19 14.96
N ALA B 252 -23.89 40.33 13.96
CA ALA B 252 -25.12 39.57 13.87
C ALA B 252 -25.07 38.29 14.69
N GLY B 253 -23.99 38.08 15.44
CA GLY B 253 -23.74 36.82 16.15
C GLY B 253 -24.12 37.03 17.59
N PRO B 254 -23.99 35.98 18.43
CA PRO B 254 -24.38 36.13 19.82
C PRO B 254 -23.38 37.02 20.58
N LYS B 255 -23.84 38.05 21.30
CA LYS B 255 -22.93 38.88 22.08
C LYS B 255 -22.52 38.18 23.36
N LEU B 256 -21.23 38.20 23.64
CA LEU B 256 -20.71 37.46 24.78
C LEU B 256 -20.04 38.37 25.81
N LYS B 257 -19.47 37.77 26.86
CA LYS B 257 -18.69 38.52 27.85
C LYS B 257 -17.62 39.31 27.11
N ALA B 258 -17.65 40.63 27.29
CA ALA B 258 -16.68 41.52 26.71
C ALA B 258 -15.60 41.87 27.76
N THR B 259 -14.38 41.39 27.55
CA THR B 259 -13.30 41.72 28.49
C THR B 259 -12.42 42.88 28.05
N GLY B 260 -12.65 43.47 26.89
CA GLY B 260 -11.66 44.47 26.44
C GLY B 260 -10.43 43.92 25.73
N TYR B 261 -10.30 42.59 25.65
CA TYR B 261 -9.22 41.97 24.90
C TYR B 261 -9.73 40.78 24.06
N PHE B 262 -9.04 40.47 22.98
CA PHE B 262 -9.33 39.25 22.27
C PHE B 262 -9.08 38.03 23.19
N ARG B 263 -10.00 37.05 23.15
CA ARG B 263 -9.96 35.88 24.03
C ARG B 263 -10.62 34.72 23.26
N THR B 264 -10.66 33.52 23.85
CA THR B 264 -11.30 32.37 23.21
C THR B 264 -12.52 31.83 23.97
N GLU B 265 -13.41 31.16 23.23
CA GLU B 265 -14.59 30.48 23.79
C GLU B 265 -15.13 29.49 22.76
N LYS B 266 -15.70 28.40 23.24
CA LYS B 266 -16.47 27.47 22.40
C LYS B 266 -17.84 28.10 22.12
N ILE B 267 -18.20 28.32 20.86
CA ILE B 267 -19.55 28.77 20.53
C ILE B 267 -20.29 27.68 19.77
N ASN B 268 -21.20 26.98 20.47
CA ASN B 268 -21.99 25.88 19.86
C ASN B 268 -21.22 24.63 19.41
N GLY B 269 -20.29 24.18 20.24
CA GLY B 269 -19.42 23.05 19.89
C GLY B 269 -18.26 23.38 18.96
N LYS B 270 -18.17 24.65 18.54
CA LYS B 270 -17.05 25.10 17.69
C LYS B 270 -16.21 26.16 18.39
N TRP B 271 -14.89 26.05 18.32
CA TRP B 271 -14.03 27.08 18.90
C TRP B 271 -14.09 28.40 18.16
N MET B 272 -14.18 29.48 18.92
CA MET B 272 -14.09 30.80 18.32
C MET B 272 -13.13 31.72 19.07
N LEU B 273 -12.81 32.84 18.47
CA LEU B 273 -12.26 33.92 19.22
C LEU B 273 -13.43 34.82 19.55
N VAL B 274 -13.28 35.64 20.58
CA VAL B 274 -14.27 36.64 20.94
C VAL B 274 -13.51 37.95 20.96
N ASP B 275 -14.06 38.99 20.35
CA ASP B 275 -13.34 40.26 20.26
C ASP B 275 -13.45 41.06 21.60
N PRO B 276 -12.69 42.16 21.73
CA PRO B 276 -12.69 42.99 22.93
C PRO B 276 -14.07 43.50 23.38
N GLU B 277 -15.06 43.51 22.49
CA GLU B 277 -16.43 43.92 22.79
C GLU B 277 -17.45 42.77 22.90
N GLY B 278 -17.02 41.53 22.71
CA GLY B 278 -17.88 40.38 23.01
C GLY B 278 -18.51 39.72 21.80
N TYR B 279 -18.06 40.13 20.63
CA TYR B 279 -18.57 39.56 19.43
C TYR B 279 -17.69 38.41 18.96
N PRO B 280 -18.32 37.39 18.38
CA PRO B 280 -17.58 36.30 17.77
C PRO B 280 -16.56 36.79 16.73
N TYR B 281 -15.40 36.17 16.77
CA TYR B 281 -14.32 36.51 15.87
C TYR B 281 -13.70 35.25 15.27
N PHE B 282 -13.46 35.31 13.96
CA PHE B 282 -12.68 34.30 13.21
C PHE B 282 -11.57 35.09 12.47
N ALA B 283 -10.31 34.64 12.61
CA ALA B 283 -9.15 35.36 12.04
C ALA B 283 -8.76 34.84 10.64
N THR B 284 -8.89 35.73 9.66
CA THR B 284 -8.35 35.54 8.33
C THR B 284 -7.42 36.71 8.01
N GLY B 285 -6.51 36.49 7.06
CA GLY B 285 -5.56 37.55 6.71
C GLY B 285 -4.26 36.98 6.21
N LEU B 286 -3.32 37.88 5.94
CA LEU B 286 -2.10 37.53 5.25
C LEU B 286 -0.88 37.83 6.15
N ASP B 287 0.14 36.96 6.05
CA ASP B 287 1.43 37.14 6.70
C ASP B 287 2.39 37.95 5.88
N ILE B 288 3.39 38.51 6.56
CA ILE B 288 4.52 39.26 5.98
C ILE B 288 3.99 40.53 5.39
N ILE B 289 3.39 41.33 6.26
CA ILE B 289 2.89 42.60 5.88
C ILE B 289 3.96 43.60 6.30
N ARG B 290 5.13 43.45 5.65
CA ARG B 290 6.33 44.24 5.95
C ARG B 290 7.20 44.16 4.73
N LEU B 291 8.28 44.95 4.69
CA LEU B 291 9.20 44.95 3.54
C LEU B 291 10.46 44.09 3.72
N SER B 292 10.67 43.57 4.92
CA SER B 292 11.89 42.81 5.27
C SER B 292 12.25 41.70 4.29
N ASN B 293 11.26 41.05 3.71
CA ASN B 293 11.54 39.87 2.90
C ASN B 293 11.50 40.12 1.38
N SER B 294 11.39 41.38 0.98
CA SER B 294 11.13 41.71 -0.42
C SER B 294 12.38 42.02 -1.23
N SER B 295 13.55 41.86 -0.63
CA SER B 295 14.79 42.13 -1.36
C SER B 295 15.44 40.84 -1.89
N THR B 296 16.13 41.00 -3.00
CA THR B 296 16.83 39.90 -3.62
C THR B 296 18.31 40.29 -3.77
N MET B 297 19.19 39.31 -3.73
CA MET B 297 20.64 39.60 -3.77
C MET B 297 21.06 40.08 -5.17
N THR B 298 21.75 41.21 -5.20
CA THR B 298 22.23 41.78 -6.46
C THR B 298 23.54 41.15 -6.88
N GLY B 299 24.27 40.62 -5.90
CA GLY B 299 25.55 39.96 -6.12
C GLY B 299 26.73 40.88 -5.82
N TYR B 300 26.46 41.99 -5.14
CA TYR B 300 27.51 42.91 -4.77
C TYR B 300 27.74 42.83 -3.29
N ASP B 301 28.87 43.38 -2.83
CA ASP B 301 29.23 43.40 -1.42
C ASP B 301 29.98 44.69 -1.10
N TYR B 302 29.93 45.09 0.18
CA TYR B 302 30.60 46.29 0.66
C TYR B 302 31.78 45.99 1.57
N ASP B 303 32.64 46.99 1.75
CA ASP B 303 33.69 46.94 2.76
C ASP B 303 33.05 46.73 4.13
N GLN B 304 33.46 45.66 4.81
CA GLN B 304 32.93 45.32 6.15
C GLN B 304 33.09 46.42 7.23
N ALA B 305 34.08 47.30 7.07
CA ALA B 305 34.30 48.37 8.03
C ALA B 305 33.19 49.43 7.93
N THR B 306 32.52 49.45 6.78
CA THR B 306 31.41 50.38 6.48
C THR B 306 30.03 49.82 6.90
N VAL B 307 30.02 48.64 7.51
CA VAL B 307 28.75 47.99 7.88
C VAL B 307 28.62 47.93 9.40
N ALA B 308 27.54 48.52 9.91
CA ALA B 308 27.18 48.39 11.31
C ALA B 308 26.91 46.90 11.64
N GLN B 309 27.38 46.46 12.80
CA GLN B 309 27.27 45.05 13.16
C GLN B 309 26.19 44.80 14.21
N ARG B 310 25.49 43.68 14.07
CA ARG B 310 24.42 43.30 15.01
C ARG B 310 24.95 43.30 16.43
N SER B 311 24.21 43.88 17.36
CA SER B 311 24.57 43.69 18.75
C SER B 311 24.09 42.28 19.17
N ALA B 312 24.78 41.68 20.13
CA ALA B 312 24.47 40.33 20.60
C ALA B 312 23.13 40.31 21.36
N ASP B 313 22.61 41.49 21.65
CA ASP B 313 21.38 41.66 22.44
C ASP B 313 20.17 41.97 21.59
N ASP B 314 20.28 41.82 20.27
CA ASP B 314 19.13 42.07 19.41
C ASP B 314 18.15 40.92 19.56
N VAL B 315 16.86 41.25 19.56
CA VAL B 315 15.80 40.24 19.70
C VAL B 315 15.34 39.80 18.32
N THR B 316 15.84 40.49 17.29
CA THR B 316 15.39 40.33 15.94
C THR B 316 16.46 39.62 15.12
N PRO B 317 16.16 38.41 14.63
CA PRO B 317 17.06 37.67 13.74
C PRO B 317 17.26 38.45 12.47
N GLU B 318 18.21 38.03 11.63
CA GLU B 318 18.58 38.81 10.45
C GLU B 318 17.50 38.79 9.36
N ASP B 319 16.81 37.66 9.24
CA ASP B 319 15.75 37.56 8.23
C ASP B 319 14.60 38.52 8.51
N SER B 320 14.50 38.98 9.75
CA SER B 320 13.31 39.73 10.15
C SER B 320 13.60 41.21 10.40
N LYS B 321 14.83 41.65 10.14
CA LYS B 321 15.20 43.07 10.35
C LYS B 321 14.63 43.95 9.25
N GLY B 322 14.41 45.23 9.55
CA GLY B 322 14.06 46.20 8.51
C GLY B 322 15.09 46.21 7.36
N LEU B 323 14.73 46.82 6.25
CA LEU B 323 15.69 46.99 5.15
C LEU B 323 16.71 48.01 5.62
N MET B 324 18.00 47.64 5.55
CA MET B 324 19.06 48.54 5.97
C MET B 324 19.30 49.64 4.95
N ALA B 325 19.27 50.88 5.41
CA ALA B 325 19.79 52.03 4.68
C ALA B 325 21.28 51.87 4.30
N VAL B 326 21.54 51.75 3.01
CA VAL B 326 22.91 51.64 2.56
C VAL B 326 23.47 53.05 2.42
N SER B 327 24.53 53.30 3.19
CA SER B 327 25.25 54.57 3.15
C SER B 327 26.11 54.69 1.90
N GLU B 328 26.42 55.92 1.53
CA GLU B 328 27.26 56.21 0.39
C GLU B 328 28.70 55.72 0.54
N LYS B 329 29.27 55.84 1.74
CA LYS B 329 30.60 55.29 2.02
C LYS B 329 30.64 53.78 1.77
N SER B 330 29.57 53.08 2.19
CA SER B 330 29.39 51.68 1.85
C SER B 330 29.23 51.52 0.33
N PHE B 331 28.37 52.34 -0.27
CA PHE B 331 28.12 52.17 -1.71
C PHE B 331 29.31 52.55 -2.59
N ALA B 332 30.21 53.40 -2.07
CA ALA B 332 31.34 53.87 -2.86
C ALA B 332 32.43 52.79 -2.99
N THR B 333 32.37 51.79 -2.10
CA THR B 333 33.26 50.60 -2.13
C THR B 333 32.57 49.37 -2.74
N ARG B 334 31.50 49.58 -3.50
CA ARG B 334 30.75 48.47 -4.11
C ARG B 334 31.65 47.62 -4.99
N HIS B 335 31.77 46.33 -4.70
CA HIS B 335 32.48 45.40 -5.60
C HIS B 335 31.64 44.14 -5.93
N LEU B 336 31.74 43.68 -7.19
CA LEU B 336 30.97 42.53 -7.64
C LEU B 336 31.53 41.25 -7.02
N ALA B 337 30.72 40.57 -6.22
CA ALA B 337 31.10 39.27 -5.62
C ALA B 337 30.56 38.07 -6.41
N SER B 338 29.42 38.26 -7.07
CA SER B 338 28.90 37.24 -7.99
C SER B 338 28.35 37.89 -9.26
N PRO B 339 29.18 37.92 -10.32
CA PRO B 339 28.75 38.00 -11.71
C PRO B 339 27.48 37.24 -12.05
N THR B 340 27.35 35.96 -11.64
CA THR B 340 26.13 35.13 -11.88
C THR B 340 24.90 35.86 -11.35
N ARG B 341 24.92 36.28 -10.08
CA ARG B 341 23.79 37.06 -9.54
C ARG B 341 23.57 38.33 -10.31
N ALA B 342 24.65 39.07 -10.57
CA ALA B 342 24.56 40.40 -11.18
C ALA B 342 24.03 40.41 -12.61
N ALA B 343 24.50 39.48 -13.42
CA ALA B 343 24.03 39.39 -14.79
C ALA B 343 22.51 39.04 -14.93
N MET B 344 21.83 38.78 -13.81
CA MET B 344 20.36 38.59 -13.80
C MET B 344 19.55 39.86 -13.94
N PHE B 345 20.10 41.00 -13.57
CA PHE B 345 19.25 42.18 -13.52
C PHE B 345 19.50 43.09 -14.67
N ASN B 346 18.43 43.34 -15.43
CA ASN B 346 18.51 44.27 -16.54
C ASN B 346 18.77 45.73 -16.08
N TRP B 347 18.42 46.05 -14.83
CA TRP B 347 18.60 47.43 -14.34
C TRP B 347 18.71 47.52 -12.83
N LEU B 348 19.74 48.22 -12.35
CA LEU B 348 19.82 48.62 -10.95
C LEU B 348 20.21 50.10 -10.93
N PRO B 349 19.69 50.87 -9.96
CA PRO B 349 20.02 52.30 -9.97
C PRO B 349 21.48 52.56 -9.64
N ASP B 350 22.02 53.67 -10.15
CA ASP B 350 23.27 54.25 -9.67
C ASP B 350 22.96 54.94 -8.33
N TYR B 351 23.97 55.28 -7.51
CA TYR B 351 23.68 55.78 -6.17
C TYR B 351 22.92 57.11 -6.10
N ASP B 352 22.97 57.88 -7.19
CA ASP B 352 22.33 59.18 -7.22
C ASP B 352 20.91 59.10 -7.74
N HIS B 353 20.52 57.91 -8.18
CA HIS B 353 19.19 57.71 -8.73
C HIS B 353 18.12 57.81 -7.60
N PRO B 354 16.97 58.44 -7.89
CA PRO B 354 15.85 58.51 -6.92
C PRO B 354 15.51 57.15 -6.26
N LEU B 355 15.60 56.06 -7.01
CA LEU B 355 15.26 54.74 -6.50
C LEU B 355 16.46 54.00 -5.89
N ALA B 356 17.54 54.73 -5.65
CA ALA B 356 18.74 54.24 -4.97
C ALA B 356 18.51 53.76 -3.53
N ASN B 357 17.44 54.27 -2.89
CA ASN B 357 17.20 54.05 -1.48
C ASN B 357 16.46 52.74 -1.22
N HIS B 358 16.27 51.97 -2.28
CA HIS B 358 15.65 50.67 -2.18
C HIS B 358 16.68 49.51 -2.14
N TYR B 359 17.96 49.84 -2.15
CA TYR B 359 18.98 48.85 -1.81
C TYR B 359 18.85 48.43 -0.35
N ASN B 360 19.41 47.28 -0.03
CA ASN B 360 19.40 46.78 1.33
C ASN B 360 20.76 46.08 1.45
N TYR B 361 21.15 45.68 2.66
CA TYR B 361 22.31 44.86 2.80
C TYR B 361 21.95 43.91 3.91
N ARG B 362 22.26 42.63 3.71
CA ARG B 362 22.03 41.61 4.73
C ARG B 362 23.38 41.09 5.25
N ARG B 363 23.49 40.91 6.55
CA ARG B 363 24.76 40.52 7.12
C ARG B 363 24.94 39.01 7.22
N SER B 364 23.82 38.28 7.10
CA SER B 364 23.83 36.83 6.98
C SER B 364 22.83 36.40 5.92
N ALA B 365 22.66 35.09 5.82
CA ALA B 365 21.89 34.45 4.78
C ALA B 365 21.80 33.00 5.20
N HIS B 366 20.61 32.42 5.12
CA HIS B 366 20.46 31.02 5.41
C HIS B 366 21.11 30.13 4.33
N SER B 367 21.02 30.54 3.06
CA SER B 367 21.43 29.72 1.90
C SER B 367 21.47 30.48 0.58
N GLY B 368 22.13 29.87 -0.41
CA GLY B 368 22.42 30.49 -1.72
C GLY B 368 23.92 30.65 -1.97
N PRO B 369 24.31 31.35 -3.05
CA PRO B 369 25.73 31.59 -3.33
C PRO B 369 26.45 32.57 -2.38
N LEU B 370 25.72 33.54 -1.82
CA LEU B 370 26.34 34.51 -0.93
C LEU B 370 25.97 34.26 0.54
N LYS B 371 26.91 34.57 1.43
CA LYS B 371 26.69 34.46 2.88
C LYS B 371 26.24 35.84 3.45
N ARG B 372 26.24 36.84 2.58
CA ARG B 372 25.96 38.22 2.96
C ARG B 372 26.07 39.04 1.68
N GLY B 373 25.57 40.25 1.66
CA GLY B 373 25.74 41.09 0.48
C GLY B 373 24.64 42.13 0.35
N GLU B 374 24.85 43.06 -0.57
CA GLU B 374 23.83 43.97 -1.04
C GLU B 374 22.65 43.19 -1.63
N ALA B 375 21.45 43.74 -1.45
CA ALA B 375 20.21 43.19 -2.01
C ALA B 375 19.39 44.40 -2.44
N TYR B 376 18.48 44.22 -3.40
CA TYR B 376 17.61 45.31 -3.88
C TYR B 376 16.17 44.85 -3.73
N SER B 377 15.28 45.78 -3.37
CA SER B 377 13.86 45.50 -3.23
C SER B 377 13.02 46.18 -4.31
N PHE B 378 12.64 45.37 -5.31
CA PHE B 378 11.79 45.84 -6.39
C PHE B 378 10.40 46.30 -5.94
N TYR B 379 9.77 45.54 -5.04
CA TYR B 379 8.47 45.90 -4.51
C TYR B 379 8.54 47.29 -3.82
N SER B 380 9.50 47.45 -2.90
CA SER B 380 9.74 48.76 -2.31
C SER B 380 9.90 49.89 -3.36
N ALA B 381 10.67 49.58 -4.40
CA ALA B 381 10.93 50.49 -5.51
C ALA B 381 9.65 50.83 -6.22
N ASN B 382 8.80 49.82 -6.43
CA ASN B 382 7.55 50.11 -7.12
C ASN B 382 6.58 50.97 -6.29
N LEU B 383 6.64 50.88 -4.97
CA LEU B 383 5.75 51.67 -4.16
C LEU B 383 6.12 53.14 -4.32
N GLU B 384 7.42 53.43 -4.33
CA GLU B 384 7.85 54.79 -4.62
C GLU B 384 7.35 55.26 -5.98
N ARG B 385 7.44 54.37 -6.98
CA ARG B 385 7.01 54.69 -8.32
C ARG B 385 5.53 54.99 -8.34
N LYS B 386 4.75 54.19 -7.59
CA LYS B 386 3.30 54.38 -7.60
C LYS B 386 2.92 55.66 -6.85
N TYR B 387 3.57 55.91 -5.72
CA TYR B 387 3.06 56.86 -4.74
C TYR B 387 3.95 58.10 -4.57
N GLY B 388 5.17 58.03 -5.07
CA GLY B 388 6.10 59.16 -5.07
C GLY B 388 6.68 59.45 -3.70
N GLU B 389 7.34 60.60 -3.60
CA GLU B 389 7.78 61.16 -2.29
C GLU B 389 7.36 62.62 -2.19
N THR B 390 6.56 62.95 -1.17
CA THR B 390 6.27 64.34 -0.80
C THR B 390 7.13 64.69 0.43
N TYR B 391 7.65 63.64 1.05
CA TYR B 391 8.62 63.73 2.13
C TYR B 391 9.31 62.37 2.11
N PRO B 392 10.49 62.26 2.76
CA PRO B 392 11.19 60.96 2.75
C PRO B 392 10.36 59.79 3.30
N GLY B 393 10.20 58.75 2.48
CA GLY B 393 9.39 57.58 2.86
C GLY B 393 7.88 57.77 2.86
N SER B 394 7.39 58.90 2.35
CA SER B 394 5.93 59.12 2.31
C SER B 394 5.24 57.91 1.66
N TYR B 395 5.87 57.33 0.66
CA TYR B 395 5.23 56.23 -0.05
C TYR B 395 5.10 55.02 0.90
N LEU B 396 5.87 54.97 1.99
CA LEU B 396 5.62 53.94 3.00
C LEU B 396 4.30 54.16 3.72
N ASP B 397 4.01 55.41 4.09
CA ASP B 397 2.74 55.69 4.77
C ASP B 397 1.51 55.48 3.85
N LYS B 398 1.68 55.85 2.58
CA LYS B 398 0.62 55.60 1.63
C LYS B 398 0.37 54.07 1.49
N TRP B 399 1.45 53.29 1.43
CA TRP B 399 1.38 51.80 1.35
C TRP B 399 0.64 51.15 2.50
N ARG B 400 0.96 51.55 3.73
N ARG B 400 0.98 51.54 3.73
CA ARG B 400 0.29 51.04 4.92
CA ARG B 400 0.32 51.06 4.94
C ARG B 400 -1.20 51.36 4.94
C ARG B 400 -1.18 51.36 4.96
N GLU B 401 -1.54 52.56 4.50
CA GLU B 401 -2.93 53.00 4.49
C GLU B 401 -3.72 52.20 3.46
N VAL B 402 -3.19 52.15 2.25
CA VAL B 402 -3.77 51.34 1.21
C VAL B 402 -3.86 49.86 1.63
N THR B 403 -2.87 49.41 2.38
CA THR B 403 -2.85 48.02 2.83
C THR B 403 -4.03 47.71 3.75
N VAL B 404 -4.19 48.56 4.78
CA VAL B 404 -5.31 48.45 5.69
C VAL B 404 -6.66 48.49 4.90
N ASP B 405 -6.83 49.53 4.05
CA ASP B 405 -7.94 49.60 3.06
C ASP B 405 -8.22 48.31 2.26
N ARG B 406 -7.17 47.70 1.70
CA ARG B 406 -7.31 46.42 0.96
C ARG B 406 -7.80 45.29 1.86
N MET B 407 -7.22 45.19 3.07
CA MET B 407 -7.69 44.18 3.98
C MET B 407 -9.19 44.36 4.25
N LEU B 408 -9.57 45.58 4.67
CA LEU B 408 -10.98 45.89 4.97
C LEU B 408 -11.90 45.68 3.75
N ASN B 409 -11.51 46.21 2.58
CA ASN B 409 -12.23 45.89 1.35
C ASN B 409 -12.34 44.40 1.03
N TRP B 410 -11.24 43.65 1.16
CA TRP B 410 -11.29 42.23 0.75
C TRP B 410 -11.95 41.36 1.79
N GLY B 411 -12.40 41.97 2.89
CA GLY B 411 -13.05 41.29 4.01
C GLY B 411 -12.18 40.58 5.04
N PHE B 412 -10.87 40.81 5.02
CA PHE B 412 -9.99 40.19 6.02
C PHE B 412 -10.20 40.73 7.47
N THR B 413 -10.12 39.85 8.48
CA THR B 413 -10.42 40.26 9.88
C THR B 413 -9.18 40.69 10.66
N SER B 414 -8.00 40.35 10.12
CA SER B 414 -6.75 40.68 10.82
C SER B 414 -5.61 41.06 9.88
N LEU B 415 -4.53 41.62 10.41
CA LEU B 415 -3.23 41.59 9.77
C LEU B 415 -2.52 40.41 10.41
N GLY B 416 -2.03 39.48 9.59
CA GLY B 416 -1.46 38.21 10.07
C GLY B 416 -0.07 38.31 10.70
N ASN B 417 0.64 37.18 10.78
CA ASN B 417 1.97 37.22 11.41
C ASN B 417 2.98 38.14 10.70
N TRP B 418 4.03 38.58 11.41
CA TRP B 418 5.08 39.41 10.79
C TRP B 418 4.50 40.62 10.09
N THR B 419 3.54 41.24 10.76
CA THR B 419 3.09 42.58 10.37
C THR B 419 4.09 43.61 10.94
N ASP B 420 4.46 44.63 10.15
CA ASP B 420 5.40 45.66 10.58
C ASP B 420 4.84 46.49 11.75
N PRO B 421 5.67 46.78 12.77
CA PRO B 421 5.09 47.40 13.96
C PRO B 421 4.47 48.76 13.72
N ALA B 422 4.77 49.38 12.58
CA ALA B 422 4.15 50.67 12.32
C ALA B 422 2.66 50.50 12.04
N TYR B 423 2.20 49.26 11.89
CA TYR B 423 0.77 49.03 11.81
C TYR B 423 0.11 48.84 13.13
N TYR B 424 0.89 48.60 14.17
CA TYR B 424 0.35 48.32 15.50
C TYR B 424 -0.63 49.36 16.04
N ASP B 425 -0.55 50.61 15.62
CA ASP B 425 -1.57 51.57 16.02
C ASP B 425 -2.51 52.00 14.90
N ASN B 426 -2.67 51.17 13.88
CA ASN B 426 -3.61 51.47 12.78
C ASN B 426 -5.04 51.74 13.29
N ASN B 427 -5.49 50.92 14.25
CA ASN B 427 -6.80 51.08 14.92
C ASN B 427 -8.02 51.05 14.02
N ARG B 428 -7.89 50.32 12.92
CA ARG B 428 -9.00 50.06 12.00
C ARG B 428 -9.16 48.55 11.77
N ILE B 429 -8.07 47.80 11.85
CA ILE B 429 -8.14 46.31 11.72
C ILE B 429 -7.18 45.62 12.71
N PRO B 430 -7.64 44.60 13.46
CA PRO B 430 -6.79 43.92 14.45
C PRO B 430 -5.49 43.38 13.85
N PHE B 431 -4.46 43.18 14.68
CA PHE B 431 -3.23 42.63 14.15
C PHE B 431 -2.74 41.49 15.03
N PHE B 432 -1.86 40.66 14.47
CA PHE B 432 -1.16 39.63 15.24
C PHE B 432 0.31 40.05 15.50
N ALA B 433 0.75 39.93 16.75
CA ALA B 433 2.12 40.29 17.13
C ALA B 433 3.07 39.10 17.07
N ASN B 434 4.37 39.35 17.06
CA ASN B 434 5.31 38.24 17.07
C ASN B 434 6.63 38.64 17.70
N GLY B 435 7.37 37.64 18.16
CA GLY B 435 8.73 37.84 18.64
C GLY B 435 9.60 36.61 18.46
N TRP B 436 10.92 36.82 18.52
CA TRP B 436 11.85 35.69 18.37
C TRP B 436 12.75 35.59 19.59
N VAL B 437 12.79 34.43 20.24
CA VAL B 437 13.80 34.21 21.28
C VAL B 437 15.14 33.81 20.65
N ILE B 438 16.04 34.78 20.48
CA ILE B 438 17.38 34.49 20.00
C ILE B 438 18.42 34.85 21.02
N GLY B 439 19.62 34.28 20.90
CA GLY B 439 20.74 34.70 21.75
C GLY B 439 21.85 33.68 21.93
N ASP B 440 22.70 33.94 22.92
CA ASP B 440 23.92 33.14 23.13
C ASP B 440 23.73 32.05 24.17
N PHE B 441 22.49 31.73 24.50
CA PHE B 441 22.22 30.64 25.40
C PHE B 441 22.74 29.28 24.85
N LYS B 442 23.00 28.34 25.74
CA LYS B 442 23.50 27.04 25.31
C LYS B 442 22.42 26.36 24.43
N THR B 443 22.84 25.33 23.70
CA THR B 443 21.98 24.69 22.69
C THR B 443 21.91 23.14 22.76
N VAL B 444 20.88 22.58 22.13
CA VAL B 444 20.80 21.13 21.92
C VAL B 444 20.57 20.77 20.43
N SER B 445 20.82 19.52 20.07
CA SER B 445 20.60 19.17 18.67
C SER B 445 19.49 18.11 18.50
N SER B 446 18.74 18.18 17.40
CA SER B 446 17.71 17.16 17.10
C SER B 446 18.17 16.24 15.97
N GLY B 447 19.34 16.54 15.39
CA GLY B 447 19.84 15.88 14.18
C GLY B 447 19.37 16.49 12.85
N ALA B 448 18.32 17.30 12.90
CA ALA B 448 17.76 17.90 11.68
C ALA B 448 17.55 19.41 11.82
N ASP B 449 18.50 20.08 12.46
CA ASP B 449 18.34 21.51 12.70
C ASP B 449 18.83 22.31 11.50
N PHE B 450 18.05 22.32 10.41
CA PHE B 450 18.44 23.00 9.15
C PHE B 450 18.48 24.52 9.25
N TRP B 451 17.93 25.07 10.35
CA TRP B 451 17.88 26.53 10.59
C TRP B 451 18.58 26.90 11.87
N GLY B 452 19.42 25.99 12.38
CA GLY B 452 20.19 26.31 13.59
C GLY B 452 19.88 25.38 14.76
N ALA B 453 20.80 25.35 15.72
CA ALA B 453 20.68 24.48 16.88
C ALA B 453 19.48 24.88 17.73
N MET B 454 18.82 23.88 18.31
CA MET B 454 17.69 24.08 19.21
C MET B 454 18.14 24.65 20.55
N PRO B 455 17.24 25.34 21.28
CA PRO B 455 17.70 25.89 22.54
C PRO B 455 17.75 24.88 23.69
N ASP B 456 18.68 25.12 24.60
CA ASP B 456 18.67 24.45 25.90
C ASP B 456 17.84 25.29 26.85
N VAL B 457 16.56 24.93 26.90
CA VAL B 457 15.54 25.64 27.67
C VAL B 457 15.74 25.54 29.17
N PHE B 458 16.69 24.70 29.57
CA PHE B 458 17.00 24.53 30.98
C PHE B 458 18.18 25.43 31.39
N ASP B 459 18.89 26.02 30.42
CA ASP B 459 19.89 27.06 30.70
C ASP B 459 19.17 28.34 31.17
N PRO B 460 19.54 28.88 32.36
CA PRO B 460 18.89 30.12 32.75
C PRO B 460 18.87 31.21 31.65
N GLU B 461 19.85 31.21 30.75
CA GLU B 461 20.01 32.31 29.79
C GLU B 461 18.91 32.29 28.73
N PHE B 462 18.32 31.13 28.53
CA PHE B 462 17.19 31.03 27.65
C PHE B 462 16.03 31.83 28.21
N LYS B 463 15.76 31.69 29.50
CA LYS B 463 14.71 32.49 30.12
C LYS B 463 15.00 33.99 30.11
N VAL B 464 16.22 34.38 30.48
CA VAL B 464 16.61 35.79 30.40
C VAL B 464 16.23 36.33 29.02
N ARG B 465 16.61 35.58 27.98
CA ARG B 465 16.34 35.97 26.60
C ARG B 465 14.84 36.01 26.26
N ALA B 466 14.08 35.01 26.71
CA ALA B 466 12.62 35.01 26.46
C ALA B 466 11.93 36.26 27.07
N MET B 467 12.30 36.60 28.29
CA MET B 467 11.75 37.76 28.97
C MET B 467 12.01 39.01 28.15
N GLU B 468 13.26 39.19 27.73
CA GLU B 468 13.62 40.33 26.90
C GLU B 468 12.84 40.36 25.55
N THR B 469 12.74 39.23 24.86
CA THR B 469 11.84 39.15 23.67
C THR B 469 10.42 39.70 23.91
N ALA B 470 9.75 39.16 24.92
CA ALA B 470 8.41 39.62 25.37
C ALA B 470 8.35 41.07 25.89
N ARG B 471 9.40 41.56 26.52
CA ARG B 471 9.48 43.00 26.88
C ARG B 471 9.34 43.86 25.63
N VAL B 472 10.06 43.45 24.60
CA VAL B 472 10.10 44.20 23.34
C VAL B 472 8.75 44.12 22.63
N VAL B 473 8.18 42.91 22.55
CA VAL B 473 6.87 42.69 21.94
C VAL B 473 5.87 43.58 22.66
N SER B 474 5.94 43.60 24.00
CA SER B 474 5.10 44.49 24.82
C SER B 474 5.28 45.99 24.58
N GLU B 475 6.52 46.45 24.42
CA GLU B 475 6.70 47.86 24.12
C GLU B 475 6.08 48.28 22.77
N GLU B 476 6.12 47.39 21.78
CA GLU B 476 5.58 47.69 20.46
C GLU B 476 4.04 47.70 20.43
N ILE B 477 3.38 46.78 21.16
CA ILE B 477 1.91 46.73 21.09
C ILE B 477 1.20 47.66 22.07
N LYS B 478 1.88 48.10 23.13
CA LYS B 478 1.31 49.03 24.09
C LYS B 478 -0.05 48.53 24.56
N ASN B 479 -0.09 47.27 25.01
CA ASN B 479 -1.31 46.70 25.57
C ASN B 479 -2.60 46.94 24.73
N SER B 480 -2.47 47.12 23.43
CA SER B 480 -3.61 47.40 22.59
C SER B 480 -4.69 46.28 22.52
N PRO B 481 -5.97 46.66 22.70
CA PRO B 481 -7.02 45.72 22.38
C PRO B 481 -6.98 45.30 20.91
N TRP B 482 -6.25 46.02 20.05
CA TRP B 482 -6.19 45.62 18.66
C TRP B 482 -5.25 44.41 18.37
N CYS B 483 -4.40 44.04 19.32
CA CYS B 483 -3.56 42.85 19.19
C CYS B 483 -4.33 41.58 19.55
N VAL B 484 -4.59 40.70 18.57
CA VAL B 484 -5.30 39.44 18.85
C VAL B 484 -4.44 38.47 19.69
N GLY B 485 -3.16 38.38 19.36
CA GLY B 485 -2.29 37.42 20.03
C GLY B 485 -0.83 37.66 19.78
N VAL B 486 -0.02 36.82 20.43
CA VAL B 486 1.41 36.78 20.19
C VAL B 486 1.87 35.36 19.80
N PHE B 487 2.47 35.30 18.62
CA PHE B 487 3.30 34.22 18.21
C PHE B 487 4.72 34.45 18.75
N ILE B 488 5.29 33.42 19.36
CA ILE B 488 6.72 33.37 19.65
C ILE B 488 7.40 32.23 18.91
N ASP B 489 8.45 32.59 18.19
CA ASP B 489 9.23 31.72 17.33
C ASP B 489 8.38 31.19 16.14
N ASN B 490 8.93 30.25 15.37
CA ASN B 490 8.25 29.72 14.17
C ASN B 490 8.97 28.46 13.72
N GLN B 491 8.26 27.33 13.80
CA GLN B 491 8.70 26.02 13.30
C GLN B 491 10.01 25.53 13.85
N LYS B 492 10.11 25.45 15.18
CA LYS B 492 11.35 25.03 15.79
C LYS B 492 11.56 23.58 15.42
N SER B 493 12.80 23.22 15.11
CA SER B 493 13.07 21.88 14.58
C SER B 493 13.03 20.83 15.70
N PHE B 494 11.82 20.50 16.11
CA PHE B 494 11.57 19.73 17.31
C PHE B 494 11.82 18.27 17.12
N GLY B 495 11.66 17.81 15.87
CA GLY B 495 11.79 16.40 15.53
C GLY B 495 10.97 16.12 14.30
N ARG B 496 11.42 15.17 13.49
CA ARG B 496 10.75 14.89 12.24
C ARG B 496 9.89 13.61 12.33
N PRO B 497 8.76 13.55 11.62
CA PRO B 497 7.89 12.35 11.66
C PRO B 497 8.48 11.09 10.99
N ASP B 498 9.48 11.31 10.13
CA ASP B 498 10.11 10.27 9.27
C ASP B 498 10.34 8.90 9.92
N SER B 499 11.05 8.89 11.06
CA SER B 499 11.36 7.67 11.82
C SER B 499 11.39 7.95 13.34
N ASP B 500 11.57 6.89 14.13
CA ASP B 500 11.73 7.00 15.57
C ASP B 500 12.97 7.79 15.95
N LYS B 501 14.09 7.50 15.29
CA LYS B 501 15.31 8.31 15.46
C LYS B 501 15.09 9.80 15.10
N ALA B 502 14.22 10.04 14.13
CA ALA B 502 13.90 11.39 13.67
C ALA B 502 13.02 12.16 14.68
N GLN B 503 11.98 11.51 15.18
CA GLN B 503 11.05 12.11 16.12
C GLN B 503 11.71 12.40 17.45
N TYR B 504 12.66 11.56 17.82
CA TYR B 504 13.30 11.61 19.14
C TYR B 504 14.75 12.06 19.11
N GLY B 505 15.07 12.93 18.16
CA GLY B 505 16.44 13.33 17.90
C GLY B 505 16.97 14.07 19.10
N ILE B 506 16.12 14.88 19.74
CA ILE B 506 16.54 15.64 20.92
C ILE B 506 16.94 14.72 22.08
N PRO B 507 16.08 13.75 22.46
CA PRO B 507 16.58 12.93 23.56
C PRO B 507 17.85 12.13 23.19
N ILE B 508 17.82 11.48 22.02
CA ILE B 508 18.87 10.58 21.54
C ILE B 508 20.21 11.28 21.47
N HIS B 509 20.24 12.46 20.86
CA HIS B 509 21.49 13.17 20.69
C HIS B 509 21.95 13.70 22.05
N THR B 510 21.01 14.15 22.87
CA THR B 510 21.31 14.75 24.15
C THR B 510 21.80 13.67 25.14
N LEU B 511 21.16 12.50 25.12
CA LEU B 511 21.63 11.39 25.93
C LEU B 511 23.10 11.04 25.60
N GLY B 512 23.55 11.27 24.37
CA GLY B 512 24.93 11.00 23.97
C GLY B 512 25.92 12.02 24.54
N ARG B 513 25.41 13.12 25.06
CA ARG B 513 26.27 14.13 25.62
C ARG B 513 26.43 13.89 27.11
N PRO B 514 27.52 14.43 27.68
CA PRO B 514 27.76 14.46 29.11
C PRO B 514 26.88 15.48 29.85
N SER B 515 26.33 15.08 31.00
CA SER B 515 25.58 15.98 31.90
C SER B 515 26.25 17.31 32.12
N GLU B 516 27.54 17.27 32.47
CA GLU B 516 28.33 18.44 32.79
C GLU B 516 28.34 19.45 31.64
N GLY B 517 28.02 20.70 32.00
CA GLY B 517 27.88 21.78 31.03
C GLY B 517 26.67 21.68 30.11
N VAL B 518 25.72 20.78 30.40
CA VAL B 518 24.54 20.61 29.54
C VAL B 518 23.26 20.41 30.36
N PRO B 519 22.56 21.52 30.67
CA PRO B 519 21.35 21.59 31.51
C PRO B 519 20.17 20.70 31.07
N THR B 520 19.90 20.63 29.78
CA THR B 520 18.83 19.80 29.31
C THR B 520 19.15 18.35 29.65
N ARG B 521 20.42 17.97 29.45
CA ARG B 521 20.91 16.63 29.81
C ARG B 521 20.79 16.35 31.32
N GLN B 522 21.10 17.34 32.13
CA GLN B 522 20.88 17.22 33.57
C GLN B 522 19.42 16.94 33.93
N ALA B 523 18.49 17.71 33.34
CA ALA B 523 17.04 17.48 33.58
C ALA B 523 16.61 16.08 33.15
N PHE B 524 17.15 15.66 32.02
CA PHE B 524 16.93 14.34 31.48
C PHE B 524 17.46 13.26 32.44
N SER B 525 18.71 13.42 32.87
CA SER B 525 19.32 12.54 33.89
C SER B 525 18.52 12.44 35.18
N LYS B 526 18.04 13.59 35.64
CA LYS B 526 17.21 13.68 36.82
C LYS B 526 15.91 12.85 36.75
N LEU B 527 15.24 12.79 35.59
CA LEU B 527 13.94 12.07 35.47
C LEU B 527 14.13 10.57 35.40
N LEU B 528 15.25 10.19 34.80
CA LEU B 528 15.56 8.78 34.63
C LEU B 528 15.94 8.13 35.97
N LYS B 529 16.81 8.81 36.73
CA LYS B 529 17.13 8.44 38.11
C LYS B 529 15.86 8.29 38.95
N ALA B 530 15.01 9.33 38.94
CA ALA B 530 13.68 9.30 39.56
C ALA B 530 12.70 8.21 39.02
N LYS B 531 12.81 7.81 37.75
CA LYS B 531 11.94 6.75 37.25
C LYS B 531 12.49 5.36 37.59
N TYR B 532 13.80 5.21 37.49
CA TYR B 532 14.37 3.86 37.56
C TYR B 532 15.02 3.50 38.91
N LYS B 533 15.48 4.53 39.62
CA LYS B 533 16.15 4.36 40.93
C LYS B 533 17.57 3.83 40.70
N THR B 534 17.67 2.56 40.34
CA THR B 534 18.97 1.91 40.13
C THR B 534 19.38 1.89 38.67
N ILE B 535 20.69 1.96 38.43
CA ILE B 535 21.24 1.82 37.08
C ILE B 535 20.90 0.46 36.47
N ALA B 536 20.70 -0.51 37.35
CA ALA B 536 20.31 -1.84 36.97
C ALA B 536 18.93 -1.85 36.30
N ALA B 537 17.97 -1.11 36.86
CA ALA B 537 16.63 -1.05 36.25
C ALA B 537 16.72 -0.43 34.85
N LEU B 538 17.47 0.66 34.71
CA LEU B 538 17.64 1.33 33.44
C LEU B 538 18.24 0.35 32.43
N ASN B 539 19.32 -0.33 32.84
CA ASN B 539 19.92 -1.43 32.08
C ASN B 539 18.89 -2.45 31.56
N ASN B 540 18.06 -2.96 32.47
N ASN B 540 18.05 -2.99 32.45
CA ASN B 540 17.00 -3.92 32.14
CA ASN B 540 17.01 -3.94 32.05
C ASN B 540 15.96 -3.37 31.14
C ASN B 540 16.02 -3.35 31.05
N ALA B 541 15.72 -2.06 31.22
CA ALA B 541 14.72 -1.38 30.38
C ALA B 541 15.25 -1.10 28.99
N TRP B 542 16.49 -0.62 28.92
CA TRP B 542 17.13 -0.18 27.67
C TRP B 542 18.05 -1.23 27.05
N GLY B 543 18.23 -2.36 27.73
CA GLY B 543 19.11 -3.44 27.23
C GLY B 543 20.59 -3.12 27.28
N LEU B 544 20.96 -2.19 28.15
CA LEU B 544 22.35 -1.79 28.28
C LEU B 544 23.05 -2.51 29.43
N LYS B 545 24.29 -2.13 29.69
CA LYS B 545 25.11 -2.79 30.70
C LYS B 545 26.03 -1.78 31.37
N LEU B 546 25.50 -0.60 31.70
CA LEU B 546 26.28 0.50 32.30
C LEU B 546 26.67 0.17 33.75
N SER B 547 27.84 0.65 34.19
CA SER B 547 28.34 0.37 35.55
C SER B 547 27.64 1.21 36.65
N SER B 548 27.27 2.44 36.33
CA SER B 548 26.80 3.39 37.33
C SER B 548 26.00 4.55 36.72
N TRP B 549 25.26 5.24 37.58
CA TRP B 549 24.62 6.49 37.19
C TRP B 549 25.67 7.49 36.73
N ALA B 550 26.88 7.35 37.27
CA ALA B 550 27.97 8.25 36.92
C ALA B 550 28.55 8.00 35.53
N GLU B 551 28.64 6.74 35.14
CA GLU B 551 29.04 6.38 33.78
C GLU B 551 27.95 6.88 32.84
N PHE B 552 26.71 6.55 33.16
CA PHE B 552 25.58 7.11 32.41
C PHE B 552 25.81 8.61 32.10
N ASP B 553 26.16 9.38 33.12
CA ASP B 553 26.26 10.84 32.98
C ASP B 553 27.51 11.35 32.28
N LEU B 554 28.32 10.43 31.79
CA LEU B 554 29.39 10.77 30.86
C LEU B 554 28.83 10.89 29.45
N GLY B 555 27.76 10.16 29.19
CA GLY B 555 27.11 10.12 27.88
C GLY B 555 27.08 8.68 27.40
N VAL B 556 25.91 8.26 26.92
CA VAL B 556 25.74 6.94 26.33
C VAL B 556 25.16 7.06 24.92
N ASP B 557 25.78 6.37 23.96
CA ASP B 557 25.29 6.37 22.59
C ASP B 557 24.10 5.41 22.49
N VAL B 558 22.90 5.94 22.19
CA VAL B 558 21.71 5.05 22.14
C VAL B 558 21.20 4.85 20.70
N LYS B 559 21.92 5.43 19.76
CA LYS B 559 21.52 5.43 18.35
C LYS B 559 21.25 4.04 17.78
N ALA B 560 22.00 3.04 18.21
CA ALA B 560 21.82 1.69 17.68
C ALA B 560 20.80 0.87 18.48
N LEU B 561 20.26 1.43 19.54
CA LEU B 561 19.34 0.68 20.38
C LEU B 561 17.98 0.52 19.68
N PRO B 562 17.41 -0.69 19.74
CA PRO B 562 16.07 -0.88 19.17
C PRO B 562 15.02 -0.20 20.05
N VAL B 563 14.24 0.68 19.43
CA VAL B 563 13.24 1.47 20.12
C VAL B 563 12.03 0.58 20.43
N THR B 564 12.09 -0.10 21.58
CA THR B 564 11.00 -0.96 22.03
C THR B 564 9.93 -0.05 22.62
N ASP B 565 8.82 -0.64 23.04
CA ASP B 565 7.83 0.17 23.73
C ASP B 565 8.41 0.86 24.98
N THR B 566 9.30 0.17 25.69
CA THR B 566 9.89 0.68 26.92
C THR B 566 10.71 1.95 26.69
N LEU B 567 11.68 1.83 25.79
CA LEU B 567 12.59 2.91 25.44
C LEU B 567 11.82 4.10 24.83
N ARG B 568 10.73 3.81 24.15
CA ARG B 568 9.88 4.82 23.51
C ARG B 568 9.24 5.68 24.62
N ALA B 569 8.72 5.00 25.63
CA ALA B 569 8.12 5.66 26.78
C ALA B 569 9.09 6.64 27.46
N ASP B 570 10.41 6.36 27.48
CA ASP B 570 11.40 7.31 28.08
C ASP B 570 11.80 8.45 27.13
N TYR B 571 12.12 8.13 25.89
CA TYR B 571 12.32 9.14 24.84
C TYR B 571 11.18 10.18 24.83
N SER B 572 9.96 9.67 24.94
CA SER B 572 8.72 10.44 24.93
C SER B 572 8.61 11.27 26.21
N MET B 573 9.00 10.67 27.33
CA MET B 573 9.02 11.36 28.61
C MET B 573 10.04 12.50 28.58
N LEU B 574 11.15 12.30 27.89
CA LEU B 574 12.16 13.35 27.79
C LEU B 574 11.75 14.38 26.76
N LEU B 575 11.20 13.92 25.62
CA LEU B 575 10.75 14.91 24.64
C LEU B 575 9.73 15.85 25.34
N SER B 576 8.79 15.26 26.08
CA SER B 576 7.76 16.01 26.79
C SER B 576 8.30 17.01 27.80
N ALA B 577 9.35 16.64 28.51
CA ALA B 577 9.91 17.57 29.48
C ALA B 577 10.65 18.70 28.79
N TYR B 578 11.31 18.40 27.68
CA TYR B 578 11.94 19.45 26.89
C TYR B 578 10.87 20.47 26.43
N ALA B 579 9.80 19.97 25.80
CA ALA B 579 8.72 20.82 25.26
C ALA B 579 7.95 21.62 26.33
N ASP B 580 7.65 20.99 27.47
CA ASP B 580 7.05 21.63 28.65
C ASP B 580 7.87 22.80 29.16
N GLN B 581 9.18 22.65 29.15
CA GLN B 581 10.07 23.69 29.66
C GLN B 581 10.17 24.89 28.68
N TYR B 582 10.19 24.59 27.38
CA TYR B 582 10.18 25.61 26.36
C TYR B 582 8.93 26.49 26.46
N PHE B 583 7.75 25.84 26.52
CA PHE B 583 6.45 26.50 26.51
C PHE B 583 6.13 27.11 27.86
N LYS B 584 6.65 26.50 28.92
CA LYS B 584 6.54 27.08 30.27
C LYS B 584 7.26 28.42 30.30
N VAL B 585 8.49 28.45 29.80
CA VAL B 585 9.31 29.64 29.89
C VAL B 585 8.77 30.78 29.01
N VAL B 586 8.46 30.49 27.75
CA VAL B 586 7.87 31.48 26.85
C VAL B 586 6.54 32.04 27.34
N HIS B 587 5.59 31.18 27.69
CA HIS B 587 4.29 31.60 28.25
C HIS B 587 4.49 32.51 29.50
N GLY B 588 5.35 32.07 30.42
CA GLY B 588 5.67 32.82 31.61
C GLY B 588 6.16 34.19 31.22
N ALA B 589 7.03 34.24 30.21
CA ALA B 589 7.55 35.53 29.69
C ALA B 589 6.47 36.45 29.11
N VAL B 590 5.65 35.93 28.18
CA VAL B 590 4.56 36.67 27.55
C VAL B 590 3.50 37.09 28.56
N GLU B 591 3.14 36.19 29.48
CA GLU B 591 2.17 36.47 30.53
C GLU B 591 2.63 37.62 31.42
N HIS B 592 3.92 37.62 31.75
CA HIS B 592 4.52 38.67 32.58
C HIS B 592 4.39 40.07 31.98
N TYR B 593 4.72 40.24 30.70
CA TYR B 593 4.64 41.60 30.10
C TYR B 593 3.29 41.95 29.48
N MET B 594 2.53 40.93 29.09
CA MET B 594 1.28 41.14 28.43
C MET B 594 0.20 40.22 28.99
N PRO B 595 -0.18 40.43 30.27
CA PRO B 595 -1.15 39.57 30.99
C PRO B 595 -2.54 39.41 30.30
N ASN B 596 -2.89 40.35 29.45
CA ASN B 596 -4.22 40.29 28.84
C ASN B 596 -4.29 39.54 27.51
N HIS B 597 -3.14 39.25 26.92
CA HIS B 597 -3.12 38.82 25.54
C HIS B 597 -2.90 37.35 25.37
N LEU B 598 -3.57 36.79 24.38
CA LEU B 598 -3.45 35.39 24.05
C LEU B 598 -2.03 35.06 23.58
N TYR B 599 -1.50 33.93 24.07
CA TYR B 599 -0.22 33.44 23.60
C TYR B 599 -0.54 32.38 22.59
N LEU B 600 -0.04 32.55 21.37
CA LEU B 600 -0.46 31.70 20.27
C LEU B 600 0.48 30.56 19.86
N GLY B 601 1.48 30.28 20.70
CA GLY B 601 2.36 29.14 20.45
C GLY B 601 3.49 29.48 19.50
N ALA B 602 3.95 28.46 18.80
CA ALA B 602 5.21 28.47 18.11
C ALA B 602 5.08 27.98 16.66
N ARG B 603 3.85 27.74 16.19
CA ARG B 603 3.60 27.45 14.75
C ARG B 603 4.35 26.21 14.27
N PHE B 604 3.78 25.04 14.60
CA PHE B 604 4.30 23.71 14.22
C PHE B 604 4.03 23.43 12.74
N PRO B 605 5.06 22.97 12.00
CA PRO B 605 4.81 22.54 10.61
C PRO B 605 4.49 21.06 10.59
N ASP B 606 4.04 20.53 9.44
CA ASP B 606 3.76 19.10 9.27
C ASP B 606 4.94 18.21 9.63
N TRP B 607 6.14 18.74 9.45
CA TRP B 607 7.36 18.02 9.80
C TRP B 607 7.89 18.31 11.20
N GLY B 608 7.15 19.09 11.98
CA GLY B 608 7.70 19.48 13.28
C GLY B 608 6.65 19.48 14.36
N MET B 609 5.77 18.48 14.34
CA MET B 609 4.66 18.44 15.28
C MET B 609 4.47 17.08 15.95
N PRO B 610 5.53 16.56 16.58
CA PRO B 610 5.39 15.32 17.34
C PRO B 610 4.38 15.49 18.45
N MET B 611 3.61 14.43 18.73
CA MET B 611 2.51 14.52 19.67
C MET B 611 2.91 15.06 21.05
N GLU B 612 4.08 14.67 21.53
CA GLU B 612 4.56 15.24 22.81
C GLU B 612 4.72 16.77 22.81
N VAL B 613 5.16 17.33 21.69
CA VAL B 613 5.36 18.78 21.59
C VAL B 613 4.01 19.48 21.47
N VAL B 614 3.14 18.95 20.63
CA VAL B 614 1.78 19.45 20.51
C VAL B 614 1.05 19.54 21.87
N LYS B 615 1.11 18.44 22.62
CA LYS B 615 0.54 18.32 23.98
C LYS B 615 1.08 19.36 24.95
N ALA B 616 2.39 19.58 24.93
CA ALA B 616 3.01 20.60 25.75
C ALA B 616 2.55 22.04 25.37
N ALA B 617 2.34 22.28 24.07
CA ALA B 617 1.83 23.55 23.60
C ALA B 617 0.41 23.74 24.10
N ALA B 618 -0.41 22.69 24.04
CA ALA B 618 -1.82 22.74 24.49
C ALA B 618 -2.00 23.12 25.96
N LYS B 619 -1.00 22.80 26.76
CA LYS B 619 -1.04 23.11 28.17
C LYS B 619 -0.80 24.60 28.38
N TYR B 620 0.13 25.19 27.64
CA TYR B 620 0.57 26.54 27.93
C TYR B 620 0.07 27.64 26.97
N ALA B 621 -0.12 27.27 25.70
CA ALA B 621 -0.68 28.17 24.69
C ALA B 621 -2.19 28.34 24.86
N ASP B 622 -2.66 29.58 24.77
CA ASP B 622 -4.09 29.84 24.67
C ASP B 622 -4.66 29.36 23.35
N VAL B 623 -3.86 29.44 22.29
CA VAL B 623 -4.25 28.91 20.98
C VAL B 623 -3.03 28.16 20.40
N VAL B 624 -3.24 26.92 20.00
CA VAL B 624 -2.16 26.15 19.38
C VAL B 624 -2.07 26.47 17.90
N SER B 625 -0.91 26.94 17.45
CA SER B 625 -0.69 27.33 16.05
C SER B 625 0.02 26.26 15.22
N TYR B 626 -0.45 26.09 13.98
CA TYR B 626 0.12 25.11 13.07
C TYR B 626 0.24 25.78 11.70
N ASN B 627 1.33 25.50 10.99
CA ASN B 627 1.50 25.83 9.58
C ASN B 627 1.23 24.60 8.79
N SER B 628 0.46 24.70 7.73
CA SER B 628 0.16 23.47 6.98
C SER B 628 0.07 23.72 5.49
N TYR B 629 1.17 23.44 4.80
CA TYR B 629 1.25 23.69 3.38
C TYR B 629 0.74 22.48 2.61
N LYS B 630 -0.57 22.46 2.45
CA LYS B 630 -1.26 21.31 1.89
C LYS B 630 -2.46 21.81 1.10
N GLU B 631 -3.18 20.92 0.42
CA GLU B 631 -4.35 21.41 -0.29
C GLU B 631 -5.54 21.66 0.61
N GLY B 632 -5.39 21.28 1.86
CA GLY B 632 -6.42 21.41 2.88
C GLY B 632 -6.05 20.69 4.17
N LEU B 633 -7.02 20.54 5.06
CA LEU B 633 -6.82 19.85 6.32
C LEU B 633 -7.61 18.56 6.24
N PRO B 634 -6.95 17.46 5.86
CA PRO B 634 -7.66 16.18 5.72
C PRO B 634 -8.18 15.65 7.07
N LYS B 635 -9.46 15.29 7.11
CA LYS B 635 -10.11 14.78 8.33
C LYS B 635 -9.20 13.95 9.22
N GLN B 636 -8.56 12.95 8.63
CA GLN B 636 -7.77 11.98 9.41
C GLN B 636 -6.42 12.49 9.92
N LYS B 637 -5.71 13.27 9.09
CA LYS B 637 -4.51 13.98 9.53
C LYS B 637 -4.73 14.79 10.81
N TRP B 638 -5.91 15.38 10.96
CA TRP B 638 -6.22 16.28 12.07
C TRP B 638 -7.18 15.72 13.15
N ALA B 639 -7.46 14.40 13.12
CA ALA B 639 -8.41 13.78 14.10
C ALA B 639 -7.94 13.95 15.54
N PHE B 640 -6.62 13.95 15.72
CA PHE B 640 -5.98 14.15 17.01
C PHE B 640 -6.44 15.43 17.69
N LEU B 641 -6.97 16.37 16.92
CA LEU B 641 -7.49 17.62 17.48
C LEU B 641 -8.55 17.38 18.56
N ALA B 642 -9.36 16.32 18.38
CA ALA B 642 -10.44 15.98 19.35
C ALA B 642 -9.93 15.76 20.78
N GLU B 643 -8.93 14.90 20.93
CA GLU B 643 -8.34 14.64 22.23
C GLU B 643 -7.90 15.96 22.95
N LEU B 644 -7.27 16.90 22.24
CA LEU B 644 -6.72 18.10 22.90
C LEU B 644 -7.79 19.13 23.25
N ASP B 645 -8.81 19.25 22.39
CA ASP B 645 -9.87 20.23 22.60
C ASP B 645 -9.34 21.68 22.84
N LYS B 646 -8.33 22.08 22.08
CA LYS B 646 -7.83 23.45 22.11
C LYS B 646 -8.23 24.15 20.83
N PRO B 647 -8.56 25.44 20.98
CA PRO B 647 -8.59 26.34 19.84
C PRO B 647 -7.21 26.37 19.17
N SER B 648 -7.21 26.29 17.84
CA SER B 648 -6.01 26.13 17.04
C SER B 648 -6.10 27.16 15.92
N ILE B 649 -4.95 27.56 15.39
CA ILE B 649 -4.91 28.48 14.24
C ILE B 649 -3.87 28.06 13.19
N ILE B 650 -4.23 28.15 11.90
CA ILE B 650 -3.25 27.96 10.84
C ILE B 650 -2.54 29.30 10.65
N GLY B 651 -1.21 29.29 10.79
CA GLY B 651 -0.41 30.48 10.62
C GLY B 651 0.03 30.69 9.19
N GLU B 652 0.05 29.66 8.36
CA GLU B 652 0.54 29.81 6.99
C GLU B 652 0.04 28.69 6.11
N PHE B 653 -0.36 29.05 4.89
CA PHE B 653 -0.59 28.11 3.77
C PHE B 653 -0.56 29.03 2.56
N HIS B 654 -0.46 28.47 1.36
CA HIS B 654 -0.57 29.25 0.15
C HIS B 654 -0.75 28.33 -1.04
N ILE B 655 -1.04 28.92 -2.18
CA ILE B 655 -1.10 28.18 -3.45
C ILE B 655 -0.58 29.12 -4.52
N GLY B 656 0.32 28.63 -5.35
CA GLY B 656 0.93 29.44 -6.40
C GLY B 656 0.75 28.83 -7.78
N ALA B 657 1.07 29.61 -8.80
CA ALA B 657 0.99 29.13 -10.17
C ALA B 657 2.11 29.78 -10.98
N MET B 658 2.25 29.34 -12.23
CA MET B 658 3.33 29.86 -13.05
C MET B 658 2.88 30.57 -14.33
N ASP B 659 1.73 31.24 -14.27
CA ASP B 659 1.17 31.94 -15.43
C ASP B 659 1.33 33.44 -15.33
N HIS B 660 2.06 33.88 -14.31
CA HIS B 660 2.26 35.28 -14.10
C HIS B 660 3.74 35.52 -14.01
N GLY B 661 4.52 34.68 -14.71
CA GLY B 661 5.95 34.92 -14.87
C GLY B 661 6.91 34.31 -13.85
N SER B 662 6.38 33.63 -12.83
CA SER B 662 7.27 33.04 -11.79
C SER B 662 7.85 31.67 -12.22
N TYR B 663 9.05 31.40 -11.70
CA TYR B 663 9.81 30.19 -12.03
C TYR B 663 9.42 29.09 -11.07
N HIS B 664 8.74 29.50 -10.01
CA HIS B 664 8.37 28.61 -8.95
C HIS B 664 7.04 29.05 -8.34
N PRO B 665 6.00 28.18 -8.43
CA PRO B 665 4.69 28.42 -7.81
C PRO B 665 4.77 28.60 -6.26
N GLY B 666 5.58 27.77 -5.60
CA GLY B 666 5.59 27.73 -4.13
C GLY B 666 5.45 26.30 -3.68
N LEU B 667 4.93 26.07 -2.49
CA LEU B 667 4.83 24.72 -1.93
C LEU B 667 3.64 23.92 -2.48
N ILE B 668 2.55 24.62 -2.78
CA ILE B 668 1.37 23.97 -3.33
C ILE B 668 1.02 24.68 -4.65
N HIS B 669 0.73 23.90 -5.70
CA HIS B 669 0.69 24.42 -7.07
C HIS B 669 -0.69 24.30 -7.72
N ALA B 670 -1.06 25.33 -8.48
CA ALA B 670 -2.30 25.41 -9.24
C ALA B 670 -2.05 25.58 -10.76
N ALA B 671 -3.08 25.38 -11.56
CA ALA B 671 -2.90 25.40 -13.04
C ALA B 671 -2.85 26.82 -13.59
N SER B 672 -3.33 27.76 -12.79
CA SER B 672 -3.56 29.12 -13.24
C SER B 672 -3.96 30.00 -12.07
N GLN B 673 -4.06 31.29 -12.32
CA GLN B 673 -4.59 32.22 -11.31
C GLN B 673 -5.97 31.84 -10.92
N ALA B 674 -6.83 31.53 -11.89
CA ALA B 674 -8.19 31.08 -11.58
C ALA B 674 -8.21 29.86 -10.68
N ASP B 675 -7.39 28.87 -10.98
CA ASP B 675 -7.32 27.65 -10.20
C ASP B 675 -6.70 27.94 -8.82
N ARG B 676 -5.78 28.91 -8.73
CA ARG B 676 -5.24 29.29 -7.42
C ARG B 676 -6.42 29.60 -6.53
N GLY B 677 -7.30 30.50 -7.02
CA GLY B 677 -8.37 31.05 -6.19
C GLY B 677 -9.33 29.97 -5.71
N GLU B 678 -9.53 29.00 -6.58
CA GLU B 678 -10.39 27.88 -6.26
C GLU B 678 -9.77 26.98 -5.18
N MET B 679 -8.44 26.85 -5.18
CA MET B 679 -7.74 25.96 -4.22
C MET B 679 -7.68 26.63 -2.86
N TYR B 680 -7.59 27.95 -2.91
CA TYR B 680 -7.77 28.82 -1.76
C TYR B 680 -9.12 28.55 -1.04
N LYS B 681 -10.21 28.70 -1.77
CA LYS B 681 -11.54 28.34 -1.24
C LYS B 681 -11.69 26.92 -0.63
N ASP B 682 -11.08 25.94 -1.29
CA ASP B 682 -11.10 24.54 -0.81
C ASP B 682 -10.31 24.43 0.49
N TYR B 683 -9.17 25.10 0.54
CA TYR B 683 -8.37 25.12 1.73
C TYR B 683 -9.17 25.78 2.85
N MET B 684 -9.57 27.04 2.65
CA MET B 684 -10.33 27.77 3.65
C MET B 684 -11.62 27.09 4.04
N GLN B 685 -12.20 26.26 3.17
CA GLN B 685 -13.43 25.57 3.53
C GLN B 685 -13.14 24.51 4.56
N SER B 686 -12.05 23.76 4.38
CA SER B 686 -11.76 22.70 5.34
C SER B 686 -11.39 23.25 6.71
N VAL B 687 -10.69 24.38 6.75
CA VAL B 687 -10.43 25.07 8.01
C VAL B 687 -11.77 25.43 8.66
N ILE B 688 -12.63 26.07 7.89
CA ILE B 688 -13.91 26.56 8.41
C ILE B 688 -14.81 25.44 8.92
N ASP B 689 -14.85 24.33 8.20
CA ASP B 689 -15.58 23.12 8.62
C ASP B 689 -15.01 22.47 9.85
N ASN B 690 -13.77 22.81 10.21
CA ASN B 690 -13.12 22.22 11.37
C ASN B 690 -13.39 22.97 12.69
N PRO B 691 -14.11 22.31 13.61
CA PRO B 691 -14.54 22.95 14.85
C PRO B 691 -13.37 23.39 15.73
N TYR B 692 -12.16 22.94 15.49
CA TYR B 692 -11.10 23.38 16.38
C TYR B 692 -10.39 24.66 15.95
N PHE B 693 -10.62 25.09 14.71
CA PHE B 693 -9.84 26.19 14.18
C PHE B 693 -10.52 27.55 14.30
N VAL B 694 -9.77 28.54 14.78
CA VAL B 694 -10.34 29.86 14.98
C VAL B 694 -9.80 30.87 13.95
N GLY B 695 -9.09 30.34 12.96
CA GLY B 695 -8.47 31.23 11.99
C GLY B 695 -7.52 30.51 11.06
N ALA B 696 -7.13 31.19 10.00
CA ALA B 696 -6.03 30.76 9.16
C ALA B 696 -5.43 31.97 8.41
N HIS B 697 -4.11 32.05 8.47
CA HIS B 697 -3.36 33.08 7.75
C HIS B 697 -2.63 32.50 6.54
N TRP B 698 -2.70 33.26 5.45
CA TRP B 698 -2.07 32.96 4.17
C TRP B 698 -0.66 33.58 4.08
N PHE B 699 0.28 32.75 3.66
CA PHE B 699 1.66 33.19 3.49
C PHE B 699 1.91 33.32 1.98
N GLN B 700 1.97 34.53 1.42
CA GLN B 700 2.10 35.79 2.14
C GLN B 700 1.49 36.95 1.36
N TYR B 701 1.70 38.18 1.83
CA TYR B 701 1.13 39.41 1.19
C TYR B 701 1.62 39.65 -0.24
N MET B 702 2.92 39.61 -0.47
CA MET B 702 3.41 39.79 -1.84
C MET B 702 4.16 38.57 -2.37
N ASP B 703 4.30 38.46 -3.69
CA ASP B 703 5.21 37.49 -4.25
C ASP B 703 6.60 37.63 -3.64
N SER B 704 7.31 36.52 -3.48
CA SER B 704 8.72 36.63 -3.17
C SER B 704 9.42 37.00 -4.48
N PRO B 705 10.61 37.61 -4.41
CA PRO B 705 11.32 38.09 -5.60
C PRO B 705 11.46 37.03 -6.70
N LEU B 706 11.46 37.44 -7.95
CA LEU B 706 11.58 36.49 -9.04
C LEU B 706 12.87 35.65 -8.88
N THR B 707 13.93 36.31 -8.45
CA THR B 707 15.22 35.68 -8.28
C THR B 707 15.51 35.32 -6.82
N GLY B 708 14.46 35.06 -6.03
CA GLY B 708 14.64 34.60 -4.65
C GLY B 708 14.85 35.67 -3.59
N ARG B 709 14.21 35.50 -2.43
CA ARG B 709 14.39 36.45 -1.29
C ARG B 709 15.80 36.29 -0.74
N ALA B 710 16.45 37.40 -0.40
CA ALA B 710 17.87 37.41 0.07
C ALA B 710 18.19 36.31 1.11
N TYR B 711 17.20 35.95 1.90
CA TYR B 711 17.39 35.00 3.00
C TYR B 711 17.85 33.63 2.57
N ASP B 712 16.99 32.96 1.79
CA ASP B 712 17.16 31.57 1.46
C ASP B 712 16.77 31.27 0.03
N GLY B 713 16.46 32.30 -0.75
CA GLY B 713 16.19 32.10 -2.17
C GLY B 713 14.82 31.57 -2.60
N GLU B 714 13.81 31.64 -1.73
CA GLU B 714 12.44 31.35 -2.14
C GLU B 714 12.01 32.35 -3.19
N ASN B 715 11.46 31.86 -4.30
CA ASN B 715 11.08 32.74 -5.44
C ASN B 715 9.67 32.51 -5.94
N TYR B 716 8.72 32.56 -5.02
CA TYR B 716 7.39 32.03 -5.29
C TYR B 716 6.28 33.04 -5.65
N ASN B 717 5.29 32.52 -6.40
CA ASN B 717 4.04 33.21 -6.62
C ASN B 717 3.16 32.94 -5.41
N VAL B 718 3.47 33.53 -4.28
CA VAL B 718 2.60 33.32 -3.12
C VAL B 718 1.92 34.59 -2.57
N GLY B 719 1.91 35.64 -3.38
CA GLY B 719 1.35 36.89 -2.96
C GLY B 719 -0.13 37.08 -3.26
N PHE B 720 -0.72 38.01 -2.53
CA PHE B 720 -2.00 38.53 -2.94
C PHE B 720 -1.76 39.70 -3.90
N VAL B 721 -0.50 40.15 -3.92
CA VAL B 721 -0.03 41.11 -4.91
C VAL B 721 1.32 40.68 -5.45
N ASP B 722 1.59 41.14 -6.65
CA ASP B 722 2.84 40.88 -7.36
C ASP B 722 3.83 42.02 -7.13
N VAL B 723 5.03 41.87 -7.69
CA VAL B 723 6.14 42.80 -7.43
C VAL B 723 5.80 44.25 -7.75
N THR B 724 4.83 44.47 -8.62
CA THR B 724 4.41 45.82 -8.99
C THR B 724 3.34 46.40 -8.03
N ASP B 725 3.00 45.61 -7.01
CA ASP B 725 1.98 45.91 -6.01
C ASP B 725 0.57 45.94 -6.61
N THR B 726 0.38 45.21 -7.70
CA THR B 726 -0.94 45.09 -8.27
C THR B 726 -1.57 43.80 -7.73
N PRO B 727 -2.75 43.90 -7.11
CA PRO B 727 -3.43 42.70 -6.57
C PRO B 727 -3.72 41.66 -7.65
N TYR B 728 -3.70 40.39 -7.27
CA TYR B 728 -4.12 39.30 -8.11
C TYR B 728 -5.63 39.13 -7.92
N GLN B 729 -6.40 39.44 -8.96
CA GLN B 729 -7.84 39.68 -8.79
C GLN B 729 -8.58 38.41 -8.46
N GLU B 730 -8.12 37.31 -9.03
CA GLU B 730 -8.66 35.99 -8.77
C GLU B 730 -8.53 35.61 -7.30
N MET B 731 -7.41 35.98 -6.67
CA MET B 731 -7.22 35.77 -5.23
C MET B 731 -8.12 36.70 -4.40
N VAL B 732 -8.18 37.94 -4.82
CA VAL B 732 -9.02 38.94 -4.17
C VAL B 732 -10.48 38.49 -4.15
N ASP B 733 -10.97 38.03 -5.29
CA ASP B 733 -12.38 37.69 -5.41
C ASP B 733 -12.69 36.44 -4.56
N ALA B 734 -11.78 35.47 -4.57
CA ALA B 734 -11.89 34.28 -3.75
C ALA B 734 -11.86 34.63 -2.25
N ALA B 735 -10.89 35.41 -1.82
CA ALA B 735 -10.96 35.91 -0.45
C ALA B 735 -12.31 36.62 -0.14
N LYS B 736 -12.87 37.37 -1.07
CA LYS B 736 -14.16 38.02 -0.74
C LYS B 736 -15.25 36.95 -0.58
N GLU B 737 -15.16 35.88 -1.38
CA GLU B 737 -16.16 34.83 -1.24
C GLU B 737 -16.06 34.18 0.14
N VAL B 738 -14.84 33.88 0.59
CA VAL B 738 -14.67 33.18 1.86
C VAL B 738 -15.07 34.05 3.03
N ASN B 739 -14.53 35.26 3.06
CA ASN B 739 -14.77 36.21 4.17
C ASN B 739 -16.20 36.69 4.33
N ALA B 740 -16.98 36.61 3.26
CA ALA B 740 -18.39 37.01 3.30
C ALA B 740 -19.20 35.94 4.01
N LYS B 741 -18.61 34.76 4.22
CA LYS B 741 -19.36 33.66 4.82
C LYS B 741 -18.69 32.97 6.00
N ILE B 742 -17.53 33.45 6.43
CA ILE B 742 -16.83 32.79 7.53
C ILE B 742 -17.77 32.72 8.73
N TYR B 743 -18.48 33.81 9.03
CA TYR B 743 -19.37 33.82 10.22
C TYR B 743 -20.67 32.98 10.08
N THR B 744 -21.41 33.17 9.00
CA THR B 744 -22.64 32.39 8.83
C THR B 744 -22.29 30.88 8.88
N GLU B 745 -21.09 30.55 8.41
CA GLU B 745 -20.58 29.20 8.48
C GLU B 745 -20.15 28.79 9.87
N ARG B 746 -19.35 29.63 10.53
CA ARG B 746 -18.90 29.22 11.86
C ARG B 746 -20.08 29.08 12.79
N LEU B 747 -21.04 29.98 12.65
CA LEU B 747 -22.14 30.08 13.60
C LEU B 747 -23.41 29.27 13.28
N GLY B 748 -23.54 28.84 12.03
CA GLY B 748 -24.69 28.03 11.60
C GLY B 748 -25.88 28.83 11.09
N SER B 749 -25.66 30.01 10.54
CA SER B 749 -26.72 30.79 9.86
C SER B 749 -26.84 30.52 8.33
N LYS B 750 -25.89 29.77 7.76
CA LYS B 750 -25.85 29.49 6.30
C LYS B 750 -27.15 28.89 5.77
#